data_4NG2
#
_entry.id   4NG2
#
_cell.length_a   163.507
_cell.length_b   185.887
_cell.length_c   56.106
_cell.angle_alpha   90.00
_cell.angle_beta   90.00
_cell.angle_gamma   90.00
#
_symmetry.space_group_name_H-M   'P 21 21 2'
#
loop_
_entity.id
_entity.type
_entity.pdbx_description
1 polymer 'Transcriptional activator protein LasR'
2 polymer 'Uncharacterized protein'
3 non-polymer 'N-3-OXO-DODECANOYL-L-HOMOSERINE LACTONE'
4 water water
#
loop_
_entity_poly.entity_id
_entity_poly.type
_entity_poly.pdbx_seq_one_letter_code
_entity_poly.pdbx_strand_id
1 'polypeptide(L)'
;MGSSHHHHHHSQDPMALVDGFLELERSSGKLEWSAILQKMASDLGFSKILFGLLPKDSQDYENAFIVGNYPAAWREHYDR
AGYARVDPTVSHCTQSVLPIFWEPSIYQTRKQHEFFEEASAAGLVYGLTMPLHGARGELGALSLSVEAENRAEANRFMES
VLPTLWMLKDYALQSGAGLAFEHP
;
A,B,C,D
2 'polypeptide(L)'
;MTLRNGVPSMTKDEKEKTHVDAIIERYKDLMVEIPPADRQPGLSLLWPVPAQPAIDKGVRQAENWLADQIEGQLWTAFAF
GRDSLPTPMQKTAFEVAFLTRLQQRLVAARRSG
;
E,F,G,H,I,J,K,L
#
# COMPACT_ATOMS: atom_id res chain seq x y z
N ALA A 16 -7.07 -15.94 2.35
CA ALA A 16 -7.94 -15.35 1.32
C ALA A 16 -8.96 -14.35 1.87
N LEU A 17 -9.82 -14.81 2.77
CA LEU A 17 -10.69 -13.93 3.56
C LEU A 17 -9.89 -13.22 4.66
N VAL A 18 -8.96 -13.95 5.29
CA VAL A 18 -8.12 -13.36 6.32
C VAL A 18 -7.30 -12.22 5.74
N ASP A 19 -6.81 -12.42 4.51
CA ASP A 19 -6.07 -11.37 3.81
C ASP A 19 -6.93 -10.14 3.50
N GLY A 20 -8.21 -10.35 3.23
CA GLY A 20 -9.12 -9.27 2.89
C GLY A 20 -9.44 -8.44 4.11
N PHE A 21 -9.60 -9.14 5.24
CA PHE A 21 -9.73 -8.47 6.52
C PHE A 21 -8.53 -7.51 6.76
N LEU A 22 -7.31 -8.02 6.61
CA LEU A 22 -6.11 -7.20 6.84
C LEU A 22 -6.07 -6.01 5.90
N GLU A 23 -6.30 -6.23 4.60
CA GLU A 23 -6.38 -5.12 3.64
C GLU A 23 -7.43 -4.11 4.03
N LEU A 24 -8.56 -4.59 4.56
CA LEU A 24 -9.60 -3.70 5.05
C LEU A 24 -9.02 -2.75 6.11
N GLU A 25 -8.36 -3.30 7.11
CA GLU A 25 -7.76 -2.49 8.17
C GLU A 25 -6.60 -1.61 7.68
N ARG A 26 -5.94 -2.03 6.59
CA ARG A 26 -4.78 -1.29 6.09
C ARG A 26 -5.19 -0.14 5.18
N SER A 27 -6.49 -0.08 4.85
CA SER A 27 -6.95 0.82 3.80
C SER A 27 -6.61 2.26 4.08
N SER A 28 -6.20 2.97 3.04
CA SER A 28 -5.82 4.37 3.18
C SER A 28 -7.00 5.36 3.06
N GLY A 29 -7.87 5.15 2.06
CA GLY A 29 -8.97 6.07 1.81
C GLY A 29 -10.26 5.35 1.48
N LYS A 30 -11.37 6.08 1.44
CA LYS A 30 -12.69 5.50 1.18
C LYS A 30 -12.73 4.59 -0.06
N LEU A 31 -11.95 4.94 -1.07
CA LEU A 31 -11.98 4.25 -2.36
C LEU A 31 -11.44 2.82 -2.30
N GLU A 32 -10.20 2.66 -1.82
CA GLU A 32 -9.59 1.34 -1.66
C GLU A 32 -10.42 0.47 -0.70
N TRP A 33 -10.84 1.05 0.42
CA TRP A 33 -11.62 0.34 1.44
C TRP A 33 -12.94 -0.21 0.87
N SER A 34 -13.71 0.66 0.24
CA SER A 34 -14.95 0.26 -0.38
C SER A 34 -14.67 -0.75 -1.51
N ALA A 35 -13.60 -0.56 -2.27
CA ALA A 35 -13.16 -1.59 -3.23
C ALA A 35 -12.89 -2.94 -2.55
N ILE A 36 -12.15 -2.94 -1.44
CA ILE A 36 -11.88 -4.19 -0.70
C ILE A 36 -13.17 -4.82 -0.17
N LEU A 37 -14.08 -3.98 0.29
CA LEU A 37 -15.34 -4.47 0.82
C LEU A 37 -16.16 -5.21 -0.26
N GLN A 38 -16.23 -4.64 -1.46
CA GLN A 38 -16.91 -5.29 -2.59
C GLN A 38 -16.21 -6.56 -3.07
N LYS A 39 -14.88 -6.52 -3.17
CA LYS A 39 -14.08 -7.68 -3.58
C LYS A 39 -14.27 -8.84 -2.61
N MET A 40 -14.51 -8.52 -1.34
CA MET A 40 -14.75 -9.53 -0.32
C MET A 40 -16.17 -10.06 -0.37
N ALA A 41 -17.13 -9.19 -0.66
CA ALA A 41 -18.49 -9.65 -0.83
C ALA A 41 -18.56 -10.58 -2.03
N SER A 42 -17.96 -10.19 -3.13
CA SER A 42 -18.00 -11.01 -4.32
C SER A 42 -17.35 -12.40 -4.08
N ASP A 43 -16.23 -12.41 -3.36
CA ASP A 43 -15.60 -13.69 -3.02
C ASP A 43 -16.52 -14.56 -2.15
N LEU A 44 -17.34 -13.94 -1.33
CA LEU A 44 -18.21 -14.71 -0.44
C LEU A 44 -19.49 -15.11 -1.17
N GLY A 45 -19.53 -14.84 -2.47
CA GLY A 45 -20.64 -15.25 -3.30
C GLY A 45 -21.81 -14.28 -3.27
N PHE A 46 -21.55 -13.06 -2.81
CA PHE A 46 -22.55 -12.00 -2.77
C PHE A 46 -22.24 -10.93 -3.81
N SER A 47 -23.15 -10.76 -4.77
CA SER A 47 -22.88 -9.90 -5.93
C SER A 47 -23.09 -8.43 -5.64
N LYS A 48 -23.76 -8.12 -4.53
CA LYS A 48 -24.09 -6.73 -4.16
C LYS A 48 -23.91 -6.49 -2.65
N ILE A 49 -23.31 -5.35 -2.30
CA ILE A 49 -23.06 -5.00 -0.92
C ILE A 49 -23.18 -3.50 -0.71
N LEU A 50 -23.83 -3.12 0.39
CA LEU A 50 -23.93 -1.73 0.78
C LEU A 50 -23.57 -1.60 2.27
N PHE A 51 -22.84 -0.53 2.59
CA PHE A 51 -22.41 -0.21 3.95
C PHE A 51 -22.87 1.20 4.15
N GLY A 52 -23.62 1.46 5.22
CA GLY A 52 -24.09 2.80 5.54
C GLY A 52 -23.86 3.11 7.00
N LEU A 53 -23.40 4.32 7.30
CA LEU A 53 -23.03 4.64 8.68
C LEU A 53 -23.20 6.13 8.99
N LEU A 54 -24.02 6.41 10.00
CA LEU A 54 -24.20 7.78 10.48
C LEU A 54 -23.44 8.00 11.78
N PRO A 55 -23.11 9.27 12.07
CA PRO A 55 -22.54 9.65 13.36
C PRO A 55 -23.57 9.43 14.48
N LYS A 56 -23.13 9.47 15.73
CA LYS A 56 -24.07 9.30 16.85
C LYS A 56 -25.21 10.32 16.81
N ASP A 57 -26.43 9.84 16.98
CA ASP A 57 -27.61 10.71 17.12
C ASP A 57 -27.96 11.52 15.85
N SER A 58 -27.70 10.95 14.68
CA SER A 58 -28.13 11.57 13.43
C SER A 58 -29.05 10.64 12.66
N GLN A 59 -30.00 11.21 11.93
CA GLN A 59 -30.91 10.43 11.12
C GLN A 59 -30.88 10.92 9.67
N ASP A 60 -29.87 11.72 9.31
CA ASP A 60 -29.81 12.24 7.95
C ASP A 60 -29.39 11.15 6.97
N TYR A 61 -30.23 10.11 6.87
CA TYR A 61 -29.94 8.92 6.07
C TYR A 61 -29.23 9.18 4.73
N GLU A 62 -29.76 10.11 3.93
CA GLU A 62 -29.25 10.35 2.59
C GLU A 62 -27.84 10.96 2.56
N ASN A 63 -27.39 11.45 3.72
CA ASN A 63 -26.07 12.08 3.85
C ASN A 63 -25.14 11.37 4.83
N ALA A 64 -25.42 10.08 5.04
CA ALA A 64 -24.50 9.20 5.75
C ALA A 64 -23.34 8.83 4.85
N PHE A 65 -22.29 8.28 5.45
CA PHE A 65 -21.24 7.61 4.70
C PHE A 65 -21.87 6.36 4.12
N ILE A 66 -21.99 6.29 2.79
CA ILE A 66 -22.57 5.14 2.12
C ILE A 66 -21.72 4.67 0.94
N VAL A 67 -21.28 3.41 0.97
CA VAL A 67 -20.46 2.87 -0.11
C VAL A 67 -20.97 1.52 -0.59
N GLY A 68 -20.54 1.12 -1.78
CA GLY A 68 -20.86 -0.21 -2.23
C GLY A 68 -21.14 -0.24 -3.70
N ASN A 69 -21.74 -1.33 -4.15
CA ASN A 69 -21.99 -1.51 -5.57
C ASN A 69 -23.46 -1.80 -5.85
N TYR A 70 -24.36 -1.19 -5.07
CA TYR A 70 -25.78 -1.36 -5.32
C TYR A 70 -26.04 -0.81 -6.70
N PRO A 71 -27.10 -1.30 -7.39
CA PRO A 71 -27.37 -0.82 -8.75
C PRO A 71 -27.58 0.69 -8.78
N ALA A 72 -26.90 1.35 -9.72
CA ALA A 72 -26.88 2.80 -9.78
C ALA A 72 -28.30 3.40 -9.86
N ALA A 73 -29.10 2.90 -10.79
CA ALA A 73 -30.48 3.36 -10.97
C ALA A 73 -31.25 3.36 -9.63
N TRP A 74 -31.02 2.31 -8.84
CA TRP A 74 -31.73 2.10 -7.60
C TRP A 74 -31.25 3.03 -6.49
N ARG A 75 -29.95 3.23 -6.42
CA ARG A 75 -29.43 4.11 -5.39
C ARG A 75 -29.98 5.52 -5.59
N GLU A 76 -29.95 5.99 -6.84
CA GLU A 76 -30.51 7.31 -7.19
C GLU A 76 -31.96 7.45 -6.73
N HIS A 77 -32.75 6.41 -6.99
CA HIS A 77 -34.15 6.39 -6.60
C HIS A 77 -34.30 6.40 -5.09
N TYR A 78 -33.58 5.49 -4.43
CA TYR A 78 -33.59 5.35 -2.98
C TYR A 78 -33.39 6.69 -2.25
N ASP A 79 -32.45 7.50 -2.73
CA ASP A 79 -32.12 8.76 -2.03
C ASP A 79 -33.24 9.80 -2.15
N ARG A 80 -33.71 10.05 -3.37
CA ARG A 80 -34.75 11.06 -3.63
C ARG A 80 -36.11 10.67 -3.03
N ALA A 81 -36.48 9.41 -3.19
CA ALA A 81 -37.76 8.94 -2.66
C ALA A 81 -37.77 8.87 -1.13
N GLY A 82 -36.59 9.04 -0.54
CA GLY A 82 -36.43 8.92 0.90
C GLY A 82 -36.74 7.54 1.44
N TYR A 83 -36.45 6.50 0.65
CA TYR A 83 -36.79 5.13 1.04
C TYR A 83 -36.18 4.71 2.36
N ALA A 84 -35.13 5.40 2.78
CA ALA A 84 -34.54 5.13 4.08
C ALA A 84 -35.61 5.06 5.19
N ARG A 85 -36.65 5.89 5.10
CA ARG A 85 -37.74 5.83 6.11
C ARG A 85 -38.78 4.76 5.83
N VAL A 86 -38.72 4.14 4.66
CA VAL A 86 -39.63 3.03 4.33
C VAL A 86 -38.99 1.67 4.62
N ASP A 87 -37.72 1.55 4.23
CA ASP A 87 -36.99 0.28 4.28
C ASP A 87 -37.08 -0.39 5.63
N PRO A 88 -37.68 -1.60 5.68
CA PRO A 88 -37.81 -2.36 6.92
C PRO A 88 -36.45 -2.62 7.58
N THR A 89 -35.42 -2.89 6.77
CA THR A 89 -34.07 -3.11 7.28
C THR A 89 -33.49 -1.88 7.98
N VAL A 90 -33.86 -0.69 7.51
CA VAL A 90 -33.27 0.51 8.11
C VAL A 90 -33.79 0.74 9.52
N SER A 91 -35.11 0.60 9.72
CA SER A 91 -35.69 0.80 11.05
C SER A 91 -35.39 -0.37 11.97
N HIS A 92 -35.15 -1.54 11.38
CA HIS A 92 -34.69 -2.68 12.16
C HIS A 92 -33.30 -2.38 12.74
N CYS A 93 -32.38 -1.91 11.90
CA CYS A 93 -31.03 -1.56 12.36
C CYS A 93 -31.05 -0.58 13.53
N THR A 94 -32.00 0.35 13.55
CA THR A 94 -31.96 1.34 14.64
C THR A 94 -32.62 0.83 15.92
N GLN A 95 -33.15 -0.38 15.88
CA GLN A 95 -33.91 -0.88 17.02
C GLN A 95 -33.40 -2.25 17.49
N SER A 96 -32.53 -2.88 16.70
CA SER A 96 -32.08 -4.24 17.00
C SER A 96 -30.57 -4.44 16.76
N VAL A 97 -30.02 -5.53 17.29
CA VAL A 97 -28.63 -5.90 17.01
C VAL A 97 -28.59 -7.08 16.06
N LEU A 98 -29.65 -7.87 16.08
CA LEU A 98 -29.66 -9.11 15.33
C LEU A 98 -29.72 -8.82 13.85
N PRO A 99 -29.10 -9.68 13.01
CA PRO A 99 -29.17 -9.47 11.58
C PRO A 99 -30.60 -9.75 11.10
N ILE A 100 -31.00 -9.15 9.97
CA ILE A 100 -32.33 -9.38 9.41
C ILE A 100 -32.27 -9.97 8.00
N PHE A 101 -32.72 -11.21 7.86
CA PHE A 101 -32.85 -11.80 6.55
C PHE A 101 -34.00 -11.13 5.81
N TRP A 102 -33.85 -11.00 4.49
CA TRP A 102 -34.88 -10.39 3.66
C TRP A 102 -36.00 -11.41 3.32
N GLU A 103 -36.77 -11.79 4.34
CA GLU A 103 -37.93 -12.66 4.16
C GLU A 103 -39.09 -11.79 3.67
N PRO A 104 -40.00 -12.34 2.85
CA PRO A 104 -41.09 -11.50 2.36
C PRO A 104 -41.84 -10.89 3.54
N SER A 105 -41.84 -11.61 4.66
CA SER A 105 -42.56 -11.19 5.86
C SER A 105 -42.07 -9.91 6.53
N ILE A 106 -40.84 -9.48 6.25
CA ILE A 106 -40.34 -8.27 6.91
C ILE A 106 -40.99 -7.05 6.27
N TYR A 107 -41.68 -7.26 5.16
CA TYR A 107 -42.36 -6.20 4.43
C TYR A 107 -43.86 -6.32 4.67
N GLN A 108 -44.40 -5.53 5.59
CA GLN A 108 -45.79 -5.70 6.01
C GLN A 108 -46.74 -4.62 5.49
N THR A 109 -46.44 -3.37 5.79
CA THR A 109 -47.26 -2.22 5.38
C THR A 109 -47.34 -2.09 3.86
N ARG A 110 -48.24 -1.22 3.39
CA ARG A 110 -48.45 -1.01 1.96
C ARG A 110 -47.21 -0.47 1.28
N LYS A 111 -46.65 0.61 1.83
CA LYS A 111 -45.46 1.25 1.26
C LYS A 111 -44.23 0.31 1.30
N GLN A 112 -44.29 -0.69 2.17
CA GLN A 112 -43.29 -1.76 2.21
C GLN A 112 -43.53 -2.89 1.21
N HIS A 113 -44.78 -3.31 1.03
CA HIS A 113 -45.09 -4.28 -0.01
C HIS A 113 -44.71 -3.70 -1.37
N GLU A 114 -44.69 -2.36 -1.42
CA GLU A 114 -44.36 -1.60 -2.63
C GLU A 114 -42.85 -1.30 -2.75
N PHE A 115 -42.19 -1.00 -1.63
CA PHE A 115 -40.74 -0.91 -1.60
C PHE A 115 -40.14 -2.24 -2.09
N PHE A 116 -40.83 -3.33 -1.75
CA PHE A 116 -40.35 -4.68 -2.05
C PHE A 116 -40.42 -5.01 -3.54
N GLU A 117 -41.52 -4.62 -4.18
CA GLU A 117 -41.71 -4.88 -5.60
C GLU A 117 -40.55 -4.34 -6.42
N GLU A 118 -40.23 -3.08 -6.18
CA GLU A 118 -39.17 -2.38 -6.90
C GLU A 118 -37.76 -2.86 -6.53
N ALA A 119 -37.50 -3.03 -5.23
CA ALA A 119 -36.22 -3.58 -4.80
C ALA A 119 -36.00 -4.91 -5.52
N SER A 120 -37.08 -5.63 -5.74
CA SER A 120 -37.00 -6.95 -6.38
C SER A 120 -36.64 -6.80 -7.85
N ALA A 121 -37.04 -5.69 -8.44
CA ALA A 121 -36.78 -5.46 -9.85
C ALA A 121 -35.33 -5.03 -10.04
N ALA A 122 -34.77 -4.45 -8.99
CA ALA A 122 -33.37 -4.00 -9.00
C ALA A 122 -32.38 -5.12 -8.72
N GLY A 123 -32.87 -6.30 -8.37
CA GLY A 123 -32.02 -7.47 -8.16
C GLY A 123 -31.76 -7.75 -6.68
N LEU A 124 -32.31 -6.90 -5.83
CA LEU A 124 -32.11 -7.02 -4.40
C LEU A 124 -33.19 -7.88 -3.76
N VAL A 125 -33.28 -9.14 -4.20
CA VAL A 125 -34.31 -10.06 -3.72
C VAL A 125 -33.91 -10.82 -2.44
N TYR A 126 -32.85 -11.63 -2.56
CA TYR A 126 -32.31 -12.43 -1.45
C TYR A 126 -31.11 -11.74 -0.80
N GLY A 127 -31.08 -11.75 0.53
CA GLY A 127 -29.95 -11.20 1.23
C GLY A 127 -30.21 -10.91 2.70
N LEU A 128 -29.37 -10.06 3.28
CA LEU A 128 -29.50 -9.71 4.68
C LEU A 128 -28.88 -8.36 4.99
N THR A 129 -29.21 -7.85 6.17
CA THR A 129 -28.74 -6.57 6.65
C THR A 129 -28.22 -6.80 8.03
N MET A 130 -26.99 -6.37 8.29
CA MET A 130 -26.47 -6.49 9.63
C MET A 130 -26.43 -5.10 10.22
N PRO A 131 -27.06 -4.92 11.38
CA PRO A 131 -27.00 -3.60 11.97
C PRO A 131 -25.60 -3.33 12.50
N LEU A 132 -25.23 -2.05 12.52
CA LEU A 132 -23.94 -1.61 13.04
C LEU A 132 -24.18 -0.72 14.23
N HIS A 133 -23.49 -1.01 15.33
CA HIS A 133 -23.57 -0.18 16.51
C HIS A 133 -22.16 0.04 17.03
N GLY A 134 -21.52 1.11 16.56
CA GLY A 134 -20.12 1.35 16.85
C GLY A 134 -19.85 1.68 18.29
N ALA A 135 -18.56 1.62 18.67
CA ALA A 135 -18.15 1.84 20.05
C ALA A 135 -18.43 3.28 20.49
N ARG A 136 -18.33 4.22 19.57
CA ARG A 136 -18.61 5.62 19.85
C ARG A 136 -20.04 5.92 19.48
N GLY A 137 -20.93 4.97 19.76
CA GLY A 137 -22.34 5.11 19.47
C GLY A 137 -22.75 5.34 18.03
N GLU A 138 -21.90 5.03 17.05
CA GLU A 138 -22.28 5.19 15.65
C GLU A 138 -23.37 4.19 15.24
N LEU A 139 -24.20 4.56 14.26
CA LEU A 139 -25.29 3.72 13.77
C LEU A 139 -25.22 3.50 12.27
N GLY A 140 -25.47 2.29 11.82
CA GLY A 140 -25.39 1.99 10.40
C GLY A 140 -25.89 0.62 10.00
N ALA A 141 -25.65 0.26 8.74
CA ALA A 141 -26.17 -0.99 8.20
C ALA A 141 -25.19 -1.56 7.18
N LEU A 142 -24.99 -2.87 7.23
CA LEU A 142 -24.15 -3.60 6.26
C LEU A 142 -25.04 -4.63 5.60
N SER A 143 -25.28 -4.46 4.31
CA SER A 143 -26.20 -5.34 3.62
C SER A 143 -25.47 -6.10 2.54
N LEU A 144 -25.83 -7.36 2.37
CA LEU A 144 -25.30 -8.13 1.25
C LEU A 144 -26.46 -8.86 0.57
N SER A 145 -26.40 -8.93 -0.76
CA SER A 145 -27.41 -9.64 -1.50
C SER A 145 -26.81 -10.77 -2.31
N VAL A 146 -27.49 -11.91 -2.31
CA VAL A 146 -26.99 -13.10 -2.99
C VAL A 146 -28.00 -13.60 -4.01
N GLU A 147 -27.50 -14.00 -5.17
CA GLU A 147 -28.35 -14.52 -6.23
C GLU A 147 -28.45 -16.04 -6.13
N ALA A 148 -29.49 -16.53 -5.48
CA ALA A 148 -29.68 -17.98 -5.32
C ALA A 148 -30.95 -18.50 -6.02
N GLU A 149 -31.00 -19.80 -6.28
CA GLU A 149 -32.09 -20.40 -7.04
C GLU A 149 -33.47 -20.13 -6.42
N ASN A 150 -33.51 -20.04 -5.10
CA ASN A 150 -34.75 -19.76 -4.38
C ASN A 150 -34.45 -19.31 -2.96
N ARG A 151 -35.48 -19.13 -2.13
CA ARG A 151 -35.27 -18.65 -0.78
C ARG A 151 -34.67 -19.70 0.16
N ALA A 152 -35.12 -20.95 0.02
CA ALA A 152 -34.55 -22.01 0.83
C ALA A 152 -33.02 -22.04 0.68
N GLU A 153 -32.54 -22.28 -0.54
CA GLU A 153 -31.11 -22.28 -0.82
C GLU A 153 -30.41 -21.03 -0.27
N ALA A 154 -31.02 -19.86 -0.45
CA ALA A 154 -30.44 -18.60 0.02
C ALA A 154 -30.30 -18.53 1.54
N ASN A 155 -31.35 -18.89 2.28
CA ASN A 155 -31.29 -18.81 3.73
C ASN A 155 -30.36 -19.86 4.34
N ARG A 156 -30.29 -21.04 3.70
CA ARG A 156 -29.35 -22.07 4.12
C ARG A 156 -27.94 -21.56 3.89
N PHE A 157 -27.72 -20.99 2.70
CA PHE A 157 -26.41 -20.48 2.37
C PHE A 157 -25.96 -19.39 3.35
N MET A 158 -26.86 -18.47 3.66
CA MET A 158 -26.53 -17.33 4.51
C MET A 158 -26.33 -17.73 5.95
N GLU A 159 -26.87 -18.88 6.35
CA GLU A 159 -26.70 -19.29 7.73
C GLU A 159 -25.32 -19.93 7.93
N SER A 160 -24.80 -20.56 6.87
CA SER A 160 -23.48 -21.17 6.90
C SER A 160 -22.39 -20.15 6.93
N VAL A 161 -22.55 -19.09 6.13
CA VAL A 161 -21.52 -18.07 6.01
C VAL A 161 -21.72 -16.95 7.00
N LEU A 162 -22.80 -17.01 7.76
CA LEU A 162 -23.08 -15.92 8.69
C LEU A 162 -21.95 -15.59 9.68
N PRO A 163 -21.22 -16.60 10.18
CA PRO A 163 -20.08 -16.33 11.09
C PRO A 163 -18.94 -15.54 10.44
N THR A 164 -18.63 -15.88 9.18
CA THR A 164 -17.62 -15.16 8.46
C THR A 164 -18.09 -13.75 8.19
N LEU A 165 -19.40 -13.60 7.95
CA LEU A 165 -20.01 -12.30 7.68
C LEU A 165 -20.03 -11.43 8.92
N TRP A 166 -20.19 -12.06 10.07
CA TRP A 166 -20.23 -11.27 11.28
C TRP A 166 -18.85 -10.72 11.57
N MET A 167 -17.82 -11.43 11.12
CA MET A 167 -16.45 -10.94 11.27
C MET A 167 -16.16 -9.86 10.25
N LEU A 168 -16.71 -10.01 9.05
CA LEU A 168 -16.64 -8.95 8.05
C LEU A 168 -17.28 -7.70 8.68
N LYS A 169 -18.53 -7.82 9.13
CA LYS A 169 -19.22 -6.71 9.81
C LYS A 169 -18.28 -6.04 10.82
N ASP A 170 -17.56 -6.85 11.57
CA ASP A 170 -16.70 -6.35 12.64
C ASP A 170 -15.47 -5.59 12.17
N TYR A 171 -14.78 -6.10 11.16
CA TYR A 171 -13.63 -5.41 10.57
C TYR A 171 -14.06 -4.19 9.79
N ALA A 172 -15.27 -4.25 9.24
CA ALA A 172 -15.79 -3.15 8.46
C ALA A 172 -16.24 -2.01 9.35
N LEU A 173 -16.93 -2.33 10.43
CA LEU A 173 -17.39 -1.27 11.34
C LEU A 173 -16.18 -0.53 11.94
N GLN A 174 -15.27 -1.29 12.54
CA GLN A 174 -14.04 -0.76 13.14
C GLN A 174 -13.18 0.08 12.19
N SER A 175 -12.84 -0.45 11.02
CA SER A 175 -12.00 0.30 10.04
C SER A 175 -12.78 1.38 9.30
N GLY A 176 -14.09 1.20 9.15
CA GLY A 176 -14.92 2.14 8.41
C GLY A 176 -15.30 3.40 9.18
N ALA A 177 -15.29 3.31 10.51
CA ALA A 177 -15.61 4.48 11.34
C ALA A 177 -14.50 5.51 11.32
N GLY A 178 -13.26 5.06 11.37
CA GLY A 178 -12.15 5.99 11.31
C GLY A 178 -11.76 6.40 9.91
N LEU A 179 -12.69 6.31 8.96
CA LEU A 179 -12.46 6.76 7.58
C LEU A 179 -13.64 7.59 7.13
N ALA A 180 -14.82 7.24 7.63
CA ALA A 180 -15.99 8.04 7.39
C ALA A 180 -15.87 9.29 8.27
N PHE A 181 -15.31 9.09 9.47
CA PHE A 181 -15.32 10.12 10.50
C PHE A 181 -13.92 10.47 11.02
N ALA B 16 -12.65 11.15 -10.10
CA ALA B 16 -12.94 9.87 -9.43
C ALA B 16 -12.54 8.64 -10.28
N LEU B 17 -12.72 8.71 -11.59
CA LEU B 17 -12.14 7.72 -12.48
C LEU B 17 -10.63 7.93 -12.55
N VAL B 18 -10.23 9.20 -12.51
CA VAL B 18 -8.83 9.54 -12.46
C VAL B 18 -8.19 8.99 -11.18
N ASP B 19 -8.93 9.07 -10.08
CA ASP B 19 -8.40 8.62 -8.80
C ASP B 19 -8.39 7.09 -8.70
N GLY B 20 -9.36 6.44 -9.34
CA GLY B 20 -9.34 5.00 -9.41
C GLY B 20 -8.10 4.54 -10.17
N PHE B 21 -7.85 5.18 -11.31
CA PHE B 21 -6.67 4.85 -12.13
C PHE B 21 -5.41 4.94 -11.28
N LEU B 22 -5.30 6.00 -10.49
CA LEU B 22 -4.09 6.19 -9.70
C LEU B 22 -3.96 5.19 -8.56
N GLU B 23 -5.06 4.88 -7.86
CA GLU B 23 -4.99 3.83 -6.85
C GLU B 23 -4.54 2.54 -7.51
N LEU B 24 -4.98 2.33 -8.75
CA LEU B 24 -4.64 1.15 -9.51
C LEU B 24 -3.13 1.11 -9.80
N GLU B 25 -2.60 2.25 -10.18
CA GLU B 25 -1.20 2.34 -10.51
C GLU B 25 -0.33 2.12 -9.28
N ARG B 26 -0.75 2.66 -8.13
CA ARG B 26 0.02 2.59 -6.89
C ARG B 26 -0.22 1.29 -6.13
N SER B 27 -1.03 0.40 -6.69
CA SER B 27 -1.33 -0.84 -5.99
C SER B 27 -0.04 -1.59 -5.72
N SER B 28 0.06 -2.20 -4.55
CA SER B 28 1.27 -2.92 -4.20
C SER B 28 1.06 -4.42 -4.02
N GLY B 29 -0.20 -4.88 -4.08
CA GLY B 29 -0.50 -6.29 -3.91
C GLY B 29 -1.71 -6.77 -4.69
N LYS B 30 -1.70 -8.05 -5.05
CA LYS B 30 -2.80 -8.69 -5.80
C LYS B 30 -4.21 -8.33 -5.30
N LEU B 31 -4.48 -8.51 -4.01
CA LEU B 31 -5.82 -8.28 -3.47
C LEU B 31 -6.29 -6.83 -3.68
N GLU B 32 -5.50 -5.88 -3.16
CA GLU B 32 -5.80 -4.46 -3.29
C GLU B 32 -6.06 -4.10 -4.76
N TRP B 33 -5.22 -4.64 -5.64
CA TRP B 33 -5.24 -4.27 -7.04
C TRP B 33 -6.49 -4.81 -7.76
N SER B 34 -6.83 -6.07 -7.54
CA SER B 34 -7.98 -6.61 -8.25
C SER B 34 -9.28 -6.12 -7.62
N ALA B 35 -9.18 -5.61 -6.41
CA ALA B 35 -10.36 -5.06 -5.74
C ALA B 35 -10.70 -3.74 -6.42
N ILE B 36 -9.67 -2.94 -6.66
CA ILE B 36 -9.84 -1.62 -7.23
C ILE B 36 -10.28 -1.74 -8.70
N LEU B 37 -9.63 -2.63 -9.45
CA LEU B 37 -10.04 -2.90 -10.83
C LEU B 37 -11.53 -3.34 -10.85
N GLN B 38 -11.93 -4.10 -9.85
CA GLN B 38 -13.32 -4.52 -9.79
C GLN B 38 -14.28 -3.41 -9.34
N LYS B 39 -13.83 -2.46 -8.53
CA LYS B 39 -14.75 -1.39 -8.13
C LYS B 39 -14.99 -0.49 -9.32
N MET B 40 -13.93 -0.30 -10.11
CA MET B 40 -14.03 0.56 -11.27
C MET B 40 -14.89 0.03 -12.42
N ALA B 41 -14.77 -1.25 -12.74
CA ALA B 41 -15.64 -1.85 -13.75
C ALA B 41 -17.05 -1.57 -13.30
N SER B 42 -17.30 -1.91 -12.05
CA SER B 42 -18.63 -1.82 -11.48
C SER B 42 -19.14 -0.36 -11.45
N ASP B 43 -18.23 0.62 -11.38
CA ASP B 43 -18.62 2.03 -11.42
C ASP B 43 -18.94 2.52 -12.85
N LEU B 44 -18.36 1.82 -13.83
CA LEU B 44 -18.58 2.16 -15.23
C LEU B 44 -19.78 1.42 -15.83
N GLY B 45 -20.46 0.60 -15.02
CA GLY B 45 -21.67 -0.09 -15.44
C GLY B 45 -21.54 -1.58 -15.67
N PHE B 46 -20.37 -2.12 -15.35
CA PHE B 46 -19.98 -3.47 -15.75
C PHE B 46 -19.94 -4.37 -14.53
N SER B 47 -20.97 -5.19 -14.33
CA SER B 47 -21.14 -5.90 -13.06
C SER B 47 -20.19 -7.09 -12.89
N LYS B 48 -19.62 -7.53 -14.00
CA LYS B 48 -18.72 -8.66 -13.99
C LYS B 48 -17.46 -8.29 -14.74
N ILE B 49 -16.30 -8.64 -14.18
CA ILE B 49 -15.02 -8.38 -14.85
C ILE B 49 -14.01 -9.50 -14.62
N LEU B 50 -13.27 -9.86 -15.65
CA LEU B 50 -12.17 -10.84 -15.54
C LEU B 50 -10.91 -10.29 -16.14
N PHE B 51 -9.78 -10.43 -15.42
CA PHE B 51 -8.46 -10.04 -15.93
C PHE B 51 -7.57 -11.26 -15.85
N GLY B 52 -7.06 -11.67 -17.01
CA GLY B 52 -6.30 -12.90 -17.09
C GLY B 52 -4.99 -12.60 -17.78
N LEU B 53 -3.88 -13.11 -17.27
CA LEU B 53 -2.59 -12.83 -17.88
C LEU B 53 -1.71 -14.09 -17.85
N LEU B 54 -1.13 -14.41 -19.00
CA LEU B 54 -0.12 -15.44 -19.07
C LEU B 54 1.23 -14.79 -19.33
N PRO B 55 2.31 -15.46 -18.89
CA PRO B 55 3.66 -15.03 -19.27
C PRO B 55 3.95 -15.25 -20.75
N LYS B 56 5.07 -14.70 -21.23
CA LYS B 56 5.46 -14.78 -22.64
C LYS B 56 5.39 -16.21 -23.19
N ASP B 57 4.60 -16.40 -24.25
CA ASP B 57 4.52 -17.68 -24.95
C ASP B 57 4.12 -18.83 -24.02
N SER B 58 2.83 -19.08 -23.96
CA SER B 58 2.26 -20.04 -23.00
C SER B 58 0.77 -20.20 -23.27
N GLN B 59 0.30 -21.44 -23.40
CA GLN B 59 -1.12 -21.70 -23.56
C GLN B 59 -1.65 -22.33 -22.28
N ASP B 60 -1.02 -21.99 -21.17
CA ASP B 60 -1.41 -22.57 -19.88
C ASP B 60 -2.63 -21.85 -19.30
N TYR B 61 -3.60 -21.55 -20.17
CA TYR B 61 -4.81 -20.83 -19.79
C TYR B 61 -5.35 -21.25 -18.43
N GLU B 62 -5.37 -22.56 -18.16
CA GLU B 62 -5.93 -23.08 -16.90
C GLU B 62 -5.16 -22.66 -15.64
N ASN B 63 -3.94 -22.15 -15.80
CA ASN B 63 -3.17 -21.70 -14.63
C ASN B 63 -2.63 -20.28 -14.77
N ALA B 64 -3.34 -19.46 -15.54
CA ALA B 64 -2.97 -18.06 -15.69
C ALA B 64 -3.25 -17.27 -14.41
N PHE B 65 -2.70 -16.07 -14.35
CA PHE B 65 -3.13 -15.08 -13.38
C PHE B 65 -4.55 -14.68 -13.80
N ILE B 66 -5.53 -14.88 -12.93
CA ILE B 66 -6.94 -14.58 -13.26
C ILE B 66 -7.66 -14.02 -12.04
N VAL B 67 -8.08 -12.75 -12.12
CA VAL B 67 -8.86 -12.14 -11.04
C VAL B 67 -10.21 -11.66 -11.58
N GLY B 68 -11.09 -11.22 -10.66
CA GLY B 68 -12.34 -10.59 -11.05
C GLY B 68 -13.44 -11.22 -10.25
N ASN B 69 -14.67 -11.08 -10.73
CA ASN B 69 -15.84 -11.57 -10.02
C ASN B 69 -16.79 -12.30 -10.95
N TYR B 70 -16.24 -13.04 -11.92
CA TYR B 70 -17.08 -13.92 -12.73
C TYR B 70 -17.72 -14.93 -11.80
N PRO B 71 -18.96 -15.34 -12.12
CA PRO B 71 -19.68 -16.23 -11.21
C PRO B 71 -18.81 -17.42 -10.86
N ALA B 72 -18.77 -17.77 -9.58
CA ALA B 72 -17.90 -18.81 -9.09
C ALA B 72 -18.06 -20.15 -9.83
N ALA B 73 -19.31 -20.54 -10.10
CA ALA B 73 -19.57 -21.81 -10.76
C ALA B 73 -19.06 -21.81 -12.17
N TRP B 74 -19.18 -20.68 -12.84
CA TRP B 74 -18.73 -20.59 -14.22
C TRP B 74 -17.19 -20.72 -14.34
N ARG B 75 -16.46 -19.95 -13.53
CA ARG B 75 -15.02 -20.00 -13.55
C ARG B 75 -14.47 -21.41 -13.28
N GLU B 76 -15.05 -22.10 -12.30
CA GLU B 76 -14.56 -23.43 -11.94
C GLU B 76 -14.82 -24.42 -13.06
N HIS B 77 -16.02 -24.36 -13.62
CA HIS B 77 -16.39 -25.19 -14.75
C HIS B 77 -15.54 -24.82 -15.98
N TYR B 78 -15.40 -23.51 -16.21
CA TYR B 78 -14.69 -22.98 -17.36
C TYR B 78 -13.28 -23.53 -17.41
N ASP B 79 -12.61 -23.52 -16.27
CA ASP B 79 -11.25 -24.01 -16.21
C ASP B 79 -11.19 -25.51 -16.32
N ARG B 80 -12.20 -26.19 -15.77
CA ARG B 80 -12.23 -27.64 -15.74
C ARG B 80 -12.40 -28.24 -17.15
N ALA B 81 -13.32 -27.67 -17.92
CA ALA B 81 -13.62 -28.18 -19.25
C ALA B 81 -12.71 -27.60 -20.34
N GLY B 82 -11.74 -26.79 -19.94
CA GLY B 82 -10.84 -26.17 -20.89
C GLY B 82 -11.50 -25.24 -21.89
N TYR B 83 -12.58 -24.58 -21.48
CA TYR B 83 -13.31 -23.66 -22.36
C TYR B 83 -12.40 -22.60 -22.94
N ALA B 84 -11.26 -22.39 -22.29
CA ALA B 84 -10.34 -21.36 -22.74
C ALA B 84 -9.89 -21.63 -24.17
N ARG B 85 -10.13 -22.84 -24.65
CA ARG B 85 -9.65 -23.22 -25.96
C ARG B 85 -10.75 -23.28 -26.99
N VAL B 86 -11.98 -22.99 -26.57
CA VAL B 86 -13.10 -22.89 -27.49
C VAL B 86 -13.52 -21.44 -27.55
N ASP B 87 -13.73 -20.88 -26.36
CA ASP B 87 -14.06 -19.48 -26.18
C ASP B 87 -13.40 -18.58 -27.22
N PRO B 88 -14.21 -17.96 -28.09
CA PRO B 88 -13.72 -17.13 -29.20
C PRO B 88 -12.94 -15.90 -28.74
N THR B 89 -13.08 -15.52 -27.48
CA THR B 89 -12.36 -14.32 -27.05
C THR B 89 -10.88 -14.63 -26.78
N VAL B 90 -10.58 -15.83 -26.28
CA VAL B 90 -9.18 -16.15 -25.97
C VAL B 90 -8.34 -16.29 -27.24
N SER B 91 -8.87 -17.00 -28.24
CA SER B 91 -8.16 -17.10 -29.52
C SER B 91 -8.07 -15.73 -30.20
N HIS B 92 -9.12 -14.92 -30.06
CA HIS B 92 -9.02 -13.56 -30.59
C HIS B 92 -7.86 -12.79 -29.97
N CYS B 93 -7.61 -12.99 -28.68
CA CYS B 93 -6.59 -12.22 -27.99
C CYS B 93 -5.18 -12.55 -28.48
N THR B 94 -4.94 -13.83 -28.73
CA THR B 94 -3.61 -14.28 -29.10
C THR B 94 -3.20 -13.72 -30.47
N GLN B 95 -4.16 -13.16 -31.21
CA GLN B 95 -3.92 -12.74 -32.61
C GLN B 95 -4.38 -11.33 -33.02
N SER B 96 -4.98 -10.56 -32.12
CA SER B 96 -5.43 -9.22 -32.52
C SER B 96 -5.15 -8.27 -31.39
N VAL B 97 -5.02 -6.98 -31.68
CA VAL B 97 -4.89 -6.02 -30.58
C VAL B 97 -6.24 -5.36 -30.35
N LEU B 98 -7.15 -5.57 -31.29
CA LEU B 98 -8.46 -4.93 -31.25
C LEU B 98 -9.36 -5.55 -30.18
N PRO B 99 -10.16 -4.70 -29.52
CA PRO B 99 -11.21 -5.19 -28.61
C PRO B 99 -12.23 -5.94 -29.44
N ILE B 100 -12.81 -7.00 -28.87
CA ILE B 100 -13.84 -7.81 -29.55
C ILE B 100 -15.15 -7.78 -28.74
N PHE B 101 -16.20 -7.16 -29.26
CA PHE B 101 -17.46 -7.17 -28.55
C PHE B 101 -18.02 -8.60 -28.59
N TRP B 102 -18.92 -8.95 -27.66
CA TRP B 102 -19.52 -10.28 -27.61
C TRP B 102 -20.79 -10.43 -28.49
N GLU B 103 -20.63 -10.32 -29.81
CA GLU B 103 -21.74 -10.43 -30.76
C GLU B 103 -22.04 -11.88 -31.14
N PRO B 104 -23.25 -12.16 -31.59
CA PRO B 104 -23.50 -13.52 -32.10
C PRO B 104 -22.47 -13.93 -33.18
N SER B 105 -22.08 -12.99 -34.04
CA SER B 105 -21.09 -13.25 -35.07
C SER B 105 -19.93 -14.11 -34.53
N ILE B 106 -19.43 -13.79 -33.33
CA ILE B 106 -18.21 -14.41 -32.86
C ILE B 106 -18.34 -15.89 -32.40
N TYR B 107 -19.55 -16.37 -32.12
CA TYR B 107 -19.71 -17.78 -31.72
C TYR B 107 -20.22 -18.64 -32.88
N GLN B 108 -19.35 -18.88 -33.86
CA GLN B 108 -19.73 -19.52 -35.13
C GLN B 108 -19.72 -21.06 -35.15
N THR B 109 -18.72 -21.67 -34.52
CA THR B 109 -18.56 -23.13 -34.59
C THR B 109 -19.51 -23.87 -33.65
N ARG B 110 -19.79 -25.13 -33.96
CA ARG B 110 -20.67 -25.93 -33.13
C ARG B 110 -20.21 -25.87 -31.66
N LYS B 111 -18.90 -26.01 -31.42
CA LYS B 111 -18.40 -25.95 -30.04
C LYS B 111 -18.56 -24.54 -29.43
N GLN B 112 -18.32 -23.49 -30.21
CA GLN B 112 -18.47 -22.14 -29.70
C GLN B 112 -19.91 -21.76 -29.46
N HIS B 113 -20.83 -22.34 -30.23
CA HIS B 113 -22.25 -22.07 -30.04
C HIS B 113 -22.72 -22.68 -28.74
N GLU B 114 -22.24 -23.87 -28.44
CA GLU B 114 -22.55 -24.53 -27.18
C GLU B 114 -21.98 -23.68 -26.04
N PHE B 115 -20.72 -23.32 -26.16
CA PHE B 115 -20.08 -22.47 -25.15
C PHE B 115 -20.92 -21.20 -24.88
N PHE B 116 -21.39 -20.55 -25.95
CA PHE B 116 -22.17 -19.35 -25.81
C PHE B 116 -23.42 -19.62 -25.00
N GLU B 117 -23.98 -20.81 -25.18
CA GLU B 117 -25.24 -21.16 -24.57
C GLU B 117 -25.08 -21.22 -23.05
N GLU B 118 -24.00 -21.86 -22.61
CA GLU B 118 -23.71 -21.93 -21.19
C GLU B 118 -23.28 -20.56 -20.65
N ALA B 119 -22.52 -19.81 -21.45
CA ALA B 119 -22.15 -18.47 -21.02
C ALA B 119 -23.37 -17.59 -20.82
N SER B 120 -24.35 -17.65 -21.71
CA SER B 120 -25.59 -16.87 -21.54
C SER B 120 -26.23 -17.22 -20.21
N ALA B 121 -26.29 -18.53 -19.96
CA ALA B 121 -26.92 -19.06 -18.76
C ALA B 121 -26.24 -18.55 -17.49
N ALA B 122 -24.93 -18.33 -17.54
CA ALA B 122 -24.25 -17.84 -16.35
C ALA B 122 -24.36 -16.33 -16.20
N GLY B 123 -25.07 -15.69 -17.10
CA GLY B 123 -25.24 -14.25 -17.04
C GLY B 123 -24.28 -13.46 -17.91
N LEU B 124 -23.42 -14.15 -18.66
CA LEU B 124 -22.40 -13.48 -19.46
C LEU B 124 -22.81 -13.29 -20.91
N VAL B 125 -23.77 -12.39 -21.15
CA VAL B 125 -24.39 -12.24 -22.45
C VAL B 125 -23.81 -11.11 -23.27
N TYR B 126 -23.72 -9.91 -22.71
CA TYR B 126 -23.20 -8.75 -23.43
C TYR B 126 -21.91 -8.31 -22.78
N GLY B 127 -20.96 -7.86 -23.58
CA GLY B 127 -19.71 -7.38 -23.04
C GLY B 127 -18.64 -7.15 -24.08
N LEU B 128 -17.38 -7.09 -23.63
CA LEU B 128 -16.23 -7.00 -24.52
C LEU B 128 -14.97 -7.62 -23.91
N THR B 129 -14.02 -7.93 -24.77
CA THR B 129 -12.72 -8.35 -24.31
C THR B 129 -11.69 -7.52 -25.02
N MET B 130 -10.87 -6.83 -24.24
CA MET B 130 -9.70 -6.11 -24.73
C MET B 130 -8.45 -6.97 -24.57
N PRO B 131 -7.78 -7.30 -25.68
CA PRO B 131 -6.57 -8.10 -25.51
C PRO B 131 -5.48 -7.32 -24.78
N LEU B 132 -4.69 -8.07 -24.03
CA LEU B 132 -3.57 -7.50 -23.35
C LEU B 132 -2.28 -8.02 -24.00
N HIS B 133 -1.45 -7.10 -24.50
CA HIS B 133 -0.08 -7.43 -24.92
C HIS B 133 0.97 -6.61 -24.15
N GLY B 134 1.52 -7.21 -23.10
CA GLY B 134 2.44 -6.55 -22.20
C GLY B 134 3.83 -6.39 -22.77
N ALA B 135 4.52 -5.33 -22.37
CA ALA B 135 5.78 -4.95 -23.01
C ALA B 135 6.89 -6.00 -22.92
N ARG B 136 6.74 -6.96 -22.01
CA ARG B 136 7.68 -8.07 -21.89
C ARG B 136 7.11 -9.38 -22.43
N GLY B 137 6.21 -9.26 -23.42
CA GLY B 137 5.66 -10.42 -24.09
C GLY B 137 4.36 -10.99 -23.55
N GLU B 138 4.04 -10.68 -22.28
CA GLU B 138 2.82 -11.18 -21.62
C GLU B 138 1.58 -11.10 -22.53
N LEU B 139 0.71 -12.10 -22.42
CA LEU B 139 -0.51 -12.15 -23.19
C LEU B 139 -1.70 -12.34 -22.25
N GLY B 140 -2.69 -11.45 -22.34
CA GLY B 140 -3.81 -11.54 -21.42
C GLY B 140 -5.14 -11.18 -22.05
N ALA B 141 -6.17 -11.09 -21.23
CA ALA B 141 -7.47 -10.60 -21.66
C ALA B 141 -8.10 -9.79 -20.55
N LEU B 142 -8.62 -8.61 -20.90
CA LEU B 142 -9.46 -7.86 -19.97
C LEU B 142 -10.92 -7.93 -20.48
N SER B 143 -11.77 -8.65 -19.74
CA SER B 143 -13.18 -8.80 -20.08
C SER B 143 -14.10 -8.05 -19.11
N LEU B 144 -15.14 -7.42 -19.67
CA LEU B 144 -16.13 -6.68 -18.89
C LEU B 144 -17.52 -6.99 -19.44
N SER B 145 -18.46 -7.33 -18.56
CA SER B 145 -19.81 -7.64 -19.00
C SER B 145 -20.84 -6.70 -18.42
N VAL B 146 -21.80 -6.29 -19.24
CA VAL B 146 -22.77 -5.28 -18.82
C VAL B 146 -24.21 -5.80 -18.90
N GLU B 147 -24.98 -5.51 -17.85
CA GLU B 147 -26.37 -5.94 -17.80
C GLU B 147 -27.26 -4.95 -18.54
N ALA B 148 -27.29 -5.07 -19.86
CA ALA B 148 -28.10 -4.17 -20.70
C ALA B 148 -29.43 -4.82 -21.16
N GLU B 149 -30.35 -4.00 -21.65
CA GLU B 149 -31.68 -4.48 -22.09
C GLU B 149 -31.65 -5.30 -23.37
N ASN B 150 -30.84 -4.88 -24.34
CA ASN B 150 -30.64 -5.66 -25.55
C ASN B 150 -29.29 -5.41 -26.21
N ARG B 151 -29.00 -6.21 -27.23
CA ARG B 151 -27.72 -6.20 -27.92
C ARG B 151 -27.36 -4.86 -28.54
N ALA B 152 -28.35 -4.12 -29.01
CA ALA B 152 -28.08 -2.81 -29.63
C ALA B 152 -27.76 -1.79 -28.56
N GLU B 153 -28.48 -1.84 -27.44
CA GLU B 153 -28.25 -0.86 -26.37
C GLU B 153 -26.89 -1.11 -25.69
N ALA B 154 -26.50 -2.38 -25.56
CA ALA B 154 -25.18 -2.71 -25.03
C ALA B 154 -24.02 -2.20 -25.89
N ASN B 155 -24.09 -2.38 -27.22
CA ASN B 155 -23.02 -1.91 -28.12
C ASN B 155 -22.91 -0.40 -28.16
N ARG B 156 -24.05 0.29 -28.14
CA ARG B 156 -24.05 1.73 -28.11
C ARG B 156 -23.44 2.21 -26.78
N PHE B 157 -23.78 1.53 -25.68
CA PHE B 157 -23.17 1.86 -24.41
C PHE B 157 -21.67 1.59 -24.44
N MET B 158 -21.27 0.40 -24.90
CA MET B 158 -19.86 0.04 -24.85
C MET B 158 -19.02 0.93 -25.76
N GLU B 159 -19.55 1.26 -26.93
CA GLU B 159 -18.90 2.16 -27.88
C GLU B 159 -18.63 3.51 -27.22
N SER B 160 -19.50 3.89 -26.30
CA SER B 160 -19.45 5.23 -25.75
C SER B 160 -18.46 5.38 -24.60
N VAL B 161 -18.25 4.33 -23.82
CA VAL B 161 -17.33 4.42 -22.69
C VAL B 161 -15.99 3.71 -23.05
N LEU B 162 -15.88 3.31 -24.32
CA LEU B 162 -14.72 2.57 -24.80
C LEU B 162 -13.39 3.29 -24.63
N PRO B 163 -13.36 4.62 -24.80
CA PRO B 163 -12.12 5.38 -24.61
C PRO B 163 -11.65 5.38 -23.16
N THR B 164 -12.58 5.49 -22.22
CA THR B 164 -12.25 5.35 -20.82
C THR B 164 -11.87 3.90 -20.50
N LEU B 165 -12.49 2.95 -21.20
CA LEU B 165 -12.09 1.54 -21.04
C LEU B 165 -10.68 1.27 -21.54
N TRP B 166 -10.28 1.93 -22.63
CA TRP B 166 -8.94 1.73 -23.16
C TRP B 166 -7.89 2.27 -22.20
N MET B 167 -8.23 3.35 -21.50
CA MET B 167 -7.34 3.87 -20.48
C MET B 167 -7.32 2.92 -19.29
N LEU B 168 -8.48 2.56 -18.77
CA LEU B 168 -8.51 1.55 -17.74
C LEU B 168 -7.55 0.40 -18.11
N LYS B 169 -7.65 -0.12 -19.33
CA LYS B 169 -6.76 -1.21 -19.75
C LYS B 169 -5.27 -0.83 -19.79
N ASP B 170 -4.96 0.39 -20.19
CA ASP B 170 -3.56 0.85 -20.13
C ASP B 170 -3.01 0.80 -18.70
N TYR B 171 -3.73 1.39 -17.77
CA TYR B 171 -3.33 1.35 -16.36
C TYR B 171 -3.34 -0.07 -15.80
N ALA B 172 -4.33 -0.87 -16.18
CA ALA B 172 -4.41 -2.21 -15.59
C ALA B 172 -3.26 -3.09 -16.06
N LEU B 173 -2.99 -3.13 -17.37
CA LEU B 173 -1.83 -3.87 -17.87
C LEU B 173 -0.48 -3.43 -17.25
N GLN B 174 -0.30 -2.13 -17.02
CA GLN B 174 0.96 -1.62 -16.47
C GLN B 174 1.25 -2.11 -15.06
N SER B 175 0.29 -1.93 -14.16
CA SER B 175 0.43 -2.32 -12.75
C SER B 175 0.25 -3.82 -12.52
N GLY B 176 -0.52 -4.48 -13.38
CA GLY B 176 -0.86 -5.89 -13.21
C GLY B 176 0.23 -6.82 -13.71
N ALA B 177 0.87 -6.44 -14.80
CA ALA B 177 2.07 -7.14 -15.25
C ALA B 177 3.08 -7.19 -14.11
N GLY B 178 3.20 -6.09 -13.38
CA GLY B 178 4.07 -6.01 -12.22
C GLY B 178 3.75 -7.01 -11.13
N LEU B 179 2.45 -7.17 -10.82
CA LEU B 179 2.00 -8.03 -9.73
C LEU B 179 1.79 -9.50 -10.13
N ALA B 180 1.50 -9.75 -11.40
CA ALA B 180 1.18 -11.10 -11.85
C ALA B 180 2.35 -12.05 -11.62
N PHE B 181 3.51 -11.65 -12.12
CA PHE B 181 4.71 -12.46 -11.99
C PHE B 181 5.93 -11.58 -11.68
N ALA C 16 16.31 -6.10 -5.35
CA ALA C 16 15.92 -5.31 -4.17
C ALA C 16 16.11 -3.79 -4.34
N LEU C 17 17.00 -3.39 -5.24
CA LEU C 17 17.11 -1.99 -5.62
C LEU C 17 15.93 -1.62 -6.51
N VAL C 18 15.54 -2.54 -7.39
CA VAL C 18 14.43 -2.28 -8.29
C VAL C 18 13.12 -2.22 -7.50
N ASP C 19 12.99 -3.07 -6.48
CA ASP C 19 11.85 -3.00 -5.56
C ASP C 19 11.81 -1.58 -4.99
N GLY C 20 12.98 -1.10 -4.59
CA GLY C 20 13.14 0.26 -4.12
C GLY C 20 12.61 1.29 -5.10
N PHE C 21 13.01 1.16 -6.38
CA PHE C 21 12.51 2.05 -7.42
C PHE C 21 10.98 1.96 -7.56
N LEU C 22 10.44 0.74 -7.63
CA LEU C 22 8.98 0.55 -7.73
C LEU C 22 8.22 1.26 -6.62
N GLU C 23 8.59 1.00 -5.37
CA GLU C 23 7.90 1.57 -4.21
C GLU C 23 7.99 3.09 -4.21
N LEU C 24 9.06 3.61 -4.77
CA LEU C 24 9.23 5.05 -4.89
C LEU C 24 8.14 5.66 -5.80
N GLU C 25 7.92 5.04 -6.97
CA GLU C 25 6.92 5.51 -7.93
C GLU C 25 5.48 5.30 -7.45
N ARG C 26 5.28 4.27 -6.64
CA ARG C 26 3.97 3.95 -6.08
C ARG C 26 3.68 4.73 -4.80
N SER C 27 4.48 5.74 -4.49
CA SER C 27 4.36 6.35 -3.18
C SER C 27 3.28 7.43 -3.08
N SER C 28 2.32 7.23 -2.19
CA SER C 28 1.15 8.12 -2.14
C SER C 28 1.39 9.51 -1.52
N GLY C 29 2.22 9.58 -0.48
CA GLY C 29 2.46 10.83 0.23
C GLY C 29 3.90 11.09 0.65
N LYS C 30 4.18 12.34 1.05
CA LYS C 30 5.54 12.80 1.35
C LYS C 30 6.30 11.89 2.31
N LEU C 31 5.64 11.43 3.37
CA LEU C 31 6.32 10.65 4.39
C LEU C 31 6.86 9.36 3.81
N GLU C 32 5.95 8.56 3.25
CA GLU C 32 6.29 7.27 2.65
C GLU C 32 7.39 7.42 1.60
N TRP C 33 7.25 8.40 0.72
CA TRP C 33 8.21 8.66 -0.34
C TRP C 33 9.57 8.99 0.26
N SER C 34 9.54 9.87 1.26
CA SER C 34 10.74 10.40 1.87
C SER C 34 11.54 9.25 2.48
N ALA C 35 10.81 8.38 3.15
CA ALA C 35 11.40 7.28 3.90
C ALA C 35 12.10 6.31 2.94
N ILE C 36 11.45 6.05 1.81
CA ILE C 36 11.98 5.11 0.84
C ILE C 36 13.25 5.68 0.21
N LEU C 37 13.23 6.97 -0.10
CA LEU C 37 14.45 7.60 -0.59
C LEU C 37 15.60 7.49 0.43
N GLN C 38 15.30 7.49 1.73
CA GLN C 38 16.39 7.35 2.68
C GLN C 38 16.79 5.92 2.86
N LYS C 39 15.82 5.02 2.85
CA LYS C 39 16.11 3.60 2.96
C LYS C 39 17.07 3.25 1.84
N MET C 40 16.77 3.71 0.62
CA MET C 40 17.62 3.38 -0.50
C MET C 40 19.01 4.02 -0.44
N ALA C 41 19.06 5.31 -0.13
CA ALA C 41 20.36 5.94 0.05
C ALA C 41 21.16 5.09 1.02
N SER C 42 20.55 4.73 2.14
CA SER C 42 21.29 4.03 3.19
C SER C 42 21.69 2.60 2.79
N ASP C 43 20.84 1.90 2.04
CA ASP C 43 21.22 0.57 1.58
C ASP C 43 22.45 0.62 0.65
N LEU C 44 22.64 1.74 -0.05
CA LEU C 44 23.71 1.90 -1.03
C LEU C 44 24.96 2.53 -0.43
N GLY C 45 25.05 2.56 0.90
CA GLY C 45 26.22 3.12 1.55
C GLY C 45 26.22 4.59 1.91
N PHE C 46 25.15 5.31 1.56
CA PHE C 46 25.10 6.73 1.88
C PHE C 46 24.22 6.99 3.11
N SER C 47 24.88 7.22 4.24
CA SER C 47 24.16 7.47 5.49
C SER C 47 23.45 8.83 5.54
N LYS C 48 23.86 9.78 4.70
CA LYS C 48 23.20 11.09 4.67
C LYS C 48 22.65 11.47 3.30
N ILE C 49 21.48 12.09 3.28
CA ILE C 49 20.80 12.32 2.02
C ILE C 49 19.92 13.54 2.13
N LEU C 50 19.88 14.30 1.04
CA LEU C 50 19.01 15.45 0.95
C LEU C 50 18.48 15.59 -0.47
N PHE C 51 17.20 15.97 -0.56
CA PHE C 51 16.50 16.21 -1.80
C PHE C 51 15.90 17.59 -1.62
N GLY C 52 16.24 18.50 -2.53
CA GLY C 52 15.78 19.87 -2.45
C GLY C 52 15.23 20.30 -3.78
N LEU C 53 13.99 20.78 -3.79
CA LEU C 53 13.31 21.10 -5.04
C LEU C 53 12.58 22.45 -4.97
N LEU C 54 12.63 23.19 -6.09
CA LEU C 54 12.01 24.50 -6.20
C LEU C 54 11.20 24.56 -7.48
N PRO C 55 10.14 25.39 -7.46
CA PRO C 55 9.31 25.68 -8.64
C PRO C 55 10.13 26.40 -9.71
N LYS C 56 9.58 26.59 -10.91
CA LYS C 56 10.30 27.32 -11.95
C LYS C 56 10.49 28.78 -11.60
N ASP C 57 11.75 29.19 -11.50
CA ASP C 57 12.13 30.57 -11.19
C ASP C 57 11.84 30.96 -9.74
N SER C 58 12.23 30.09 -8.80
CA SER C 58 12.00 30.35 -7.40
C SER C 58 13.32 30.51 -6.66
N GLN C 59 13.57 31.71 -6.17
CA GLN C 59 14.81 31.99 -5.44
C GLN C 59 14.63 31.81 -3.93
N ASP C 60 13.38 31.78 -3.48
CA ASP C 60 13.04 31.53 -2.08
C ASP C 60 13.63 30.19 -1.61
N TYR C 61 14.96 30.09 -1.62
CA TYR C 61 15.66 28.86 -1.22
C TYR C 61 15.16 28.25 0.09
N GLU C 62 15.20 29.03 1.18
CA GLU C 62 14.80 28.50 2.48
C GLU C 62 13.38 27.93 2.44
N ASN C 63 12.60 28.34 1.44
CA ASN C 63 11.22 27.87 1.28
C ASN C 63 11.06 26.80 0.19
N ALA C 64 12.11 26.00 -0.05
CA ALA C 64 12.03 24.89 -1.00
C ALA C 64 11.57 23.62 -0.29
N PHE C 65 11.05 22.68 -1.06
CA PHE C 65 10.78 21.34 -0.59
C PHE C 65 12.12 20.70 -0.24
N ILE C 66 12.32 20.34 1.02
CA ILE C 66 13.58 19.72 1.42
C ILE C 66 13.32 18.57 2.39
N VAL C 67 13.64 17.34 1.97
CA VAL C 67 13.55 16.19 2.86
C VAL C 67 14.90 15.54 2.96
N GLY C 68 15.02 14.56 3.85
CA GLY C 68 16.24 13.80 4.02
C GLY C 68 16.59 13.65 5.47
N ASN C 69 17.87 13.43 5.76
CA ASN C 69 18.29 13.26 7.13
C ASN C 69 19.64 13.87 7.44
N TYR C 70 20.00 14.93 6.75
CA TYR C 70 21.13 15.73 7.19
C TYR C 70 20.95 16.04 8.67
N PRO C 71 22.05 16.09 9.44
CA PRO C 71 21.95 16.40 10.86
C PRO C 71 20.91 17.46 11.17
N ALA C 72 20.05 17.21 12.14
CA ALA C 72 19.00 18.13 12.49
C ALA C 72 19.58 19.49 12.88
N ALA C 73 20.78 19.48 13.47
CA ALA C 73 21.47 20.71 13.85
C ALA C 73 21.94 21.48 12.62
N TRP C 74 22.77 20.85 11.79
CA TRP C 74 23.26 21.44 10.54
C TRP C 74 22.17 22.02 9.64
N ARG C 75 21.05 21.32 9.49
CA ARG C 75 20.01 21.79 8.58
C ARG C 75 19.44 23.12 9.08
N GLU C 76 18.96 23.12 10.31
CA GLU C 76 18.37 24.32 10.91
C GLU C 76 19.36 25.49 10.96
N HIS C 77 20.65 25.19 11.10
CA HIS C 77 21.70 26.20 10.97
C HIS C 77 21.86 26.63 9.52
N TYR C 78 21.97 25.65 8.65
CA TYR C 78 22.18 25.88 7.22
C TYR C 78 21.35 27.03 6.70
N ASP C 79 20.04 26.95 6.94
CA ASP C 79 19.10 27.93 6.40
C ASP C 79 19.17 29.26 7.14
N ARG C 80 19.29 29.21 8.46
CA ARG C 80 19.42 30.41 9.28
C ARG C 80 20.41 31.39 8.65
N ALA C 81 21.60 30.91 8.35
CA ALA C 81 22.65 31.77 7.78
C ALA C 81 22.81 31.60 6.26
N GLY C 82 21.74 31.22 5.59
CA GLY C 82 21.70 31.21 4.12
C GLY C 82 22.87 30.58 3.39
N TYR C 83 23.38 29.47 3.94
CA TYR C 83 24.51 28.78 3.32
C TYR C 83 24.19 28.37 1.89
N ALA C 84 22.92 28.47 1.55
CA ALA C 84 22.44 28.11 0.21
C ALA C 84 23.03 29.05 -0.83
N ARG C 85 23.35 30.27 -0.42
CA ARG C 85 23.85 31.27 -1.34
C ARG C 85 25.36 31.12 -1.54
N VAL C 86 25.97 30.28 -0.71
CA VAL C 86 27.43 30.14 -0.67
C VAL C 86 27.91 28.76 -1.06
N ASP C 87 27.03 27.79 -0.84
CA ASP C 87 27.28 26.38 -1.16
C ASP C 87 27.63 26.22 -2.64
N PRO C 88 28.82 25.68 -2.94
CA PRO C 88 29.22 25.49 -4.34
C PRO C 88 28.20 24.62 -5.05
N THR C 89 27.94 23.46 -4.46
CA THR C 89 27.03 22.49 -5.05
C THR C 89 25.65 23.10 -5.42
N VAL C 90 25.20 24.11 -4.65
CA VAL C 90 23.88 24.73 -4.88
C VAL C 90 23.83 25.63 -6.10
N SER C 91 24.98 26.16 -6.49
CA SER C 91 25.06 26.99 -7.69
C SER C 91 25.44 26.15 -8.90
N HIS C 92 26.27 25.13 -8.68
CA HIS C 92 26.58 24.15 -9.71
C HIS C 92 25.28 23.60 -10.29
N CYS C 93 24.37 23.18 -9.41
CA CYS C 93 23.10 22.63 -9.82
C CYS C 93 22.36 23.60 -10.74
N THR C 94 22.33 24.88 -10.37
CA THR C 94 21.55 25.85 -11.13
C THR C 94 22.15 26.16 -12.51
N GLN C 95 23.43 25.84 -12.70
CA GLN C 95 24.08 26.15 -13.96
C GLN C 95 24.65 24.91 -14.67
N SER C 96 24.20 23.71 -14.28
CA SER C 96 24.65 22.47 -14.92
C SER C 96 23.71 21.29 -14.70
N VAL C 97 23.97 20.19 -15.39
CA VAL C 97 23.21 18.94 -15.20
C VAL C 97 24.11 17.78 -14.77
N LEU C 98 25.41 18.05 -14.63
CA LEU C 98 26.38 17.01 -14.32
C LEU C 98 26.56 16.78 -12.80
N PRO C 99 26.79 15.52 -12.38
CA PRO C 99 27.08 15.27 -10.97
C PRO C 99 28.38 15.94 -10.54
N ILE C 100 28.38 16.55 -9.37
CA ILE C 100 29.59 17.15 -8.83
C ILE C 100 30.07 16.41 -7.58
N PHE C 101 31.17 15.69 -7.68
CA PHE C 101 31.74 15.08 -6.48
C PHE C 101 32.21 16.18 -5.54
N TRP C 102 32.36 15.87 -4.25
CA TRP C 102 32.81 16.87 -3.27
C TRP C 102 34.31 16.84 -3.04
N GLU C 103 35.06 17.40 -3.99
CA GLU C 103 36.48 17.67 -3.81
C GLU C 103 36.58 18.97 -3.00
N PRO C 104 37.76 19.26 -2.44
CA PRO C 104 37.95 20.53 -1.72
C PRO C 104 38.05 21.68 -2.72
N SER C 105 38.23 21.31 -3.99
CA SER C 105 38.38 22.24 -5.10
C SER C 105 37.17 23.15 -5.30
N ILE C 106 35.97 22.58 -5.13
CA ILE C 106 34.72 23.30 -5.39
C ILE C 106 34.49 24.47 -4.43
N TYR C 107 35.27 24.50 -3.36
CA TYR C 107 35.21 25.62 -2.43
C TYR C 107 36.35 26.57 -2.76
N GLN C 108 36.04 27.67 -3.43
CA GLN C 108 37.07 28.59 -3.91
C GLN C 108 37.26 29.80 -3.00
N THR C 109 36.16 30.52 -2.75
CA THR C 109 36.22 31.80 -2.05
C THR C 109 36.35 31.68 -0.53
N ARG C 110 36.48 32.83 0.13
CA ARG C 110 36.69 32.92 1.58
C ARG C 110 35.49 32.46 2.41
N LYS C 111 34.28 32.91 2.04
CA LYS C 111 33.07 32.47 2.73
C LYS C 111 32.87 30.98 2.49
N GLN C 112 33.12 30.53 1.27
CA GLN C 112 33.04 29.12 0.90
C GLN C 112 33.99 28.25 1.74
N HIS C 113 35.22 28.72 1.92
CA HIS C 113 36.18 27.99 2.76
C HIS C 113 35.65 27.89 4.19
N GLU C 114 35.00 28.94 4.67
CA GLU C 114 34.36 28.90 5.98
C GLU C 114 33.26 27.83 5.97
N PHE C 115 32.74 27.56 4.78
CA PHE C 115 31.67 26.59 4.59
C PHE C 115 32.20 25.15 4.65
N PHE C 116 33.28 24.87 3.93
CA PHE C 116 33.86 23.53 3.92
C PHE C 116 34.12 23.03 5.35
N GLU C 117 34.57 23.91 6.23
CA GLU C 117 34.93 23.52 7.60
C GLU C 117 33.71 23.23 8.49
N GLU C 118 32.64 24.00 8.33
CA GLU C 118 31.43 23.78 9.13
C GLU C 118 30.73 22.47 8.76
N ALA C 119 30.72 22.17 7.46
CA ALA C 119 30.14 20.93 6.94
C ALA C 119 30.91 19.68 7.38
N SER C 120 32.23 19.74 7.29
CA SER C 120 33.06 18.61 7.72
C SER C 120 32.81 18.30 9.19
N ALA C 121 32.40 19.31 9.94
CA ALA C 121 32.21 19.18 11.38
C ALA C 121 30.94 18.36 11.69
N ALA C 122 29.93 18.55 10.84
CA ALA C 122 28.65 17.86 11.01
C ALA C 122 28.62 16.52 10.27
N GLY C 123 29.72 16.21 9.57
CA GLY C 123 29.92 14.89 8.99
C GLY C 123 29.72 14.79 7.48
N LEU C 124 29.61 15.95 6.82
CA LEU C 124 29.42 16.03 5.38
C LEU C 124 30.75 16.21 4.65
N VAL C 125 31.55 15.16 4.57
CA VAL C 125 32.85 15.26 3.96
C VAL C 125 32.89 14.74 2.53
N TYR C 126 32.78 13.43 2.40
CA TYR C 126 32.81 12.79 1.09
C TYR C 126 31.39 12.56 0.61
N GLY C 127 31.08 13.08 -0.58
CA GLY C 127 29.76 12.90 -1.18
C GLY C 127 29.68 13.44 -2.60
N LEU C 128 28.46 13.62 -3.10
CA LEU C 128 28.22 14.16 -4.45
C LEU C 128 26.86 14.82 -4.49
N THR C 129 26.65 15.71 -5.46
CA THR C 129 25.36 16.37 -5.60
C THR C 129 24.83 16.33 -7.03
N MET C 130 23.81 15.49 -7.28
CA MET C 130 23.19 15.38 -8.60
C MET C 130 22.14 16.44 -8.82
N PRO C 131 22.35 17.28 -9.84
CA PRO C 131 21.42 18.38 -10.10
C PRO C 131 20.08 17.88 -10.63
N LEU C 132 19.02 18.60 -10.29
CA LEU C 132 17.67 18.17 -10.60
C LEU C 132 16.97 19.19 -11.49
N HIS C 133 16.67 18.76 -12.71
CA HIS C 133 15.95 19.59 -13.66
C HIS C 133 14.60 18.98 -14.06
N GLY C 134 13.57 19.42 -13.36
CA GLY C 134 12.24 18.84 -13.49
C GLY C 134 11.62 19.13 -14.84
N ALA C 135 10.92 18.13 -15.38
CA ALA C 135 10.36 18.24 -16.72
C ALA C 135 9.29 19.33 -16.80
N ARG C 136 9.00 19.99 -15.68
CA ARG C 136 8.03 21.09 -15.69
C ARG C 136 8.53 22.36 -14.99
N GLY C 137 9.78 22.74 -15.24
CA GLY C 137 10.32 24.00 -14.73
C GLY C 137 10.97 23.97 -13.34
N GLU C 138 11.10 22.79 -12.75
CA GLU C 138 11.63 22.70 -11.39
C GLU C 138 13.15 22.67 -11.38
N LEU C 139 13.73 23.18 -10.30
CA LEU C 139 15.18 23.19 -10.11
C LEU C 139 15.51 22.68 -8.73
N GLY C 140 16.41 21.71 -8.65
CA GLY C 140 16.77 21.16 -7.36
C GLY C 140 18.11 20.47 -7.24
N ALA C 141 18.31 19.83 -6.08
CA ALA C 141 19.54 19.09 -5.79
C ALA C 141 19.23 17.77 -5.08
N LEU C 142 19.90 16.70 -5.50
CA LEU C 142 19.86 15.44 -4.78
C LEU C 142 21.27 15.20 -4.29
N SER C 143 21.50 15.28 -2.99
CA SER C 143 22.83 15.07 -2.43
C SER C 143 22.86 13.82 -1.58
N LEU C 144 23.96 13.09 -1.65
CA LEU C 144 24.19 11.92 -0.82
C LEU C 144 25.64 11.98 -0.32
N SER C 145 25.90 11.61 0.93
CA SER C 145 27.25 11.64 1.48
C SER C 145 27.64 10.29 2.09
N VAL C 146 28.90 9.91 1.92
CA VAL C 146 29.34 8.58 2.30
C VAL C 146 30.45 8.57 3.34
N GLU C 147 30.44 7.56 4.20
CA GLU C 147 31.53 7.31 5.14
C GLU C 147 32.64 6.59 4.40
N ALA C 148 33.78 7.24 4.26
CA ALA C 148 34.91 6.69 3.51
C ALA C 148 36.17 6.89 4.31
N GLU C 149 37.14 5.97 4.16
CA GLU C 149 38.43 6.13 4.82
C GLU C 149 39.14 7.39 4.35
N ASN C 150 39.10 7.60 3.05
CA ASN C 150 39.83 8.69 2.45
C ASN C 150 39.18 9.06 1.13
N ARG C 151 39.23 10.35 0.81
CA ARG C 151 38.69 10.89 -0.43
C ARG C 151 38.86 9.97 -1.64
N ALA C 152 40.00 9.30 -1.74
CA ALA C 152 40.27 8.46 -2.90
C ALA C 152 39.38 7.22 -2.96
N GLU C 153 39.17 6.58 -1.81
CA GLU C 153 38.33 5.38 -1.73
C GLU C 153 36.85 5.72 -1.92
N ALA C 154 36.46 6.91 -1.48
CA ALA C 154 35.11 7.41 -1.66
C ALA C 154 34.85 7.76 -3.13
N ASN C 155 35.84 8.35 -3.78
CA ASN C 155 35.73 8.70 -5.20
C ASN C 155 35.61 7.44 -6.05
N ARG C 156 36.42 6.42 -5.77
CA ARG C 156 36.27 5.16 -6.49
C ARG C 156 34.83 4.66 -6.33
N PHE C 157 34.44 4.40 -5.08
CA PHE C 157 33.10 3.96 -4.70
C PHE C 157 31.93 4.73 -5.38
N MET C 158 31.98 6.05 -5.39
CA MET C 158 30.90 6.82 -6.00
C MET C 158 30.87 6.66 -7.53
N GLU C 159 32.03 6.59 -8.16
CA GLU C 159 32.09 6.28 -9.58
C GLU C 159 31.44 4.92 -9.87
N SER C 160 31.71 3.95 -9.02
CA SER C 160 31.27 2.58 -9.21
C SER C 160 29.75 2.37 -9.06
N VAL C 161 29.10 3.22 -8.27
CA VAL C 161 27.64 3.15 -8.05
C VAL C 161 26.87 4.30 -8.70
N LEU C 162 27.58 5.26 -9.28
CA LEU C 162 26.95 6.39 -9.96
C LEU C 162 25.91 6.02 -11.05
N PRO C 163 25.98 4.82 -11.65
CA PRO C 163 24.90 4.50 -12.62
C PRO C 163 23.58 4.22 -11.91
N THR C 164 23.64 3.37 -10.88
CA THR C 164 22.52 3.12 -9.98
C THR C 164 21.95 4.43 -9.35
N LEU C 165 22.83 5.38 -9.06
CA LEU C 165 22.41 6.66 -8.51
C LEU C 165 21.78 7.56 -9.55
N TRP C 166 22.14 7.37 -10.83
CA TRP C 166 21.54 8.22 -11.86
C TRP C 166 20.11 7.75 -12.09
N MET C 167 19.91 6.44 -11.93
CA MET C 167 18.57 5.89 -12.05
C MET C 167 17.74 6.27 -10.84
N LEU C 168 18.36 6.29 -9.67
CA LEU C 168 17.70 6.72 -8.45
C LEU C 168 17.21 8.14 -8.63
N LYS C 169 18.10 9.03 -9.06
CA LYS C 169 17.74 10.43 -9.32
C LYS C 169 16.49 10.47 -10.19
N ASP C 170 16.54 9.77 -11.32
CA ASP C 170 15.40 9.73 -12.23
C ASP C 170 14.07 9.32 -11.59
N TYR C 171 14.01 8.14 -10.98
CA TYR C 171 12.83 7.77 -10.21
C TYR C 171 12.52 8.80 -9.11
N ALA C 172 13.53 9.37 -8.49
CA ALA C 172 13.26 10.31 -7.40
C ALA C 172 12.69 11.63 -7.90
N LEU C 173 13.23 12.13 -9.00
CA LEU C 173 12.73 13.36 -9.60
C LEU C 173 11.29 13.25 -10.11
N GLN C 174 11.01 12.23 -10.92
CA GLN C 174 9.66 12.03 -11.46
C GLN C 174 8.62 11.95 -10.34
N SER C 175 8.82 11.04 -9.41
CA SER C 175 7.83 10.81 -8.35
C SER C 175 7.73 11.93 -7.33
N GLY C 176 8.86 12.51 -6.93
CA GLY C 176 8.86 13.52 -5.89
C GLY C 176 8.39 14.90 -6.33
N ALA C 177 8.66 15.27 -7.58
CA ALA C 177 8.22 16.56 -8.09
C ALA C 177 6.71 16.74 -7.91
N GLY C 178 5.95 15.69 -8.23
CA GLY C 178 4.51 15.75 -8.10
C GLY C 178 3.97 15.74 -6.67
N LEU C 179 4.86 15.67 -5.67
CA LEU C 179 4.42 15.69 -4.28
C LEU C 179 4.43 17.10 -3.68
N ALA C 180 5.60 17.73 -3.64
CA ALA C 180 5.67 19.13 -3.18
C ALA C 180 4.67 20.02 -3.91
N PHE C 181 4.66 19.94 -5.24
CA PHE C 181 3.85 20.82 -6.08
C PHE C 181 2.63 20.09 -6.67
N ALA D 16 2.49 14.55 13.00
CA ALA D 16 3.55 13.94 12.21
C ALA D 16 4.03 12.59 12.76
N LEU D 17 4.46 12.54 14.02
CA LEU D 17 4.76 11.25 14.62
C LEU D 17 3.61 10.28 14.45
N VAL D 18 2.42 10.72 14.83
CA VAL D 18 1.25 9.83 14.80
C VAL D 18 0.89 9.46 13.37
N ASP D 19 1.17 10.37 12.44
CA ASP D 19 0.98 10.07 11.02
C ASP D 19 1.95 8.98 10.62
N GLY D 20 3.15 9.06 11.18
CA GLY D 20 4.13 8.01 11.00
C GLY D 20 3.64 6.67 11.52
N PHE D 21 3.08 6.63 12.74
CA PHE D 21 2.65 5.38 13.33
C PHE D 21 1.60 4.69 12.43
N LEU D 22 0.63 5.46 11.95
CA LEU D 22 -0.44 4.89 11.15
C LEU D 22 0.07 4.44 9.77
N GLU D 23 0.98 5.19 9.16
CA GLU D 23 1.62 4.74 7.93
C GLU D 23 2.39 3.44 8.16
N LEU D 24 2.93 3.28 9.37
CA LEU D 24 3.58 2.03 9.75
C LEU D 24 2.58 0.87 9.84
N GLU D 25 1.46 1.14 10.49
CA GLU D 25 0.45 0.12 10.72
C GLU D 25 -0.12 -0.35 9.38
N ARG D 26 -0.24 0.59 8.47
CA ARG D 26 -0.85 0.31 7.18
C ARG D 26 0.10 -0.17 6.07
N SER D 27 1.37 -0.41 6.39
CA SER D 27 2.28 -0.91 5.38
C SER D 27 1.89 -2.31 4.96
N SER D 28 2.02 -2.61 3.67
CA SER D 28 1.69 -3.96 3.22
C SER D 28 2.91 -4.72 2.69
N GLY D 29 4.07 -4.08 2.68
CA GLY D 29 5.27 -4.80 2.31
C GLY D 29 6.51 -4.47 3.12
N LYS D 30 7.35 -5.47 3.36
CA LYS D 30 8.60 -5.34 4.10
C LYS D 30 9.44 -4.11 3.73
N LEU D 31 9.63 -3.86 2.44
CA LEU D 31 10.45 -2.71 2.05
C LEU D 31 9.93 -1.37 2.58
N GLU D 32 8.64 -1.11 2.36
CA GLU D 32 8.02 0.14 2.78
C GLU D 32 7.90 0.24 4.30
N TRP D 33 7.50 -0.86 4.93
CA TRP D 33 7.41 -0.94 6.37
C TRP D 33 8.78 -0.64 6.96
N SER D 34 9.82 -1.23 6.39
CA SER D 34 11.20 -1.05 6.85
C SER D 34 11.62 0.39 6.78
N ALA D 35 11.36 1.00 5.63
CA ALA D 35 11.78 2.36 5.36
C ALA D 35 11.10 3.33 6.32
N ILE D 36 9.79 3.20 6.49
CA ILE D 36 9.07 4.01 7.47
C ILE D 36 9.63 3.81 8.90
N LEU D 37 9.93 2.57 9.29
CA LEU D 37 10.51 2.33 10.62
C LEU D 37 11.85 3.07 10.84
N GLN D 38 12.72 3.01 9.84
CA GLN D 38 13.97 3.77 9.84
C GLN D 38 13.74 5.28 9.82
N LYS D 39 12.76 5.73 9.03
CA LYS D 39 12.57 7.17 8.88
C LYS D 39 12.13 7.77 10.21
N MET D 40 11.34 6.99 10.92
CA MET D 40 10.89 7.41 12.24
C MET D 40 11.93 7.36 13.34
N ALA D 41 12.76 6.31 13.40
CA ALA D 41 13.88 6.32 14.31
C ALA D 41 14.75 7.56 14.01
N SER D 42 15.07 7.77 12.73
CA SER D 42 15.90 8.92 12.35
C SER D 42 15.28 10.27 12.79
N ASP D 43 13.99 10.49 12.50
CA ASP D 43 13.27 11.70 12.90
C ASP D 43 13.35 11.92 14.42
N LEU D 44 13.40 10.81 15.16
CA LEU D 44 13.45 10.84 16.61
C LEU D 44 14.89 10.94 17.16
N GLY D 45 15.88 11.03 16.28
CA GLY D 45 17.23 11.27 16.77
C GLY D 45 18.12 10.04 16.77
N PHE D 46 17.55 8.93 16.33
CA PHE D 46 18.26 7.66 16.39
C PHE D 46 18.72 7.27 14.97
N SER D 47 20.04 7.41 14.74
CA SER D 47 20.63 7.18 13.43
C SER D 47 20.79 5.69 13.06
N LYS D 48 20.70 4.80 14.05
CA LYS D 48 20.81 3.34 13.83
C LYS D 48 19.66 2.63 14.49
N ILE D 49 19.06 1.66 13.79
CA ILE D 49 17.97 0.86 14.36
C ILE D 49 17.93 -0.54 13.78
N LEU D 50 17.55 -1.51 14.59
CA LEU D 50 17.42 -2.88 14.14
C LEU D 50 16.18 -3.48 14.74
N PHE D 51 15.36 -4.13 13.92
CA PHE D 51 14.19 -4.84 14.38
C PHE D 51 14.40 -6.28 13.97
N GLY D 52 14.44 -7.18 14.95
CA GLY D 52 14.63 -8.58 14.66
C GLY D 52 13.54 -9.44 15.28
N LEU D 53 13.10 -10.49 14.59
CA LEU D 53 11.92 -11.24 15.03
C LEU D 53 12.05 -12.72 14.62
N LEU D 54 11.50 -13.58 15.45
CA LEU D 54 11.58 -15.03 15.31
C LEU D 54 10.19 -15.55 15.59
N PRO D 55 9.74 -16.52 14.78
CA PRO D 55 8.44 -17.19 14.95
C PRO D 55 8.50 -17.98 16.23
N LYS D 56 7.34 -18.27 16.86
CA LYS D 56 7.30 -19.01 18.13
C LYS D 56 8.19 -20.24 18.13
N ASP D 57 9.17 -20.27 19.04
CA ASP D 57 10.09 -21.40 19.20
C ASP D 57 11.04 -21.62 18.03
N SER D 58 11.96 -20.67 17.83
CA SER D 58 12.97 -20.80 16.80
C SER D 58 14.35 -20.44 17.34
N GLN D 59 15.38 -20.66 16.52
CA GLN D 59 16.77 -20.36 16.87
C GLN D 59 17.56 -19.89 15.65
N ASP D 60 16.90 -19.85 14.51
CA ASP D 60 17.53 -19.45 13.26
C ASP D 60 18.42 -18.22 13.47
N TYR D 61 18.26 -17.61 14.63
CA TYR D 61 18.89 -16.35 15.00
C TYR D 61 19.44 -15.51 13.84
N GLU D 62 20.63 -15.86 13.33
CA GLU D 62 21.22 -15.08 12.24
C GLU D 62 20.31 -15.01 11.00
N ASN D 63 19.45 -16.02 10.85
CA ASN D 63 18.43 -16.03 9.81
C ASN D 63 17.01 -15.86 10.36
N ALA D 64 16.89 -14.98 11.36
CA ALA D 64 15.59 -14.51 11.84
C ALA D 64 15.11 -13.48 10.82
N PHE D 65 14.02 -12.79 11.09
CA PHE D 65 13.62 -11.67 10.23
C PHE D 65 14.31 -10.45 10.83
N ILE D 66 15.13 -9.77 10.05
CA ILE D 66 15.97 -8.68 10.60
C ILE D 66 16.10 -7.51 9.65
N VAL D 67 15.50 -6.37 9.98
CA VAL D 67 15.65 -5.19 9.13
C VAL D 67 16.27 -4.05 9.91
N GLY D 68 16.79 -3.05 9.19
CA GLY D 68 17.27 -1.85 9.82
C GLY D 68 18.41 -1.24 9.04
N ASN D 69 19.21 -0.40 9.70
CA ASN D 69 20.35 0.23 9.05
C ASN D 69 21.59 0.17 9.92
N TYR D 70 21.77 -0.89 10.73
CA TYR D 70 23.05 -1.11 11.40
C TYR D 70 24.16 -1.11 10.34
N PRO D 71 25.37 -0.68 10.70
CA PRO D 71 26.51 -0.71 9.76
C PRO D 71 26.67 -2.07 9.04
N ALA D 72 26.80 -2.01 7.72
CA ALA D 72 26.75 -3.22 6.91
C ALA D 72 27.76 -4.25 7.37
N ALA D 73 28.93 -3.77 7.75
CA ALA D 73 30.01 -4.66 8.17
C ALA D 73 29.81 -5.25 9.55
N TRP D 74 29.18 -4.52 10.46
CA TRP D 74 28.88 -5.07 11.78
C TRP D 74 27.82 -6.13 11.60
N ARG D 75 26.84 -5.86 10.76
CA ARG D 75 25.78 -6.88 10.56
C ARG D 75 26.35 -8.23 10.02
N GLU D 76 27.13 -8.17 8.95
CA GLU D 76 27.87 -9.31 8.39
C GLU D 76 28.60 -10.06 9.49
N HIS D 77 29.44 -9.32 10.21
CA HIS D 77 30.26 -9.92 11.23
C HIS D 77 29.41 -10.53 12.34
N TYR D 78 28.38 -9.80 12.78
CA TYR D 78 27.49 -10.27 13.82
C TYR D 78 26.87 -11.61 13.42
N ASP D 79 26.46 -11.72 12.18
CA ASP D 79 25.79 -12.95 11.82
C ASP D 79 26.79 -14.07 11.53
N ARG D 80 27.90 -13.78 10.86
CA ARG D 80 28.92 -14.81 10.67
C ARG D 80 29.43 -15.36 12.00
N ALA D 81 29.61 -14.51 12.99
CA ALA D 81 30.09 -14.94 14.31
C ALA D 81 29.01 -15.53 15.25
N GLY D 82 27.74 -15.53 14.83
CA GLY D 82 26.65 -15.98 15.69
C GLY D 82 26.58 -15.14 16.98
N TYR D 83 26.85 -13.85 16.88
CA TYR D 83 26.89 -12.98 18.06
C TYR D 83 25.57 -12.91 18.87
N ALA D 84 24.46 -13.31 18.26
CA ALA D 84 23.17 -13.31 18.94
C ALA D 84 23.20 -14.20 20.17
N ARG D 85 24.11 -15.16 20.20
CA ARG D 85 24.15 -16.09 21.31
C ARG D 85 25.02 -15.52 22.44
N VAL D 86 25.68 -14.39 22.15
CA VAL D 86 26.56 -13.74 23.12
C VAL D 86 25.98 -12.42 23.61
N ASP D 87 25.39 -11.67 22.69
CA ASP D 87 24.88 -10.32 22.92
C ASP D 87 23.92 -10.29 24.11
N PRO D 88 24.25 -9.56 25.18
CA PRO D 88 23.35 -9.61 26.34
C PRO D 88 21.97 -8.96 26.11
N THR D 89 21.84 -8.13 25.11
CA THR D 89 20.54 -7.55 24.88
C THR D 89 19.57 -8.63 24.32
N VAL D 90 20.10 -9.69 23.72
CA VAL D 90 19.27 -10.76 23.16
C VAL D 90 18.76 -11.73 24.22
N SER D 91 19.67 -12.27 25.03
CA SER D 91 19.20 -13.06 26.16
C SER D 91 18.28 -12.26 27.12
N HIS D 92 18.52 -10.95 27.28
CA HIS D 92 17.56 -10.11 28.01
C HIS D 92 16.14 -10.17 27.41
N CYS D 93 16.00 -9.97 26.10
CA CYS D 93 14.68 -10.03 25.47
C CYS D 93 13.94 -11.34 25.71
N THR D 94 14.68 -12.44 25.77
CA THR D 94 14.03 -13.74 25.92
C THR D 94 13.48 -13.92 27.35
N GLN D 95 14.03 -13.19 28.30
CA GLN D 95 13.60 -13.37 29.69
C GLN D 95 13.06 -12.12 30.41
N SER D 96 12.54 -11.17 29.63
CA SER D 96 12.03 -9.94 30.23
C SER D 96 11.16 -9.14 29.26
N VAL D 97 10.38 -8.22 29.83
CA VAL D 97 9.55 -7.35 29.02
C VAL D 97 10.10 -5.96 29.05
N LEU D 98 10.94 -5.66 30.02
CA LEU D 98 11.50 -4.31 30.17
C LEU D 98 12.55 -3.97 29.12
N PRO D 99 12.62 -2.69 28.72
CA PRO D 99 13.72 -2.21 27.87
C PRO D 99 14.99 -2.32 28.63
N ILE D 100 16.09 -2.43 27.91
CA ILE D 100 17.42 -2.49 28.53
C ILE D 100 18.33 -1.48 27.85
N PHE D 101 18.91 -0.58 28.64
CA PHE D 101 19.79 0.47 28.14
C PHE D 101 21.19 -0.10 28.04
N TRP D 102 21.95 0.33 27.04
CA TRP D 102 23.31 -0.18 26.84
C TRP D 102 24.39 0.36 27.80
N GLU D 103 24.34 -0.01 29.07
CA GLU D 103 25.44 0.34 29.97
C GLU D 103 26.50 -0.78 29.99
N PRO D 104 27.81 -0.43 30.13
CA PRO D 104 28.88 -1.44 30.23
C PRO D 104 28.59 -2.55 31.25
N SER D 105 27.86 -2.23 32.31
CA SER D 105 27.56 -3.24 33.30
C SER D 105 26.76 -4.42 32.76
N ILE D 106 26.09 -4.26 31.63
CA ILE D 106 25.25 -5.34 31.12
C ILE D 106 26.11 -6.42 30.50
N TYR D 107 27.39 -6.11 30.30
CA TYR D 107 28.34 -7.02 29.66
C TYR D 107 29.17 -7.81 30.68
N GLN D 108 28.72 -9.00 31.05
CA GLN D 108 29.32 -9.71 32.18
C GLN D 108 30.36 -10.79 31.85
N THR D 109 30.18 -11.58 30.79
CA THR D 109 31.20 -12.60 30.48
C THR D 109 32.48 -12.04 29.84
N ARG D 110 33.44 -12.92 29.54
CA ARG D 110 34.59 -12.54 28.72
C ARG D 110 34.15 -12.47 27.29
N LYS D 111 33.42 -13.50 26.86
CA LYS D 111 32.76 -13.50 25.56
C LYS D 111 32.01 -12.18 25.35
N GLN D 112 31.01 -11.90 26.18
CA GLN D 112 30.26 -10.62 26.13
C GLN D 112 31.15 -9.38 26.17
N HIS D 113 32.22 -9.39 26.98
CA HIS D 113 33.14 -8.25 27.02
C HIS D 113 33.90 -8.06 25.70
N GLU D 114 34.28 -9.14 25.04
CA GLU D 114 34.89 -8.99 23.72
C GLU D 114 33.88 -8.45 22.71
N PHE D 115 32.67 -9.00 22.73
CA PHE D 115 31.54 -8.47 21.98
C PHE D 115 31.36 -6.97 22.22
N PHE D 116 31.45 -6.55 23.49
CA PHE D 116 31.34 -5.13 23.84
C PHE D 116 32.38 -4.28 23.11
N GLU D 117 33.63 -4.73 23.15
CA GLU D 117 34.75 -3.95 22.60
C GLU D 117 34.54 -3.80 21.10
N GLU D 118 34.07 -4.86 20.46
CA GLU D 118 33.72 -4.84 19.04
C GLU D 118 32.47 -4.07 18.66
N ALA D 119 31.40 -4.14 19.45
CA ALA D 119 30.22 -3.32 19.11
C ALA D 119 30.58 -1.83 19.26
N SER D 120 31.40 -1.51 20.26
CA SER D 120 31.85 -0.11 20.43
C SER D 120 32.61 0.36 19.20
N ALA D 121 33.59 -0.43 18.77
CA ALA D 121 34.39 -0.05 17.61
C ALA D 121 33.49 0.22 16.41
N ALA D 122 32.38 -0.51 16.33
CA ALA D 122 31.45 -0.36 15.22
C ALA D 122 30.47 0.82 15.36
N GLY D 123 30.40 1.44 16.53
CA GLY D 123 29.60 2.64 16.70
C GLY D 123 28.30 2.44 17.46
N LEU D 124 28.15 1.25 18.06
CA LEU D 124 26.96 0.92 18.81
C LEU D 124 27.29 1.11 20.27
N VAL D 125 27.27 2.37 20.68
CA VAL D 125 27.75 2.77 21.99
C VAL D 125 26.61 3.15 22.92
N TYR D 126 25.79 4.12 22.51
CA TYR D 126 24.61 4.54 23.26
C TYR D 126 23.31 4.05 22.63
N GLY D 127 22.41 3.52 23.45
CA GLY D 127 21.10 3.11 22.96
C GLY D 127 20.37 2.15 23.88
N LEU D 128 19.32 1.51 23.35
CA LEU D 128 18.57 0.57 24.15
C LEU D 128 17.93 -0.52 23.29
N THR D 129 17.44 -1.55 23.95
CA THR D 129 16.76 -2.64 23.28
C THR D 129 15.42 -2.91 23.92
N MET D 130 14.33 -2.85 23.15
CA MET D 130 13.04 -3.25 23.71
C MET D 130 12.69 -4.68 23.28
N PRO D 131 12.38 -5.55 24.24
CA PRO D 131 11.99 -6.92 23.93
C PRO D 131 10.66 -6.98 23.19
N LEU D 132 10.55 -7.88 22.21
CA LEU D 132 9.34 -8.05 21.41
C LEU D 132 8.70 -9.41 21.71
N HIS D 133 7.47 -9.39 22.21
CA HIS D 133 6.74 -10.62 22.49
C HIS D 133 5.42 -10.61 21.77
N GLY D 134 5.41 -11.22 20.59
CA GLY D 134 4.26 -11.24 19.70
C GLY D 134 3.04 -11.99 20.20
N ALA D 135 1.94 -11.83 19.48
CA ALA D 135 0.66 -12.41 19.88
C ALA D 135 0.57 -13.89 19.48
N ARG D 136 1.21 -14.24 18.38
CA ARG D 136 1.38 -15.64 18.01
C ARG D 136 2.62 -16.21 18.71
N GLY D 137 3.07 -15.56 19.79
CA GLY D 137 4.27 -15.97 20.51
C GLY D 137 5.63 -15.70 19.84
N GLU D 138 5.67 -14.71 18.95
CA GLU D 138 6.91 -14.29 18.30
C GLU D 138 7.87 -13.70 19.34
N LEU D 139 9.16 -13.93 19.14
CA LEU D 139 10.18 -13.40 20.06
C LEU D 139 11.13 -12.52 19.28
N GLY D 140 11.34 -11.28 19.75
CA GLY D 140 12.27 -10.40 19.06
C GLY D 140 12.83 -9.24 19.86
N ALA D 141 13.37 -8.24 19.16
CA ALA D 141 14.14 -7.15 19.76
C ALA D 141 14.04 -5.93 18.87
N LEU D 142 13.71 -4.77 19.45
CA LEU D 142 13.72 -3.53 18.71
C LEU D 142 14.83 -2.70 19.32
N SER D 143 15.89 -2.43 18.54
CA SER D 143 17.03 -1.69 19.09
C SER D 143 17.15 -0.37 18.38
N LEU D 144 17.53 0.65 19.14
CA LEU D 144 17.83 1.96 18.57
C LEU D 144 19.07 2.50 19.24
N SER D 145 19.89 3.20 18.46
CA SER D 145 21.15 3.74 18.93
C SER D 145 21.24 5.25 18.65
N VAL D 146 21.72 6.01 19.64
CA VAL D 146 21.76 7.45 19.45
C VAL D 146 23.19 7.94 19.58
N GLU D 147 23.58 8.89 18.75
CA GLU D 147 24.89 9.52 18.85
C GLU D 147 24.83 10.76 19.74
N ALA D 148 24.88 10.55 21.05
CA ALA D 148 24.84 11.69 21.96
C ALA D 148 26.26 12.18 22.28
N GLU D 149 26.40 13.23 23.08
CA GLU D 149 27.73 13.74 23.43
C GLU D 149 28.38 12.87 24.47
N ASN D 150 27.59 12.34 25.40
CA ASN D 150 28.11 11.43 26.43
C ASN D 150 26.96 10.64 27.00
N ARG D 151 27.23 9.84 28.02
CA ARG D 151 26.28 8.83 28.49
C ARG D 151 25.16 9.42 29.36
N ALA D 152 25.48 10.41 30.17
CA ALA D 152 24.44 11.09 30.91
C ALA D 152 23.46 11.72 29.91
N GLU D 153 23.97 12.38 28.87
CA GLU D 153 23.11 13.06 27.92
C GLU D 153 22.22 12.05 27.19
N ALA D 154 22.77 10.89 26.88
CA ALA D 154 22.08 9.85 26.14
C ALA D 154 20.98 9.24 26.98
N ASN D 155 21.26 9.09 28.27
CA ASN D 155 20.30 8.49 29.17
C ASN D 155 19.13 9.42 29.45
N ARG D 156 19.41 10.70 29.59
CA ARG D 156 18.37 11.69 29.78
C ARG D 156 17.48 11.71 28.53
N PHE D 157 18.09 11.81 27.36
CA PHE D 157 17.32 11.82 26.13
C PHE D 157 16.51 10.52 26.03
N MET D 158 17.14 9.36 26.23
CA MET D 158 16.42 8.11 26.05
C MET D 158 15.22 8.05 26.99
N GLU D 159 15.35 8.67 28.15
CA GLU D 159 14.27 8.65 29.12
C GLU D 159 13.12 9.57 28.70
N SER D 160 13.47 10.69 28.07
CA SER D 160 12.49 11.71 27.71
C SER D 160 11.61 11.25 26.58
N VAL D 161 12.21 10.52 25.63
CA VAL D 161 11.46 9.99 24.50
C VAL D 161 11.02 8.52 24.70
N LEU D 162 11.39 7.91 25.81
CA LEU D 162 11.01 6.52 26.02
C LEU D 162 9.53 6.24 25.77
N PRO D 163 8.60 7.13 26.17
CA PRO D 163 7.18 6.84 25.93
C PRO D 163 6.77 6.80 24.45
N THR D 164 7.36 7.66 23.62
CA THR D 164 7.08 7.61 22.20
C THR D 164 7.67 6.32 21.64
N LEU D 165 8.80 5.89 22.20
CA LEU D 165 9.47 4.65 21.78
C LEU D 165 8.63 3.42 22.12
N TRP D 166 7.97 3.43 23.28
CA TRP D 166 7.14 2.29 23.61
C TRP D 166 5.96 2.20 22.68
N MET D 167 5.45 3.33 22.19
CA MET D 167 4.34 3.26 21.25
C MET D 167 4.80 2.84 19.87
N LEU D 168 5.88 3.42 19.38
CA LEU D 168 6.49 2.92 18.17
C LEU D 168 6.70 1.39 18.26
N LYS D 169 7.30 0.93 19.35
CA LYS D 169 7.49 -0.51 19.54
C LYS D 169 6.19 -1.26 19.21
N ASP D 170 5.10 -0.84 19.87
CA ASP D 170 3.80 -1.50 19.69
C ASP D 170 3.18 -1.43 18.28
N TYR D 171 3.20 -0.27 17.64
CA TYR D 171 2.75 -0.17 16.26
C TYR D 171 3.65 -1.00 15.34
N ALA D 172 4.95 -1.05 15.64
CA ALA D 172 5.92 -1.79 14.83
C ALA D 172 5.69 -3.30 14.94
N LEU D 173 5.60 -3.78 16.18
CA LEU D 173 5.42 -5.20 16.45
C LEU D 173 4.16 -5.77 15.79
N GLN D 174 3.08 -4.98 15.79
CA GLN D 174 1.81 -5.38 15.21
C GLN D 174 1.92 -5.51 13.71
N SER D 175 2.27 -4.41 13.05
CA SER D 175 2.41 -4.43 11.60
C SER D 175 3.52 -5.36 11.18
N GLY D 176 4.59 -5.40 11.97
CA GLY D 176 5.78 -6.14 11.56
C GLY D 176 5.61 -7.64 11.63
N ALA D 177 5.00 -8.10 12.70
CA ALA D 177 4.78 -9.53 12.89
C ALA D 177 4.00 -10.18 11.73
N GLY D 178 3.07 -9.43 11.16
CA GLY D 178 2.33 -9.90 10.00
C GLY D 178 3.22 -9.98 8.77
N LEU D 179 3.87 -8.87 8.46
CA LEU D 179 4.76 -8.80 7.30
C LEU D 179 5.90 -9.80 7.43
N ALA D 180 6.25 -10.14 8.67
CA ALA D 180 7.45 -10.93 8.96
C ALA D 180 7.53 -12.24 8.19
N PHE D 181 6.54 -13.11 8.36
CA PHE D 181 6.58 -14.42 7.72
C PHE D 181 5.31 -14.75 6.90
N LYS E 17 -23.71 -27.72 -10.54
CA LYS E 17 -23.00 -26.90 -9.57
C LYS E 17 -23.74 -25.56 -9.36
N THR E 18 -24.58 -25.49 -8.34
CA THR E 18 -25.33 -24.26 -8.06
C THR E 18 -24.36 -23.12 -7.75
N HIS E 19 -24.86 -21.88 -7.71
CA HIS E 19 -24.03 -20.76 -7.27
C HIS E 19 -23.62 -20.93 -5.81
N VAL E 20 -24.62 -21.02 -4.94
CA VAL E 20 -24.37 -21.15 -3.51
C VAL E 20 -23.52 -22.39 -3.16
N ASP E 21 -23.63 -23.47 -3.95
CA ASP E 21 -22.80 -24.66 -3.75
C ASP E 21 -21.39 -24.47 -4.23
N ALA E 22 -21.21 -23.59 -5.20
CA ALA E 22 -19.92 -23.39 -5.83
C ALA E 22 -19.07 -22.55 -4.91
N ILE E 23 -19.72 -21.73 -4.10
CA ILE E 23 -19.01 -20.94 -3.08
C ILE E 23 -18.55 -21.87 -1.93
N ILE E 24 -19.41 -22.79 -1.52
CA ILE E 24 -19.02 -23.85 -0.61
C ILE E 24 -17.84 -24.70 -1.12
N GLU E 25 -17.84 -25.07 -2.40
CA GLU E 25 -16.77 -25.93 -2.95
C GLU E 25 -15.34 -25.36 -2.85
N ARG E 26 -15.12 -24.13 -3.31
CA ARG E 26 -13.92 -23.42 -2.87
C ARG E 26 -14.26 -23.18 -1.41
N TYR E 27 -13.29 -22.93 -0.56
CA TYR E 27 -13.59 -22.89 0.90
C TYR E 27 -13.90 -24.30 1.43
N LYS E 28 -13.55 -25.32 0.64
CA LYS E 28 -13.72 -26.69 1.08
C LYS E 28 -13.12 -26.86 2.47
N ASP E 29 -11.87 -26.44 2.59
CA ASP E 29 -11.06 -26.64 3.78
C ASP E 29 -11.51 -25.81 5.01
N LEU E 30 -12.02 -24.61 4.73
CA LEU E 30 -12.40 -23.66 5.78
C LEU E 30 -13.77 -23.94 6.37
N MET E 31 -14.46 -24.96 5.85
CA MET E 31 -15.75 -25.36 6.42
C MET E 31 -15.59 -26.23 7.68
N VAL E 32 -16.49 -26.07 8.65
CA VAL E 32 -16.41 -26.79 9.90
C VAL E 32 -17.80 -27.28 10.31
N GLU E 33 -17.88 -28.39 11.04
CA GLU E 33 -19.17 -28.97 11.41
C GLU E 33 -19.41 -29.05 12.91
N ILE E 34 -20.59 -28.60 13.32
CA ILE E 34 -21.10 -28.80 14.65
C ILE E 34 -22.11 -29.95 14.62
N PRO E 35 -21.63 -31.17 14.91
CA PRO E 35 -22.43 -32.40 14.78
C PRO E 35 -23.82 -32.24 15.39
N PRO E 36 -24.78 -33.03 14.91
CA PRO E 36 -26.17 -33.04 15.40
C PRO E 36 -26.33 -33.51 16.87
N ALA E 37 -27.28 -32.94 17.59
CA ALA E 37 -27.49 -33.30 18.99
C ALA E 37 -28.83 -33.96 19.19
N ASP E 38 -29.86 -33.15 19.37
CA ASP E 38 -31.20 -33.70 19.49
C ASP E 38 -32.10 -32.96 18.51
N ARG E 39 -32.17 -31.63 18.68
CA ARG E 39 -32.95 -30.81 17.76
C ARG E 39 -32.20 -30.69 16.46
N GLN E 40 -32.88 -30.12 15.47
CA GLN E 40 -32.45 -30.07 14.08
C GLN E 40 -31.10 -29.36 13.96
N PRO E 41 -30.02 -30.13 14.10
CA PRO E 41 -28.69 -29.66 14.52
C PRO E 41 -27.66 -29.41 13.42
N GLY E 42 -26.92 -30.45 13.03
CA GLY E 42 -25.83 -30.32 12.08
C GLY E 42 -25.66 -28.99 11.38
N LEU E 43 -25.15 -27.98 12.09
CA LEU E 43 -24.77 -26.70 11.48
C LEU E 43 -23.48 -26.85 10.67
N SER E 44 -23.49 -26.35 9.44
CA SER E 44 -22.31 -26.36 8.59
C SER E 44 -21.95 -24.91 8.37
N LEU E 45 -20.71 -24.56 8.73
CA LEU E 45 -20.35 -23.16 8.99
C LEU E 45 -19.03 -22.86 8.32
N LEU E 46 -18.95 -21.77 7.57
CA LEU E 46 -17.71 -21.36 6.93
C LEU E 46 -16.90 -20.46 7.85
N TRP E 47 -15.63 -20.80 8.07
CA TRP E 47 -14.75 -20.05 8.99
C TRP E 47 -13.55 -19.53 8.23
N PRO E 48 -13.08 -18.33 8.59
CA PRO E 48 -11.97 -17.68 7.87
C PRO E 48 -10.68 -18.46 7.96
N VAL E 49 -10.54 -19.32 8.96
CA VAL E 49 -9.36 -20.15 9.09
C VAL E 49 -9.80 -21.53 9.48
N PRO E 50 -8.94 -22.55 9.24
CA PRO E 50 -9.29 -23.89 9.70
C PRO E 50 -9.42 -23.86 11.21
N ALA E 51 -10.50 -24.41 11.74
CA ALA E 51 -10.82 -24.28 13.14
C ALA E 51 -11.68 -25.39 13.70
N GLN E 52 -11.68 -26.56 13.05
CA GLN E 52 -12.45 -27.72 13.54
C GLN E 52 -12.16 -28.12 15.01
N PRO E 53 -10.86 -28.21 15.38
CA PRO E 53 -10.54 -28.50 16.79
C PRO E 53 -11.13 -27.47 17.73
N ALA E 54 -10.93 -26.17 17.49
CA ALA E 54 -11.61 -25.19 18.33
C ALA E 54 -13.10 -25.48 18.36
N ILE E 55 -13.68 -25.81 17.21
CA ILE E 55 -15.12 -26.10 17.21
C ILE E 55 -15.42 -27.26 18.17
N ASP E 56 -14.75 -28.38 17.99
CA ASP E 56 -14.98 -29.52 18.91
C ASP E 56 -14.69 -29.22 20.38
N LYS E 57 -13.73 -28.36 20.69
CA LYS E 57 -13.49 -28.03 22.09
C LYS E 57 -14.68 -27.33 22.67
N GLY E 58 -15.29 -26.46 21.87
CA GLY E 58 -16.52 -25.81 22.30
C GLY E 58 -17.72 -26.76 22.39
N VAL E 59 -17.78 -27.75 21.50
CA VAL E 59 -18.89 -28.73 21.59
C VAL E 59 -18.72 -29.59 22.85
N ARG E 60 -17.57 -30.26 22.98
CA ARG E 60 -17.31 -31.06 24.17
C ARG E 60 -17.45 -30.27 25.46
N GLN E 61 -16.87 -29.08 25.49
CA GLN E 61 -16.93 -28.27 26.69
C GLN E 61 -18.36 -28.12 27.16
N ALA E 62 -19.26 -27.90 26.22
CA ALA E 62 -20.69 -27.66 26.53
C ALA E 62 -21.42 -28.95 26.93
N GLU E 63 -21.11 -30.05 26.25
CA GLU E 63 -21.62 -31.35 26.68
C GLU E 63 -21.15 -31.74 28.10
N ASN E 64 -19.84 -31.67 28.35
CA ASN E 64 -19.32 -31.91 29.69
C ASN E 64 -20.17 -31.24 30.77
N TRP E 65 -20.60 -30.00 30.53
CA TRP E 65 -21.38 -29.32 31.58
C TRP E 65 -22.78 -29.88 31.61
N LEU E 66 -23.31 -30.25 30.45
CA LEU E 66 -24.65 -30.81 30.44
C LEU E 66 -24.68 -32.19 31.11
N ALA E 67 -23.78 -33.07 30.67
CA ALA E 67 -23.61 -34.41 31.24
C ALA E 67 -23.23 -34.38 32.72
N ASP E 68 -23.27 -33.21 33.33
CA ASP E 68 -23.05 -33.08 34.76
C ASP E 68 -24.38 -32.89 35.50
N GLN E 69 -24.41 -33.35 36.75
CA GLN E 69 -25.65 -33.54 37.47
C GLN E 69 -26.38 -32.24 37.78
N ILE E 70 -26.62 -32.01 39.07
CA ILE E 70 -27.33 -30.83 39.53
C ILE E 70 -26.56 -29.55 39.17
N GLU E 71 -25.76 -29.66 38.10
CA GLU E 71 -25.27 -28.53 37.33
C GLU E 71 -25.56 -27.13 37.92
N GLY E 72 -24.61 -26.23 37.81
CA GLY E 72 -24.81 -24.84 38.22
C GLY E 72 -23.70 -23.85 37.95
N GLN E 73 -22.67 -24.23 37.20
CA GLN E 73 -21.52 -23.33 37.00
C GLN E 73 -21.21 -23.06 35.52
N LEU E 74 -22.21 -22.61 34.76
CA LEU E 74 -22.10 -22.54 33.28
C LEU E 74 -21.08 -21.52 32.73
N TRP E 75 -21.05 -20.32 33.30
CA TRP E 75 -20.11 -19.30 32.83
C TRP E 75 -18.66 -19.72 33.00
N THR E 76 -18.40 -20.46 34.07
CA THR E 76 -17.05 -20.94 34.35
C THR E 76 -16.56 -21.91 33.30
N ALA E 77 -17.41 -22.79 32.83
CA ALA E 77 -16.96 -23.76 31.84
C ALA E 77 -16.67 -23.06 30.55
N PHE E 78 -17.48 -22.06 30.27
CA PHE E 78 -17.32 -21.29 29.05
C PHE E 78 -16.07 -20.42 29.15
N ALA E 79 -15.91 -19.71 30.27
CA ALA E 79 -14.75 -18.84 30.45
C ALA E 79 -13.45 -19.62 30.47
N PHE E 80 -13.42 -20.74 31.18
CA PHE E 80 -12.18 -21.50 31.19
C PHE E 80 -11.88 -22.18 29.88
N GLY E 81 -12.91 -22.66 29.20
CA GLY E 81 -12.73 -23.28 27.89
C GLY E 81 -12.23 -22.33 26.81
N ARG E 82 -12.84 -21.16 26.70
CA ARG E 82 -12.41 -20.17 25.70
C ARG E 82 -10.97 -19.70 25.97
N ASP E 83 -10.65 -19.47 27.25
CA ASP E 83 -9.33 -19.02 27.67
C ASP E 83 -8.21 -20.01 27.30
N SER E 84 -8.56 -21.27 27.03
CA SER E 84 -7.51 -22.23 26.69
C SER E 84 -7.15 -22.16 25.22
N LEU E 85 -7.90 -21.34 24.47
CA LEU E 85 -7.62 -21.14 23.05
C LEU E 85 -6.89 -19.82 22.81
N PRO E 86 -5.83 -19.86 22.02
CA PRO E 86 -4.92 -18.70 22.00
C PRO E 86 -5.22 -17.60 20.96
N THR E 87 -5.93 -17.89 19.88
CA THR E 87 -6.27 -16.84 18.89
C THR E 87 -7.74 -16.40 18.94
N PRO E 88 -7.98 -15.11 18.74
CA PRO E 88 -9.35 -14.57 18.64
C PRO E 88 -10.20 -15.48 17.78
N MET E 89 -9.65 -15.93 16.66
CA MET E 89 -10.40 -16.73 15.71
C MET E 89 -10.81 -18.12 16.28
N GLN E 90 -9.99 -18.69 17.15
CA GLN E 90 -10.38 -19.92 17.77
C GLN E 90 -11.36 -19.67 18.89
N LYS E 91 -11.16 -18.58 19.63
CA LYS E 91 -12.06 -18.27 20.73
C LYS E 91 -13.47 -18.18 20.17
N THR E 92 -13.64 -17.54 19.03
CA THR E 92 -14.98 -17.34 18.54
C THR E 92 -15.53 -18.63 17.94
N ALA E 93 -14.66 -19.51 17.45
CA ALA E 93 -15.12 -20.80 16.97
C ALA E 93 -15.64 -21.60 18.15
N PHE E 94 -14.93 -21.49 19.27
CA PHE E 94 -15.33 -22.19 20.49
C PHE E 94 -16.64 -21.61 21.02
N GLU E 95 -16.83 -20.30 20.92
CA GLU E 95 -18.04 -19.70 21.45
C GLU E 95 -19.25 -20.13 20.63
N VAL E 96 -19.09 -20.09 19.32
CA VAL E 96 -20.15 -20.47 18.40
C VAL E 96 -20.53 -21.94 18.64
N ALA E 97 -19.55 -22.83 18.75
CA ALA E 97 -19.85 -24.25 18.95
C ALA E 97 -20.56 -24.50 20.28
N PHE E 98 -20.00 -23.97 21.35
CA PHE E 98 -20.51 -24.15 22.72
C PHE E 98 -21.95 -23.66 22.83
N LEU E 99 -22.23 -22.53 22.19
CA LEU E 99 -23.57 -21.94 22.28
C LEU E 99 -24.57 -22.70 21.40
N THR E 100 -24.12 -23.15 20.24
CA THR E 100 -24.95 -23.98 19.39
C THR E 100 -25.36 -25.26 20.11
N ARG E 101 -24.42 -25.84 20.85
CA ARG E 101 -24.70 -27.00 21.68
C ARG E 101 -25.71 -26.69 22.79
N LEU E 102 -25.64 -25.49 23.36
CA LEU E 102 -26.65 -25.09 24.36
C LEU E 102 -27.99 -24.70 23.70
N GLN E 103 -28.02 -24.69 22.37
CA GLN E 103 -29.24 -24.39 21.65
C GLN E 103 -29.90 -25.71 21.31
N GLN E 104 -29.15 -26.58 20.64
CA GLN E 104 -29.56 -27.95 20.40
C GLN E 104 -30.32 -28.54 21.59
N ARG E 105 -29.89 -28.26 22.82
CA ARG E 105 -30.62 -28.81 23.96
C ARG E 105 -31.60 -27.87 24.64
N LEU E 106 -31.73 -26.65 24.15
CA LEU E 106 -32.79 -25.77 24.68
C LEU E 106 -34.08 -25.98 23.89
N VAL E 107 -33.98 -26.39 22.63
CA VAL E 107 -35.16 -26.67 21.80
C VAL E 107 -35.58 -28.14 21.90
N ALA E 108 -34.62 -29.03 22.15
CA ALA E 108 -34.94 -30.42 22.47
C ALA E 108 -35.42 -30.50 23.91
N ALA E 109 -36.23 -29.51 24.29
CA ALA E 109 -36.77 -29.42 25.63
C ALA E 109 -37.97 -28.48 25.64
N ARG E 110 -38.69 -28.43 24.51
CA ARG E 110 -39.92 -27.67 24.42
C ARG E 110 -39.67 -26.19 24.64
N ASP F 29 -21.54 -1.48 46.55
CA ASP F 29 -21.76 -0.24 45.80
C ASP F 29 -21.98 -0.51 44.31
N LEU F 30 -20.90 -0.46 43.54
CA LEU F 30 -20.89 -0.82 42.12
C LEU F 30 -21.10 -2.31 41.99
N MET F 31 -22.08 -2.82 42.72
CA MET F 31 -22.46 -4.21 42.64
C MET F 31 -23.37 -4.39 41.43
N VAL F 32 -23.40 -5.60 40.88
CA VAL F 32 -24.33 -5.89 39.80
C VAL F 32 -25.23 -7.08 40.13
N GLU F 33 -26.42 -7.06 39.55
CA GLU F 33 -27.46 -8.00 39.92
C GLU F 33 -28.10 -8.65 38.72
N ILE F 34 -28.02 -9.97 38.67
CA ILE F 34 -28.76 -10.78 37.69
C ILE F 34 -30.02 -11.36 38.33
N PRO F 35 -31.18 -10.70 38.10
CA PRO F 35 -32.46 -11.12 38.66
C PRO F 35 -32.71 -12.62 38.51
N PRO F 36 -33.33 -13.25 39.53
CA PRO F 36 -33.74 -14.68 39.57
C PRO F 36 -34.74 -15.00 38.46
N ALA F 37 -34.77 -16.24 37.96
CA ALA F 37 -35.61 -16.54 36.81
C ALA F 37 -36.53 -17.73 37.00
N ASP F 38 -35.97 -18.92 36.93
CA ASP F 38 -36.78 -20.12 37.09
C ASP F 38 -36.12 -20.97 38.16
N ARG F 39 -35.11 -21.75 37.77
CA ARG F 39 -34.35 -22.57 38.71
C ARG F 39 -33.28 -21.71 39.36
N GLN F 40 -32.11 -22.32 39.60
CA GLN F 40 -30.93 -21.65 40.18
C GLN F 40 -30.90 -20.16 39.83
N PRO F 41 -31.45 -19.31 40.71
CA PRO F 41 -31.76 -17.93 40.34
C PRO F 41 -31.08 -16.85 41.19
N GLY F 42 -30.05 -16.18 40.68
CA GLY F 42 -29.54 -15.00 41.37
C GLY F 42 -28.06 -14.74 41.22
N LEU F 43 -27.53 -13.83 42.02
CA LEU F 43 -26.10 -13.50 41.95
C LEU F 43 -25.70 -12.33 42.87
N SER F 44 -24.43 -12.29 43.26
CA SER F 44 -23.89 -11.18 44.02
C SER F 44 -22.48 -10.89 43.53
N LEU F 45 -22.38 -10.20 42.40
CA LEU F 45 -21.07 -9.92 41.82
C LEU F 45 -20.56 -8.54 42.15
N LEU F 46 -19.34 -8.49 42.65
CA LEU F 46 -18.64 -7.23 42.70
C LEU F 46 -17.89 -7.10 41.38
N TRP F 47 -18.44 -6.28 40.49
CA TRP F 47 -17.84 -6.04 39.18
C TRP F 47 -16.79 -4.96 39.31
N PRO F 48 -15.71 -5.04 38.53
CA PRO F 48 -14.59 -4.09 38.63
C PRO F 48 -14.99 -2.61 38.42
N VAL F 49 -15.98 -2.39 37.57
CA VAL F 49 -16.45 -1.04 37.24
C VAL F 49 -17.98 -1.10 37.10
N PRO F 50 -18.66 0.05 37.14
CA PRO F 50 -20.13 -0.04 37.05
C PRO F 50 -20.61 -0.66 35.73
N ALA F 51 -21.60 -1.56 35.81
CA ALA F 51 -22.01 -2.33 34.64
C ALA F 51 -23.45 -2.92 34.67
N GLN F 52 -24.32 -2.40 35.54
CA GLN F 52 -25.70 -2.93 35.58
C GLN F 52 -26.43 -2.81 34.22
N PRO F 53 -26.38 -1.64 33.58
CA PRO F 53 -27.00 -1.54 32.25
C PRO F 53 -26.54 -2.67 31.29
N ALA F 54 -25.23 -2.97 31.30
CA ALA F 54 -24.71 -4.06 30.47
C ALA F 54 -25.24 -5.45 30.88
N ILE F 55 -25.36 -5.68 32.19
CA ILE F 55 -25.97 -6.93 32.68
C ILE F 55 -27.42 -7.11 32.19
N ASP F 56 -28.25 -6.08 32.36
CA ASP F 56 -29.63 -6.09 31.89
C ASP F 56 -29.70 -6.38 30.38
N LYS F 57 -28.90 -5.64 29.61
CA LYS F 57 -28.74 -5.85 28.17
C LYS F 57 -28.54 -7.34 27.83
N GLY F 58 -27.73 -8.01 28.65
CA GLY F 58 -27.44 -9.43 28.46
C GLY F 58 -28.57 -10.37 28.86
N VAL F 59 -29.24 -10.06 29.97
CA VAL F 59 -30.44 -10.79 30.36
C VAL F 59 -31.55 -10.70 29.30
N ARG F 60 -31.90 -9.46 28.93
CA ARG F 60 -32.97 -9.19 27.97
C ARG F 60 -32.69 -9.86 26.64
N GLN F 61 -31.47 -9.75 26.16
CA GLN F 61 -31.09 -10.39 24.91
C GLN F 61 -31.34 -11.91 24.95
N ALA F 62 -30.99 -12.55 26.07
CA ALA F 62 -31.14 -14.00 26.17
C ALA F 62 -32.62 -14.40 26.27
N GLU F 63 -33.35 -13.75 27.17
CA GLU F 63 -34.79 -14.04 27.24
C GLU F 63 -35.55 -13.68 25.94
N ASN F 64 -35.16 -12.60 25.26
CA ASN F 64 -35.75 -12.31 23.94
C ASN F 64 -35.51 -13.45 22.98
N TRP F 65 -34.43 -14.20 23.18
CA TRP F 65 -34.20 -15.38 22.35
C TRP F 65 -35.01 -16.57 22.85
N LEU F 66 -35.06 -16.76 24.15
CA LEU F 66 -35.79 -17.90 24.69
C LEU F 66 -37.27 -17.72 24.33
N ALA F 67 -37.81 -16.55 24.67
CA ALA F 67 -39.17 -16.14 24.29
C ALA F 67 -39.48 -16.37 22.81
N ASP F 68 -39.17 -15.39 21.97
CA ASP F 68 -39.32 -15.58 20.53
C ASP F 68 -38.61 -16.88 20.14
N GLN F 69 -39.38 -17.92 19.85
CA GLN F 69 -38.81 -19.26 19.60
C GLN F 69 -37.91 -19.27 18.38
N ILE F 70 -36.86 -20.10 18.43
CA ILE F 70 -35.82 -20.15 17.40
C ILE F 70 -36.27 -19.65 16.02
N GLU F 71 -35.88 -18.42 15.70
CA GLU F 71 -36.06 -17.85 14.36
C GLU F 71 -34.70 -17.43 13.83
N GLY F 72 -33.76 -17.25 14.75
CA GLY F 72 -32.36 -17.04 14.44
C GLY F 72 -31.51 -17.88 15.37
N GLN F 73 -30.24 -18.06 15.03
CA GLN F 73 -29.30 -18.82 15.88
C GLN F 73 -29.06 -18.13 17.23
N LEU F 74 -28.85 -18.95 18.27
CA LEU F 74 -28.56 -18.42 19.60
C LEU F 74 -27.16 -17.80 19.61
N TRP F 75 -26.28 -18.39 18.81
CA TRP F 75 -24.92 -17.86 18.75
C TRP F 75 -24.99 -16.43 18.25
N THR F 76 -25.82 -16.22 17.22
CA THR F 76 -26.05 -14.91 16.66
C THR F 76 -26.54 -13.88 17.68
N ALA F 77 -27.41 -14.27 18.59
CA ALA F 77 -27.94 -13.29 19.53
C ALA F 77 -26.85 -12.91 20.53
N PHE F 78 -25.96 -13.86 20.80
CA PHE F 78 -24.84 -13.67 21.72
C PHE F 78 -23.79 -12.76 21.10
N ALA F 79 -23.31 -13.11 19.90
CA ALA F 79 -22.25 -12.38 19.22
C ALA F 79 -22.67 -11.00 18.77
N PHE F 80 -23.78 -10.89 18.05
CA PHE F 80 -24.22 -9.56 17.64
C PHE F 80 -24.62 -8.71 18.84
N GLY F 81 -25.09 -9.35 19.91
CA GLY F 81 -25.51 -8.62 21.10
C GLY F 81 -24.30 -8.03 21.83
N ARG F 82 -23.25 -8.85 22.00
CA ARG F 82 -22.01 -8.41 22.64
C ARG F 82 -21.34 -7.24 21.88
N ASP F 83 -21.30 -7.33 20.56
CA ASP F 83 -20.77 -6.25 19.73
C ASP F 83 -21.32 -4.89 20.12
N SER F 84 -22.56 -4.86 20.60
CA SER F 84 -23.19 -3.56 20.82
C SER F 84 -22.73 -2.94 22.13
N LEU F 85 -21.89 -3.63 22.88
CA LEU F 85 -21.34 -3.00 24.07
C LEU F 85 -19.96 -2.43 23.77
N PRO F 86 -19.68 -1.22 24.28
CA PRO F 86 -18.52 -0.43 23.89
C PRO F 86 -17.17 -0.95 24.41
N THR F 87 -17.17 -1.46 25.64
CA THR F 87 -15.95 -1.72 26.37
C THR F 87 -15.76 -3.22 26.68
N PRO F 88 -14.49 -3.67 26.81
CA PRO F 88 -14.26 -5.05 27.24
C PRO F 88 -15.00 -5.38 28.53
N MET F 89 -14.95 -4.47 29.52
CA MET F 89 -15.68 -4.69 30.78
C MET F 89 -17.19 -4.79 30.62
N GLN F 90 -17.77 -4.05 29.67
CA GLN F 90 -19.20 -4.13 29.43
C GLN F 90 -19.50 -5.41 28.67
N LYS F 91 -18.70 -5.68 27.64
CA LYS F 91 -18.90 -6.86 26.82
C LYS F 91 -18.91 -8.09 27.73
N THR F 92 -17.95 -8.14 28.65
CA THR F 92 -17.84 -9.29 29.51
C THR F 92 -19.07 -9.39 30.41
N ALA F 93 -19.58 -8.23 30.86
CA ALA F 93 -20.79 -8.19 31.68
C ALA F 93 -21.97 -8.71 30.86
N PHE F 94 -22.07 -8.29 29.60
CA PHE F 94 -23.10 -8.81 28.72
C PHE F 94 -23.04 -10.33 28.72
N GLU F 95 -21.87 -10.90 28.41
CA GLU F 95 -21.68 -12.36 28.35
C GLU F 95 -22.09 -13.12 29.62
N VAL F 96 -21.70 -12.61 30.77
CA VAL F 96 -22.01 -13.28 32.03
C VAL F 96 -23.52 -13.41 32.19
N ALA F 97 -24.22 -12.29 31.96
CA ALA F 97 -25.67 -12.26 32.11
C ALA F 97 -26.36 -13.13 31.08
N PHE F 98 -25.89 -13.09 29.85
CA PHE F 98 -26.44 -13.96 28.80
C PHE F 98 -26.31 -15.45 29.14
N LEU F 99 -25.12 -15.88 29.51
CA LEU F 99 -24.91 -17.30 29.83
C LEU F 99 -25.61 -17.73 31.13
N THR F 100 -25.60 -16.87 32.15
CA THR F 100 -26.36 -17.16 33.35
C THR F 100 -27.84 -17.40 33.03
N ARG F 101 -28.42 -16.54 32.19
CA ARG F 101 -29.83 -16.60 31.86
C ARG F 101 -30.12 -17.92 31.19
N LEU F 102 -29.27 -18.31 30.24
CA LEU F 102 -29.40 -19.62 29.63
C LEU F 102 -29.31 -20.70 30.70
N GLN F 103 -28.31 -20.61 31.58
CA GLN F 103 -28.15 -21.60 32.63
C GLN F 103 -29.51 -21.85 33.33
N GLN F 104 -30.08 -20.80 33.91
CA GLN F 104 -31.40 -20.83 34.55
C GLN F 104 -32.43 -21.70 33.81
N ARG F 105 -32.83 -21.34 32.59
CA ARG F 105 -33.79 -22.20 31.90
C ARG F 105 -33.23 -23.57 31.54
N LEU F 106 -31.95 -23.66 31.22
CA LEU F 106 -31.37 -24.98 30.95
C LEU F 106 -31.57 -25.96 32.13
N VAL F 107 -31.27 -25.47 33.33
CA VAL F 107 -31.43 -26.27 34.55
C VAL F 107 -32.88 -26.70 34.70
N ALA F 108 -33.79 -25.83 34.27
CA ALA F 108 -35.24 -26.03 34.44
C ALA F 108 -35.85 -27.28 33.81
N ALA F 109 -35.01 -28.19 33.31
CA ALA F 109 -35.50 -29.48 32.83
C ALA F 109 -35.52 -30.46 33.99
N ARG F 110 -36.21 -30.09 35.06
CA ARG F 110 -36.29 -30.94 36.25
C ARG F 110 -37.13 -32.20 36.02
N ASP G 29 20.92 3.32 -43.67
CA ASP G 29 19.96 2.20 -43.52
C ASP G 29 19.15 2.27 -42.22
N LEU G 30 18.83 3.49 -41.80
CA LEU G 30 17.81 3.71 -40.80
C LEU G 30 16.55 4.10 -41.56
N MET G 31 16.71 4.22 -42.88
CA MET G 31 15.63 4.60 -43.76
C MET G 31 14.50 3.57 -43.71
N VAL G 32 13.28 4.03 -43.49
CA VAL G 32 12.13 3.14 -43.37
C VAL G 32 11.23 3.36 -44.59
N GLU G 33 10.39 2.39 -44.95
CA GLU G 33 9.58 2.50 -46.16
C GLU G 33 8.09 2.21 -45.97
N ILE G 34 7.24 3.21 -46.22
CA ILE G 34 5.79 3.03 -46.40
C ILE G 34 5.48 2.77 -47.89
N PRO G 35 5.16 1.52 -48.27
CA PRO G 35 4.95 1.29 -49.71
C PRO G 35 3.75 2.11 -50.21
N PRO G 36 3.58 2.22 -51.54
CA PRO G 36 2.46 3.03 -52.07
C PRO G 36 1.12 2.31 -51.96
N ALA G 37 0.06 3.10 -51.80
CA ALA G 37 -1.29 2.57 -51.82
C ALA G 37 -1.94 2.84 -53.17
N ASP G 38 -1.74 4.05 -53.68
CA ASP G 38 -2.25 4.46 -55.00
C ASP G 38 -1.83 5.88 -55.37
N ARG G 39 -2.41 6.87 -54.69
CA ARG G 39 -2.07 8.27 -54.91
C ARG G 39 -0.68 8.57 -54.35
N GLN G 40 -0.38 9.86 -54.19
CA GLN G 40 0.89 10.35 -53.61
C GLN G 40 1.44 9.36 -52.59
N PRO G 41 2.26 8.41 -53.05
CA PRO G 41 2.38 7.09 -52.39
C PRO G 41 3.75 6.73 -51.83
N GLY G 42 4.34 7.54 -50.96
CA GLY G 42 5.74 7.30 -50.64
C GLY G 42 6.31 7.65 -49.30
N LEU G 43 7.00 6.68 -48.71
CA LEU G 43 7.82 6.95 -47.56
C LEU G 43 9.27 7.02 -48.00
N SER G 44 9.81 8.23 -48.00
CA SER G 44 11.25 8.45 -48.06
C SER G 44 11.60 8.97 -46.69
N LEU G 45 11.81 8.07 -45.73
CA LEU G 45 11.91 8.52 -44.35
C LEU G 45 13.03 7.93 -43.51
N LEU G 46 13.72 8.85 -42.84
CA LEU G 46 14.76 8.51 -41.88
C LEU G 46 14.15 8.40 -40.51
N TRP G 47 14.24 7.21 -39.91
CA TRP G 47 13.87 7.07 -38.51
C TRP G 47 15.11 6.83 -37.64
N PRO G 48 15.34 7.74 -36.67
CA PRO G 48 16.51 7.83 -35.79
C PRO G 48 16.92 6.49 -35.19
N VAL G 49 15.95 5.67 -34.80
CA VAL G 49 16.19 4.32 -34.28
C VAL G 49 15.46 3.29 -35.13
N PRO G 50 15.93 2.03 -35.12
CA PRO G 50 15.27 1.01 -35.94
C PRO G 50 13.75 1.02 -35.76
N ALA G 51 13.00 1.02 -36.86
CA ALA G 51 11.54 1.13 -36.79
C ALA G 51 10.79 0.67 -38.06
N GLN G 52 11.26 -0.36 -38.73
CA GLN G 52 10.54 -0.85 -39.90
C GLN G 52 9.36 -1.72 -39.51
N PRO G 53 9.59 -2.67 -38.58
CA PRO G 53 8.47 -3.51 -38.12
C PRO G 53 7.33 -2.65 -37.63
N ALA G 54 7.64 -1.51 -37.03
CA ALA G 54 6.60 -0.62 -36.52
C ALA G 54 5.89 0.15 -37.64
N ILE G 55 6.66 0.67 -38.59
CA ILE G 55 6.05 1.23 -39.78
C ILE G 55 5.08 0.21 -40.38
N ASP G 56 5.55 -1.02 -40.56
CA ASP G 56 4.71 -2.07 -41.12
C ASP G 56 3.41 -2.22 -40.31
N LYS G 57 3.54 -2.21 -38.98
CA LYS G 57 2.43 -2.47 -38.08
C LYS G 57 1.28 -1.49 -38.28
N GLY G 58 1.62 -0.22 -38.44
CA GLY G 58 0.65 0.85 -38.53
C GLY G 58 0.02 0.95 -39.90
N VAL G 59 0.79 0.58 -40.91
CA VAL G 59 0.26 0.42 -42.26
C VAL G 59 -0.75 -0.72 -42.24
N ARG G 60 -0.34 -1.88 -41.71
CA ARG G 60 -1.22 -3.05 -41.55
C ARG G 60 -2.50 -2.80 -40.72
N GLN G 61 -2.42 -1.97 -39.68
CA GLN G 61 -3.57 -1.74 -38.82
C GLN G 61 -4.57 -0.81 -39.51
N ALA G 62 -4.03 0.12 -40.29
CA ALA G 62 -4.85 1.02 -41.05
C ALA G 62 -5.50 0.30 -42.25
N GLU G 63 -4.76 -0.56 -42.95
CA GLU G 63 -5.37 -1.16 -44.13
C GLU G 63 -6.34 -2.31 -43.79
N ASN G 64 -6.17 -2.88 -42.60
CA ASN G 64 -7.19 -3.77 -42.06
C ASN G 64 -8.47 -3.01 -41.80
N TRP G 65 -8.32 -1.78 -41.30
CA TRP G 65 -9.50 -0.99 -41.02
C TRP G 65 -10.14 -0.47 -42.30
N LEU G 66 -9.33 -0.11 -43.29
CA LEU G 66 -9.86 0.39 -44.55
C LEU G 66 -10.73 -0.67 -45.20
N ALA G 67 -10.31 -1.93 -45.08
CA ALA G 67 -11.11 -3.07 -45.52
C ALA G 67 -12.38 -3.26 -44.66
N ASP G 68 -12.29 -3.96 -43.54
CA ASP G 68 -13.49 -4.25 -42.75
C ASP G 68 -14.53 -3.13 -42.80
N GLN G 69 -15.77 -3.50 -43.10
CA GLN G 69 -16.81 -2.49 -43.26
C GLN G 69 -17.25 -1.92 -41.92
N ILE G 70 -16.29 -1.33 -41.21
CA ILE G 70 -16.53 -0.62 -39.97
C ILE G 70 -17.17 -1.51 -38.88
N GLU G 71 -16.45 -2.57 -38.50
CA GLU G 71 -16.78 -3.39 -37.36
C GLU G 71 -16.07 -2.83 -36.12
N GLY G 72 -15.71 -1.56 -36.18
CA GLY G 72 -15.05 -0.86 -35.08
C GLY G 72 -14.65 0.54 -35.50
N GLN G 73 -14.71 1.49 -34.58
CA GLN G 73 -14.27 2.85 -34.88
C GLN G 73 -12.82 2.88 -35.31
N LEU G 74 -12.45 3.96 -35.99
CA LEU G 74 -11.09 4.12 -36.49
C LEU G 74 -10.18 4.43 -35.33
N TRP G 75 -10.60 5.36 -34.48
CA TRP G 75 -9.81 5.76 -33.32
C TRP G 75 -9.29 4.53 -32.57
N THR G 76 -10.17 3.55 -32.40
CA THR G 76 -9.90 2.30 -31.71
C THR G 76 -8.76 1.50 -32.34
N ALA G 77 -8.66 1.57 -33.67
CA ALA G 77 -7.65 0.81 -34.39
C ALA G 77 -6.30 1.44 -34.19
N PHE G 78 -6.29 2.77 -34.14
CA PHE G 78 -5.11 3.54 -33.85
C PHE G 78 -4.65 3.32 -32.40
N ALA G 79 -5.51 3.67 -31.45
CA ALA G 79 -5.14 3.57 -30.05
C ALA G 79 -4.68 2.16 -29.66
N PHE G 80 -5.48 1.12 -29.91
CA PHE G 80 -5.02 -0.22 -29.51
C PHE G 80 -3.84 -0.72 -30.36
N GLY G 81 -3.76 -0.28 -31.63
CA GLY G 81 -2.70 -0.71 -32.51
C GLY G 81 -1.38 -0.18 -32.01
N ARG G 82 -1.37 1.10 -31.70
CA ARG G 82 -0.21 1.79 -31.19
C ARG G 82 0.28 1.20 -29.86
N ASP G 83 -0.64 0.95 -28.93
CA ASP G 83 -0.28 0.38 -27.63
C ASP G 83 0.65 -0.81 -27.74
N SER G 84 0.54 -1.56 -28.83
CA SER G 84 1.33 -2.79 -28.97
C SER G 84 2.80 -2.51 -29.38
N LEU G 85 3.22 -1.27 -29.37
CA LEU G 85 4.60 -0.99 -29.70
C LEU G 85 5.32 -0.57 -28.43
N PRO G 86 6.53 -1.09 -28.25
CA PRO G 86 7.22 -1.10 -26.96
C PRO G 86 8.10 0.11 -26.65
N THR G 87 8.21 1.08 -27.55
CA THR G 87 8.91 2.32 -27.20
C THR G 87 8.22 3.57 -27.71
N PRO G 88 8.40 4.69 -27.01
CA PRO G 88 7.85 5.96 -27.47
C PRO G 88 8.19 6.21 -28.94
N MET G 89 9.46 5.99 -29.31
CA MET G 89 9.95 6.26 -30.66
C MET G 89 9.29 5.36 -31.67
N GLN G 90 9.21 4.06 -31.38
CA GLN G 90 8.48 3.17 -32.25
C GLN G 90 6.99 3.48 -32.27
N LYS G 91 6.37 3.70 -31.11
CA LYS G 91 4.96 4.09 -31.08
C LYS G 91 4.70 5.20 -32.11
N THR G 92 5.58 6.20 -32.14
CA THR G 92 5.47 7.33 -33.06
C THR G 92 5.71 6.93 -34.53
N ALA G 93 6.61 5.97 -34.76
CA ALA G 93 6.84 5.49 -36.11
C ALA G 93 5.54 4.84 -36.60
N PHE G 94 4.82 4.23 -35.67
CA PHE G 94 3.53 3.63 -35.98
C PHE G 94 2.53 4.72 -36.34
N GLU G 95 2.53 5.79 -35.54
CA GLU G 95 1.62 6.92 -35.74
C GLU G 95 1.74 7.48 -37.13
N VAL G 96 2.88 7.26 -37.75
CA VAL G 96 3.17 7.89 -39.03
C VAL G 96 2.75 6.98 -40.17
N ALA G 97 3.09 5.70 -40.06
CA ALA G 97 2.71 4.72 -41.09
C ALA G 97 1.20 4.44 -41.14
N PHE G 98 0.46 4.88 -40.11
CA PHE G 98 -0.99 4.68 -40.01
C PHE G 98 -1.70 5.91 -40.58
N LEU G 99 -1.35 7.09 -40.09
CA LEU G 99 -1.95 8.33 -40.57
C LEU G 99 -1.64 8.57 -42.05
N THR G 100 -0.51 8.04 -42.51
CA THR G 100 -0.06 8.19 -43.90
C THR G 100 -0.74 7.20 -44.88
N ARG G 101 -1.00 5.99 -44.40
CA ARG G 101 -1.80 5.02 -45.17
C ARG G 101 -3.22 5.54 -45.39
N LEU G 102 -3.74 6.24 -44.38
CA LEU G 102 -5.06 6.85 -44.45
C LEU G 102 -5.02 8.04 -45.36
N GLN G 103 -3.95 8.83 -45.24
CA GLN G 103 -3.78 9.98 -46.11
C GLN G 103 -3.66 9.54 -47.56
N GLN G 104 -3.00 8.42 -47.79
CA GLN G 104 -2.88 7.89 -49.14
C GLN G 104 -4.28 7.74 -49.70
N ARG G 105 -5.01 6.76 -49.17
CA ARG G 105 -6.33 6.45 -49.72
C ARG G 105 -7.47 7.39 -49.29
N LEU G 106 -7.12 8.55 -48.72
CA LEU G 106 -8.06 9.66 -48.54
C LEU G 106 -8.05 10.43 -49.86
N VAL G 107 -6.92 11.11 -50.10
CA VAL G 107 -6.55 11.67 -51.39
C VAL G 107 -7.16 10.91 -52.57
N ALA G 108 -6.98 9.59 -52.58
CA ALA G 108 -7.50 8.73 -53.63
C ALA G 108 -9.01 8.79 -53.81
N ALA G 109 -9.59 9.93 -53.45
CA ALA G 109 -10.92 10.31 -53.89
C ALA G 109 -10.79 11.62 -54.65
N ARG G 110 -10.52 11.49 -55.95
CA ARG G 110 -10.47 12.61 -56.89
C ARG G 110 -11.27 12.20 -58.11
N LYS H 17 -36.23 3.82 -16.95
CA LYS H 17 -34.82 4.13 -16.69
C LYS H 17 -33.95 2.89 -16.77
N THR H 18 -33.17 2.77 -17.84
CA THR H 18 -32.31 1.61 -18.05
C THR H 18 -31.01 1.71 -17.27
N HIS H 19 -30.46 0.56 -16.89
CA HIS H 19 -29.10 0.51 -16.33
C HIS H 19 -28.12 1.34 -17.17
N VAL H 20 -28.02 1.07 -18.47
CA VAL H 20 -27.05 1.84 -19.23
C VAL H 20 -27.33 3.31 -19.06
N ASP H 21 -28.60 3.71 -19.09
CA ASP H 21 -28.98 5.12 -18.93
C ASP H 21 -28.66 5.71 -17.55
N ALA H 22 -28.76 4.89 -16.50
CA ALA H 22 -28.34 5.32 -15.17
C ALA H 22 -26.82 5.62 -15.06
N ILE H 23 -25.99 4.81 -15.72
CA ILE H 23 -24.54 5.03 -15.68
C ILE H 23 -24.20 6.30 -16.40
N ILE H 24 -24.74 6.45 -17.60
CA ILE H 24 -24.45 7.64 -18.37
C ILE H 24 -25.07 8.92 -17.79
N GLU H 25 -26.10 8.81 -16.95
CA GLU H 25 -26.62 10.00 -16.28
C GLU H 25 -25.65 10.52 -15.21
N ARG H 26 -25.10 9.63 -14.37
CA ARG H 26 -23.91 10.07 -13.65
C ARG H 26 -22.90 10.26 -14.77
N TYR H 27 -21.72 10.77 -14.50
CA TYR H 27 -20.78 11.08 -15.60
C TYR H 27 -21.32 12.06 -16.66
N LYS H 28 -22.53 12.56 -16.47
CA LYS H 28 -23.09 13.51 -17.43
C LYS H 28 -22.18 14.75 -17.61
N ASP H 29 -21.38 15.07 -16.60
CA ASP H 29 -20.45 16.18 -16.72
C ASP H 29 -19.19 15.78 -17.49
N LEU H 30 -19.08 14.52 -17.87
CA LEU H 30 -17.86 14.04 -18.47
C LEU H 30 -18.04 13.57 -19.90
N MET H 31 -19.28 13.32 -20.29
CA MET H 31 -19.57 13.00 -21.68
C MET H 31 -19.08 14.12 -22.62
N VAL H 32 -18.47 13.73 -23.72
CA VAL H 32 -18.05 14.69 -24.75
C VAL H 32 -18.74 14.31 -26.06
N GLU H 33 -18.72 15.22 -27.02
CA GLU H 33 -19.42 14.99 -28.30
C GLU H 33 -18.59 15.36 -29.52
N ILE H 34 -18.39 14.37 -30.39
CA ILE H 34 -17.91 14.59 -31.75
C ILE H 34 -19.17 14.64 -32.62
N PRO H 35 -19.40 15.78 -33.29
CA PRO H 35 -20.66 15.99 -34.02
C PRO H 35 -20.67 15.27 -35.36
N PRO H 36 -21.83 15.09 -35.97
CA PRO H 36 -21.91 14.40 -37.25
C PRO H 36 -21.34 15.21 -38.38
N ALA H 37 -20.89 14.57 -39.44
CA ALA H 37 -20.22 15.34 -40.45
C ALA H 37 -20.82 15.21 -41.82
N ASP H 38 -20.29 14.33 -42.63
CA ASP H 38 -20.90 14.06 -43.90
C ASP H 38 -22.16 13.32 -43.60
N ARG H 39 -22.49 12.29 -44.37
CA ARG H 39 -23.68 11.52 -44.04
C ARG H 39 -23.38 10.89 -42.70
N GLN H 40 -22.49 9.92 -42.72
CA GLN H 40 -21.80 9.40 -41.55
C GLN H 40 -21.54 10.45 -40.50
N PRO H 41 -22.34 10.43 -39.34
CA PRO H 41 -21.86 11.33 -38.30
C PRO H 41 -21.85 10.73 -36.87
N GLY H 42 -21.30 11.47 -35.91
CA GLY H 42 -21.59 11.46 -34.49
C GLY H 42 -21.04 10.47 -33.46
N LEU H 43 -20.34 10.94 -32.42
CA LEU H 43 -20.00 10.08 -31.31
C LEU H 43 -20.28 10.78 -29.99
N SER H 44 -20.91 10.07 -29.04
CA SER H 44 -20.97 10.50 -27.65
C SER H 44 -19.99 9.61 -26.91
N LEU H 45 -19.12 10.23 -26.11
CA LEU H 45 -17.92 9.55 -25.61
C LEU H 45 -17.60 9.96 -24.18
N LEU H 46 -17.32 8.98 -23.32
CA LEU H 46 -16.99 9.26 -21.93
C LEU H 46 -15.49 9.49 -21.76
N TRP H 47 -15.13 10.66 -21.23
CA TRP H 47 -13.73 10.97 -20.89
C TRP H 47 -13.56 11.12 -19.36
N PRO H 48 -12.42 10.64 -18.81
CA PRO H 48 -12.19 10.65 -17.37
C PRO H 48 -12.07 12.06 -16.81
N VAL H 49 -11.76 13.01 -17.69
CA VAL H 49 -11.67 14.43 -17.34
C VAL H 49 -12.32 15.27 -18.45
N PRO H 50 -12.83 16.45 -18.10
CA PRO H 50 -13.35 17.37 -19.10
C PRO H 50 -12.39 17.54 -20.29
N ALA H 51 -12.93 17.39 -21.51
CA ALA H 51 -12.08 17.44 -22.69
C ALA H 51 -12.82 17.90 -23.96
N GLN H 52 -13.97 18.55 -23.80
CA GLN H 52 -14.66 19.15 -24.97
C GLN H 52 -13.75 20.07 -25.81
N PRO H 53 -13.08 21.05 -25.18
CA PRO H 53 -12.09 21.81 -25.95
C PRO H 53 -11.10 20.90 -26.73
N ALA H 54 -10.37 20.05 -26.03
CA ALA H 54 -9.43 19.15 -26.69
C ALA H 54 -10.13 18.44 -27.86
N ILE H 55 -11.40 18.06 -27.66
CA ILE H 55 -12.17 17.36 -28.68
C ILE H 55 -12.48 18.26 -29.89
N ASP H 56 -12.91 19.48 -29.62
CA ASP H 56 -13.15 20.45 -30.69
C ASP H 56 -11.86 20.73 -31.43
N LYS H 57 -10.81 21.08 -30.67
CA LYS H 57 -9.52 21.44 -31.26
C LYS H 57 -9.03 20.34 -32.19
N GLY H 58 -9.49 19.12 -31.94
CA GLY H 58 -9.12 17.98 -32.75
C GLY H 58 -9.92 17.91 -34.03
N VAL H 59 -11.24 17.95 -33.92
CA VAL H 59 -12.09 17.95 -35.10
C VAL H 59 -11.86 19.19 -35.98
N ARG H 60 -11.75 20.36 -35.34
CA ARG H 60 -11.55 21.61 -36.07
C ARG H 60 -10.19 21.64 -36.74
N GLN H 61 -9.35 20.65 -36.45
CA GLN H 61 -8.01 20.59 -36.99
C GLN H 61 -7.92 19.62 -38.16
N ALA H 62 -8.71 18.54 -38.11
CA ALA H 62 -8.75 17.58 -39.21
C ALA H 62 -9.65 18.08 -40.34
N GLU H 63 -10.51 19.04 -40.00
CA GLU H 63 -11.31 19.72 -41.02
C GLU H 63 -10.40 20.67 -41.79
N ASN H 64 -9.59 21.41 -41.03
CA ASN H 64 -8.63 22.34 -41.59
C ASN H 64 -7.62 21.73 -42.57
N TRP H 65 -7.53 20.40 -42.64
CA TRP H 65 -6.64 19.73 -43.61
C TRP H 65 -7.41 19.03 -44.70
N LEU H 66 -8.67 18.69 -44.40
CA LEU H 66 -9.58 18.24 -45.43
C LEU H 66 -9.95 19.46 -46.25
N ALA H 67 -9.93 20.62 -45.59
CA ALA H 67 -10.27 21.88 -46.22
C ALA H 67 -9.20 22.37 -47.19
N ASP H 68 -7.97 21.88 -47.04
CA ASP H 68 -6.90 22.28 -47.94
C ASP H 68 -6.85 21.40 -49.18
N GLN H 69 -7.63 21.81 -50.18
CA GLN H 69 -7.70 21.17 -51.50
C GLN H 69 -6.71 20.01 -51.66
N ILE H 70 -5.63 20.24 -52.41
CA ILE H 70 -4.61 19.22 -52.62
C ILE H 70 -4.12 18.68 -51.28
N GLU H 71 -4.39 17.40 -51.05
CA GLU H 71 -4.13 16.77 -49.77
C GLU H 71 -2.64 16.39 -49.61
N GLY H 72 -2.05 16.80 -48.49
CA GLY H 72 -0.62 16.63 -48.25
C GLY H 72 -0.16 16.17 -46.87
N GLN H 73 -0.05 17.09 -45.92
CA GLN H 73 0.63 16.84 -44.64
C GLN H 73 -0.22 16.27 -43.51
N LEU H 74 -0.81 15.09 -43.71
CA LEU H 74 -1.77 14.54 -42.74
C LEU H 74 -1.18 14.36 -41.34
N TRP H 75 -0.13 13.54 -41.25
CA TRP H 75 0.54 13.34 -39.98
C TRP H 75 0.87 14.67 -39.30
N THR H 76 1.60 15.52 -40.01
CA THR H 76 2.07 16.80 -39.46
C THR H 76 0.94 17.72 -38.95
N ALA H 77 -0.21 17.70 -39.61
CA ALA H 77 -1.37 18.44 -39.10
C ALA H 77 -1.88 17.79 -37.83
N PHE H 78 -1.69 16.47 -37.74
CA PHE H 78 -2.14 15.67 -36.61
C PHE H 78 -1.17 15.73 -35.46
N ALA H 79 0.12 15.67 -35.76
CA ALA H 79 1.15 15.69 -34.72
C ALA H 79 1.32 17.07 -34.06
N PHE H 80 1.25 18.14 -34.85
CA PHE H 80 1.44 19.46 -34.25
C PHE H 80 0.22 19.91 -33.45
N GLY H 81 -0.97 19.55 -33.93
CA GLY H 81 -2.19 19.83 -33.21
C GLY H 81 -2.20 19.12 -31.87
N ARG H 82 -1.85 17.83 -31.89
CA ARG H 82 -1.85 17.01 -30.68
C ARG H 82 -0.94 17.53 -29.57
N ASP H 83 0.36 17.50 -29.80
CA ASP H 83 1.28 17.83 -28.71
C ASP H 83 1.37 19.34 -28.50
N SER H 84 0.36 20.04 -29.00
CA SER H 84 0.12 21.44 -28.64
C SER H 84 -0.75 21.49 -27.39
N LEU H 85 -1.03 20.32 -26.82
CA LEU H 85 -1.88 20.20 -25.63
C LEU H 85 -1.10 19.59 -24.47
N PRO H 86 -1.31 20.13 -23.26
CA PRO H 86 -0.54 19.88 -22.04
C PRO H 86 -0.57 18.44 -21.53
N THR H 87 -1.74 18.00 -21.09
CA THR H 87 -1.90 16.70 -20.45
C THR H 87 -2.23 15.61 -21.49
N PRO H 88 -1.71 14.38 -21.29
CA PRO H 88 -1.99 13.24 -22.19
C PRO H 88 -3.48 12.93 -22.25
N MET H 89 -4.19 13.27 -21.18
CA MET H 89 -5.63 13.13 -21.15
C MET H 89 -6.27 14.03 -22.22
N GLN H 90 -5.69 15.22 -22.42
CA GLN H 90 -6.13 16.11 -23.49
C GLN H 90 -5.52 15.74 -24.85
N LYS H 91 -4.29 15.27 -24.85
CA LYS H 91 -3.65 14.92 -26.12
C LYS H 91 -4.42 13.81 -26.80
N THR H 92 -4.93 12.87 -26.02
CA THR H 92 -5.66 11.76 -26.61
C THR H 92 -7.08 12.15 -26.99
N ALA H 93 -7.68 13.10 -26.26
CA ALA H 93 -9.01 13.58 -26.64
C ALA H 93 -8.95 14.12 -28.07
N PHE H 94 -7.93 14.93 -28.31
CA PHE H 94 -7.58 15.41 -29.65
C PHE H 94 -7.40 14.27 -30.67
N GLU H 95 -6.66 13.23 -30.30
CA GLU H 95 -6.44 12.12 -31.23
C GLU H 95 -7.74 11.47 -31.64
N VAL H 96 -8.68 11.33 -30.70
CA VAL H 96 -9.92 10.63 -30.99
C VAL H 96 -10.87 11.49 -31.85
N ALA H 97 -11.02 12.75 -31.47
CA ALA H 97 -11.84 13.66 -32.23
C ALA H 97 -11.26 13.67 -33.63
N PHE H 98 -9.97 13.98 -33.72
CA PHE H 98 -9.26 14.09 -34.99
C PHE H 98 -9.41 12.88 -35.93
N LEU H 99 -9.24 11.67 -35.42
CA LEU H 99 -9.35 10.47 -36.25
C LEU H 99 -10.80 10.13 -36.59
N THR H 100 -11.69 10.37 -35.64
CA THR H 100 -13.08 10.06 -35.87
C THR H 100 -13.58 11.01 -36.96
N ARG H 101 -13.15 12.26 -36.89
CA ARG H 101 -13.51 13.24 -37.88
C ARG H 101 -13.05 12.76 -39.26
N LEU H 102 -11.81 12.25 -39.30
CA LEU H 102 -11.31 11.60 -40.50
C LEU H 102 -12.16 10.40 -40.94
N GLN H 103 -12.75 9.68 -39.99
CA GLN H 103 -13.55 8.52 -40.33
C GLN H 103 -14.83 8.95 -41.04
N GLN H 104 -15.32 10.12 -40.66
CA GLN H 104 -16.56 10.71 -41.18
C GLN H 104 -16.50 11.18 -42.65
N ARG H 105 -15.31 11.28 -43.24
CA ARG H 105 -15.21 11.56 -44.66
C ARG H 105 -14.66 10.36 -45.42
N LEU H 106 -14.10 9.40 -44.70
CA LEU H 106 -13.62 8.17 -45.34
C LEU H 106 -14.79 7.23 -45.61
N VAL H 107 -15.68 7.12 -44.64
CA VAL H 107 -16.87 6.30 -44.83
C VAL H 107 -17.82 6.98 -45.82
N ALA H 108 -17.79 8.32 -45.89
CA ALA H 108 -18.62 9.08 -46.84
C ALA H 108 -18.50 8.55 -48.26
N ALA H 109 -17.26 8.29 -48.69
CA ALA H 109 -17.03 7.68 -50.00
C ALA H 109 -17.42 6.20 -50.01
N ARG H 110 -18.72 5.93 -50.10
CA ARG H 110 -19.28 4.59 -49.96
C ARG H 110 -18.28 3.58 -49.38
N LYS I 17 37.72 -4.84 6.66
CA LYS I 17 37.04 -4.26 5.51
C LYS I 17 36.34 -2.95 5.88
N THR I 18 36.41 -1.97 4.99
CA THR I 18 35.79 -0.66 5.19
C THR I 18 34.27 -0.69 5.01
N HIS I 19 33.64 0.46 5.26
CA HIS I 19 32.23 0.60 4.95
C HIS I 19 32.00 0.41 3.45
N VAL I 20 32.70 1.16 2.61
CA VAL I 20 32.55 1.00 1.15
C VAL I 20 32.84 -0.44 0.69
N ASP I 21 33.82 -1.08 1.29
CA ASP I 21 34.05 -2.49 1.00
C ASP I 21 32.85 -3.37 1.35
N ALA I 22 32.14 -3.05 2.43
CA ALA I 22 31.08 -3.92 2.91
C ALA I 22 29.84 -3.76 2.05
N ILE I 23 29.63 -2.56 1.52
CA ILE I 23 28.52 -2.29 0.62
C ILE I 23 28.72 -2.99 -0.73
N ILE I 24 29.92 -2.93 -1.28
CA ILE I 24 30.21 -3.61 -2.53
C ILE I 24 30.10 -5.12 -2.35
N GLU I 25 30.54 -5.63 -1.20
CA GLU I 25 30.45 -7.06 -0.94
C GLU I 25 29.00 -7.53 -0.86
N ARG I 26 28.13 -6.75 -0.23
CA ARG I 26 26.70 -6.94 -0.47
C ARG I 26 26.52 -6.31 -1.85
N TYR I 27 25.71 -6.93 -2.70
CA TYR I 27 25.64 -6.46 -4.10
C TYR I 27 26.69 -7.07 -5.01
N LYS I 28 27.46 -8.04 -4.51
CA LYS I 28 28.46 -8.69 -5.36
C LYS I 28 27.83 -9.30 -6.62
N ASP I 29 26.69 -9.97 -6.47
CA ASP I 29 25.98 -10.48 -7.63
C ASP I 29 25.61 -9.36 -8.63
N LEU I 30 25.37 -8.15 -8.14
CA LEU I 30 24.93 -7.06 -9.02
C LEU I 30 26.06 -6.31 -9.71
N MET I 31 27.28 -6.72 -9.44
CA MET I 31 28.45 -6.02 -9.96
C MET I 31 28.71 -6.40 -11.42
N VAL I 32 28.93 -5.40 -12.26
CA VAL I 32 29.31 -5.66 -13.65
C VAL I 32 30.66 -5.02 -13.98
N GLU I 33 31.48 -5.70 -14.77
CA GLU I 33 32.81 -5.20 -15.10
C GLU I 33 33.01 -4.93 -16.60
N ILE I 34 33.27 -3.67 -16.93
CA ILE I 34 33.69 -3.26 -18.26
C ILE I 34 35.20 -3.48 -18.33
N PRO I 35 35.64 -4.51 -19.07
CA PRO I 35 37.06 -4.90 -19.13
C PRO I 35 38.03 -3.76 -19.50
N PRO I 36 39.34 -3.98 -19.33
CA PRO I 36 40.40 -3.04 -19.73
C PRO I 36 40.72 -3.10 -21.23
N ALA I 37 41.03 -1.95 -21.84
CA ALA I 37 41.37 -1.92 -23.26
C ALA I 37 42.74 -1.29 -23.54
N ASP I 38 42.83 0.03 -23.38
CA ASP I 38 44.08 0.74 -23.68
C ASP I 38 44.52 1.60 -22.48
N ARG I 39 44.00 2.83 -22.44
CA ARG I 39 44.19 3.74 -21.32
C ARG I 39 43.48 3.17 -20.12
N GLN I 40 43.92 3.58 -18.92
CA GLN I 40 43.38 3.10 -17.64
C GLN I 40 41.89 2.81 -17.72
N PRO I 41 41.55 1.59 -18.14
CA PRO I 41 40.20 1.14 -18.47
C PRO I 41 39.62 0.32 -17.31
N GLY I 42 38.60 -0.47 -17.60
CA GLY I 42 38.03 -1.35 -16.60
C GLY I 42 37.29 -0.69 -15.46
N LEU I 43 36.13 -0.10 -15.75
CA LEU I 43 35.22 0.37 -14.71
C LEU I 43 34.57 -0.83 -14.07
N SER I 44 34.44 -0.81 -12.75
CA SER I 44 33.59 -1.78 -12.07
C SER I 44 32.30 -1.05 -11.74
N LEU I 45 31.17 -1.67 -12.04
CA LEU I 45 29.89 -0.95 -11.98
C LEU I 45 28.80 -1.72 -11.25
N LEU I 46 28.08 -1.02 -10.38
CA LEU I 46 26.91 -1.60 -9.71
C LEU I 46 25.68 -1.38 -10.57
N TRP I 47 25.00 -2.47 -10.90
CA TRP I 47 23.82 -2.37 -11.74
C TRP I 47 22.63 -2.95 -10.98
N PRO I 48 21.47 -2.27 -11.08
CA PRO I 48 20.26 -2.62 -10.33
C PRO I 48 19.81 -4.08 -10.55
N VAL I 49 19.97 -4.58 -11.78
CA VAL I 49 19.74 -6.00 -12.09
C VAL I 49 20.98 -6.56 -12.77
N PRO I 50 21.19 -7.87 -12.64
CA PRO I 50 22.36 -8.49 -13.30
C PRO I 50 22.31 -8.26 -14.80
N ALA I 51 23.33 -7.64 -15.35
CA ALA I 51 23.37 -7.37 -16.78
C ALA I 51 24.77 -7.49 -17.39
N GLN I 52 25.56 -8.45 -16.92
CA GLN I 52 26.87 -8.67 -17.54
C GLN I 52 26.77 -9.07 -19.02
N PRO I 53 25.73 -9.83 -19.40
CA PRO I 53 25.60 -10.13 -20.84
C PRO I 53 25.36 -8.87 -21.69
N ALA I 54 24.51 -7.98 -21.18
CA ALA I 54 24.24 -6.72 -21.86
C ALA I 54 25.47 -5.80 -21.91
N ILE I 55 26.19 -5.67 -20.81
CA ILE I 55 27.39 -4.84 -20.78
C ILE I 55 28.38 -5.33 -21.82
N ASP I 56 28.42 -6.65 -22.03
CA ASP I 56 29.29 -7.24 -23.05
C ASP I 56 28.90 -6.76 -24.45
N LYS I 57 27.67 -7.12 -24.88
CA LYS I 57 27.19 -6.75 -26.20
C LYS I 57 27.53 -5.31 -26.54
N GLY I 58 27.71 -4.51 -25.49
CA GLY I 58 28.00 -3.09 -25.66
C GLY I 58 29.47 -2.82 -25.94
N VAL I 59 30.35 -3.40 -25.14
CA VAL I 59 31.78 -3.20 -25.36
C VAL I 59 32.16 -3.84 -26.70
N ARG I 60 31.72 -5.08 -26.88
CA ARG I 60 31.94 -5.82 -28.10
C ARG I 60 31.49 -5.04 -29.34
N GLN I 61 30.37 -4.33 -29.23
CA GLN I 61 29.82 -3.54 -30.33
C GLN I 61 30.73 -2.39 -30.73
N ALA I 62 31.04 -1.49 -29.80
CA ALA I 62 31.96 -0.40 -30.12
C ALA I 62 33.37 -0.95 -30.40
N GLU I 63 33.57 -2.25 -30.15
CA GLU I 63 34.83 -2.91 -30.46
C GLU I 63 34.74 -3.62 -31.81
N ASN I 64 33.65 -3.34 -32.52
CA ASN I 64 33.51 -3.79 -33.91
C ASN I 64 33.57 -2.61 -34.86
N TRP I 65 33.00 -1.47 -34.46
CA TRP I 65 33.06 -0.25 -35.26
C TRP I 65 34.45 0.36 -35.31
N LEU I 66 35.28 0.03 -34.32
CA LEU I 66 36.68 0.44 -34.28
C LEU I 66 37.51 -0.45 -35.19
N ALA I 67 37.42 -1.76 -34.95
CA ALA I 67 38.10 -2.77 -35.74
C ALA I 67 37.52 -2.90 -37.16
N ASP I 68 37.01 -1.78 -37.67
CA ASP I 68 36.64 -1.66 -39.07
C ASP I 68 37.43 -0.46 -39.61
N GLN I 69 38.38 -0.75 -40.50
CA GLN I 69 39.38 0.23 -40.98
C GLN I 69 38.92 1.69 -41.04
N ILE I 70 38.90 2.25 -42.25
CA ILE I 70 38.44 3.62 -42.44
C ILE I 70 36.98 3.71 -41.98
N GLU I 71 36.82 4.24 -40.77
CA GLU I 71 35.58 4.13 -39.99
C GLU I 71 34.34 4.79 -40.64
N GLY I 72 33.29 3.98 -40.79
CA GLY I 72 32.06 4.40 -41.47
C GLY I 72 31.11 5.26 -40.64
N GLN I 73 30.06 4.65 -40.08
CA GLN I 73 29.05 5.40 -39.31
C GLN I 73 28.72 4.89 -37.90
N LEU I 74 29.07 5.71 -36.89
CA LEU I 74 29.01 5.34 -35.47
C LEU I 74 27.58 5.17 -34.94
N TRP I 75 26.79 6.24 -35.05
CA TRP I 75 25.42 6.22 -34.56
C TRP I 75 24.60 4.99 -34.93
N THR I 76 24.94 4.37 -36.05
CA THR I 76 24.20 3.21 -36.52
C THR I 76 24.48 1.97 -35.68
N ALA I 77 25.75 1.69 -35.45
CA ALA I 77 26.13 0.57 -34.59
C ALA I 77 25.42 0.71 -33.24
N PHE I 78 25.48 1.91 -32.68
CA PHE I 78 24.79 2.23 -31.43
C PHE I 78 23.28 1.93 -31.52
N ALA I 79 22.58 2.61 -32.43
CA ALA I 79 21.13 2.43 -32.61
C ALA I 79 20.73 0.97 -32.70
N PHE I 80 21.47 0.18 -33.48
CA PHE I 80 21.09 -1.21 -33.68
C PHE I 80 21.57 -2.10 -32.56
N GLY I 81 22.73 -1.80 -32.01
CA GLY I 81 23.23 -2.57 -30.88
C GLY I 81 22.20 -2.49 -29.78
N ARG I 82 21.77 -1.27 -29.47
CA ARG I 82 20.86 -1.01 -28.36
C ARG I 82 19.47 -1.59 -28.58
N ASP I 83 19.02 -1.63 -29.84
CA ASP I 83 17.67 -2.11 -30.14
C ASP I 83 17.54 -3.62 -30.05
N SER I 84 18.66 -4.33 -30.07
CA SER I 84 18.62 -5.78 -29.92
C SER I 84 18.44 -6.21 -28.46
N LEU I 85 18.50 -5.24 -27.54
CA LEU I 85 18.31 -5.51 -26.11
C LEU I 85 16.89 -5.14 -25.69
N PRO I 86 16.24 -6.01 -24.91
CA PRO I 86 14.79 -6.03 -24.63
C PRO I 86 14.26 -5.11 -23.52
N THR I 87 15.09 -4.74 -22.54
CA THR I 87 14.60 -3.91 -21.44
C THR I 87 15.40 -2.62 -21.30
N PRO I 88 14.78 -1.61 -20.68
CA PRO I 88 15.44 -0.33 -20.41
C PRO I 88 16.69 -0.55 -19.59
N MET I 89 16.62 -1.45 -18.61
CA MET I 89 17.78 -1.67 -17.74
C MET I 89 18.94 -2.26 -18.52
N GLN I 90 18.63 -3.14 -19.47
CA GLN I 90 19.65 -3.74 -20.31
C GLN I 90 20.08 -2.79 -21.43
N LYS I 91 19.17 -1.93 -21.86
CA LYS I 91 19.50 -1.04 -22.96
C LYS I 91 20.52 -0.09 -22.41
N THR I 92 20.29 0.36 -21.19
CA THR I 92 21.16 1.38 -20.65
C THR I 92 22.53 0.80 -20.27
N ALA I 93 22.58 -0.48 -19.88
CA ALA I 93 23.87 -1.11 -19.59
C ALA I 93 24.67 -1.08 -20.87
N PHE I 94 24.01 -1.50 -21.96
CA PHE I 94 24.62 -1.40 -23.29
C PHE I 94 25.18 -0.01 -23.52
N GLU I 95 24.39 1.02 -23.27
CA GLU I 95 24.82 2.38 -23.58
C GLU I 95 26.07 2.76 -22.80
N VAL I 96 26.16 2.29 -21.56
CA VAL I 96 27.30 2.68 -20.73
C VAL I 96 28.54 1.91 -21.16
N ALA I 97 28.42 0.59 -21.32
CA ALA I 97 29.49 -0.24 -21.84
C ALA I 97 30.05 0.33 -23.13
N PHE I 98 29.22 0.35 -24.16
CA PHE I 98 29.55 0.95 -25.45
C PHE I 98 30.20 2.34 -25.30
N LEU I 99 29.56 3.26 -24.59
CA LEU I 99 30.09 4.61 -24.44
C LEU I 99 31.45 4.64 -23.74
N THR I 100 31.69 3.66 -22.88
CA THR I 100 32.91 3.61 -22.12
C THR I 100 34.03 2.84 -22.85
N ARG I 101 33.68 1.77 -23.56
CA ARG I 101 34.65 1.12 -24.45
C ARG I 101 35.23 2.12 -25.44
N LEU I 102 34.47 3.19 -25.67
CA LEU I 102 34.88 4.24 -26.59
C LEU I 102 35.65 5.34 -25.89
N GLN I 103 35.50 5.46 -24.58
CA GLN I 103 36.27 6.45 -23.85
C GLN I 103 37.71 5.94 -23.77
N GLN I 104 37.84 4.61 -23.66
CA GLN I 104 39.14 3.95 -23.57
C GLN I 104 40.04 4.34 -24.75
N ARG I 105 39.75 3.78 -25.92
CA ARG I 105 40.54 4.11 -27.10
C ARG I 105 40.51 5.60 -27.39
N LEU I 106 39.41 6.26 -27.07
CA LEU I 106 39.23 7.68 -27.40
C LEU I 106 40.20 8.57 -26.66
N VAL I 107 40.57 8.17 -25.44
CA VAL I 107 41.48 9.00 -24.65
C VAL I 107 42.91 8.49 -24.78
N ALA I 108 43.06 7.24 -25.22
CA ALA I 108 44.37 6.68 -25.55
C ALA I 108 44.97 7.37 -26.80
N ALA I 109 45.39 8.62 -26.62
CA ALA I 109 45.88 9.49 -27.68
C ALA I 109 45.73 10.95 -27.24
N ARG I 110 46.76 11.47 -26.59
CA ARG I 110 46.76 12.83 -26.00
C ARG I 110 45.38 13.48 -25.93
N ASP J 29 11.37 22.83 -43.21
CA ASP J 29 11.62 23.81 -42.15
C ASP J 29 11.82 23.13 -40.78
N LEU J 30 11.83 21.81 -40.78
CA LEU J 30 12.08 21.06 -39.55
C LEU J 30 13.42 20.37 -39.67
N MET J 31 14.38 21.06 -40.26
CA MET J 31 15.71 20.51 -40.50
C MET J 31 16.54 20.51 -39.23
N VAL J 32 17.51 19.59 -39.16
CA VAL J 32 18.52 19.60 -38.11
C VAL J 32 19.93 19.79 -38.67
N GLU J 33 20.74 20.57 -37.96
CA GLU J 33 22.06 20.97 -38.43
C GLU J 33 23.18 20.59 -37.44
N ILE J 34 23.99 19.60 -37.82
CA ILE J 34 25.18 19.17 -37.07
C ILE J 34 26.46 19.59 -37.81
N PRO J 35 27.14 20.63 -37.29
CA PRO J 35 28.27 21.31 -37.94
C PRO J 35 29.48 20.42 -38.23
N PRO J 36 30.56 21.01 -38.79
CA PRO J 36 31.83 20.33 -39.06
C PRO J 36 32.83 20.40 -37.89
N ALA J 37 33.78 19.47 -37.87
CA ALA J 37 34.74 19.37 -36.77
C ALA J 37 36.19 19.45 -37.21
N ASP J 38 36.78 18.27 -37.43
CA ASP J 38 38.13 18.16 -37.96
C ASP J 38 38.07 17.26 -39.19
N ARG J 39 37.61 16.03 -38.96
CA ARG J 39 37.41 15.04 -40.01
C ARG J 39 35.93 14.92 -40.31
N GLN J 40 35.55 13.90 -41.06
CA GLN J 40 34.16 13.64 -41.45
C GLN J 40 33.17 14.49 -40.64
N PRO J 41 32.91 15.72 -41.10
CA PRO J 41 32.26 16.68 -40.21
C PRO J 41 30.99 17.30 -40.76
N GLY J 42 29.90 16.55 -40.91
CA GLY J 42 28.65 17.16 -41.32
C GLY J 42 27.38 16.34 -41.19
N LEU J 43 26.25 17.04 -41.20
CA LEU J 43 24.95 16.38 -41.15
C LEU J 43 24.08 16.66 -42.38
N SER J 44 23.32 15.65 -42.81
CA SER J 44 22.30 15.81 -43.85
C SER J 44 20.98 15.39 -43.25
N LEU J 45 20.63 16.02 -42.13
CA LEU J 45 19.57 15.49 -41.29
C LEU J 45 18.25 16.24 -41.31
N LEU J 46 17.20 15.50 -41.69
CA LEU J 46 15.82 15.92 -41.58
C LEU J 46 15.20 15.21 -40.36
N TRP J 47 14.88 15.98 -39.33
CA TRP J 47 14.31 15.43 -38.11
C TRP J 47 12.80 15.49 -38.18
N PRO J 48 12.13 14.37 -37.85
CA PRO J 48 10.67 14.32 -37.83
C PRO J 48 10.03 15.57 -37.20
N VAL J 49 10.73 16.22 -36.27
CA VAL J 49 10.23 17.44 -35.64
C VAL J 49 11.37 18.43 -35.34
N PRO J 50 11.00 19.64 -34.87
CA PRO J 50 11.98 20.68 -34.53
C PRO J 50 12.95 20.31 -33.40
N ALA J 51 14.20 19.98 -33.75
CA ALA J 51 15.20 19.61 -32.75
C ALA J 51 16.62 20.10 -33.09
N GLN J 52 16.76 21.38 -33.35
CA GLN J 52 18.09 21.99 -33.46
C GLN J 52 18.63 22.36 -32.08
N PRO J 53 17.78 23.00 -31.25
CA PRO J 53 18.16 23.25 -29.85
C PRO J 53 18.59 21.96 -29.13
N ALA J 54 17.87 20.87 -29.37
CA ALA J 54 18.21 19.60 -28.75
C ALA J 54 19.48 19.04 -29.35
N ILE J 55 19.77 19.42 -30.59
CA ILE J 55 20.94 18.92 -31.30
C ILE J 55 22.19 19.76 -30.95
N ASP J 56 21.98 21.02 -30.61
CA ASP J 56 23.06 21.85 -30.10
C ASP J 56 23.47 21.30 -28.73
N LYS J 57 22.50 21.27 -27.82
CA LYS J 57 22.72 20.86 -26.43
C LYS J 57 23.52 19.57 -26.33
N GLY J 58 23.51 18.79 -27.39
CA GLY J 58 24.19 17.51 -27.42
C GLY J 58 25.55 17.62 -28.05
N VAL J 59 25.76 18.62 -28.89
CA VAL J 59 27.10 18.85 -29.42
C VAL J 59 28.02 19.41 -28.33
N ARG J 60 27.65 20.54 -27.74
CA ARG J 60 28.40 21.15 -26.64
C ARG J 60 28.77 20.09 -25.63
N GLN J 61 27.74 19.52 -25.01
CA GLN J 61 27.89 18.47 -24.01
C GLN J 61 29.08 17.55 -24.32
N ALA J 62 29.23 17.16 -25.59
CA ALA J 62 30.23 16.17 -26.00
C ALA J 62 31.63 16.74 -26.16
N GLU J 63 31.73 18.00 -26.58
CA GLU J 63 33.03 18.62 -26.74
C GLU J 63 33.36 19.49 -25.53
N ASN J 64 32.39 19.64 -24.61
CA ASN J 64 32.69 20.11 -23.28
C ASN J 64 33.52 19.04 -22.60
N TRP J 65 33.13 17.79 -22.81
CA TRP J 65 33.87 16.65 -22.28
C TRP J 65 35.15 16.39 -23.03
N LEU J 66 35.07 16.39 -24.36
CA LEU J 66 36.22 16.17 -25.22
C LEU J 66 37.34 17.10 -24.77
N ALA J 67 36.95 18.35 -24.48
CA ALA J 67 37.82 19.35 -23.86
C ALA J 67 38.27 18.93 -22.46
N ASP J 68 38.07 19.80 -21.47
CA ASP J 68 38.57 19.57 -20.10
C ASP J 68 38.91 18.09 -19.85
N GLN J 69 40.21 17.80 -19.83
CA GLN J 69 40.73 16.44 -19.83
C GLN J 69 40.00 15.48 -18.87
N ILE J 70 39.17 14.59 -19.44
CA ILE J 70 38.46 13.56 -18.69
C ILE J 70 37.89 14.06 -17.34
N GLU J 71 37.04 15.10 -17.40
CA GLU J 71 36.46 15.70 -16.20
C GLU J 71 35.66 14.67 -15.42
N GLY J 72 34.56 14.21 -16.02
CA GLY J 72 33.85 13.07 -15.50
C GLY J 72 33.96 11.89 -16.46
N GLN J 73 33.30 10.79 -16.13
CA GLN J 73 33.14 9.68 -17.06
C GLN J 73 32.41 10.14 -18.32
N LEU J 74 32.59 9.41 -19.42
CA LEU J 74 31.98 9.79 -20.68
C LEU J 74 30.49 9.44 -20.66
N TRP J 75 30.17 8.23 -20.22
CA TRP J 75 28.77 7.83 -20.09
C TRP J 75 28.01 8.83 -19.23
N THR J 76 28.68 9.32 -18.19
CA THR J 76 28.13 10.34 -17.30
C THR J 76 27.68 11.59 -18.04
N ALA J 77 28.54 12.13 -18.88
CA ALA J 77 28.18 13.32 -19.64
C ALA J 77 27.01 12.99 -20.57
N PHE J 78 26.97 11.75 -21.03
CA PHE J 78 25.93 11.29 -21.94
C PHE J 78 24.55 11.18 -21.28
N ALA J 79 24.46 10.32 -20.26
CA ALA J 79 23.19 10.05 -19.58
C ALA J 79 22.62 11.27 -18.86
N PHE J 80 23.42 11.96 -18.07
CA PHE J 80 22.88 13.11 -17.35
C PHE J 80 22.52 14.25 -18.31
N GLY J 81 23.15 14.26 -19.49
CA GLY J 81 22.90 15.30 -20.47
C GLY J 81 21.62 15.04 -21.24
N ARG J 82 21.40 13.77 -21.59
CA ARG J 82 20.17 13.35 -22.25
C ARG J 82 18.98 13.69 -21.36
N ASP J 83 19.10 13.45 -20.05
CA ASP J 83 18.02 13.75 -19.11
C ASP J 83 17.48 15.19 -19.22
N SER J 84 18.29 16.09 -19.77
CA SER J 84 17.97 17.52 -19.85
C SER J 84 16.79 17.80 -20.79
N LEU J 85 16.57 16.91 -21.75
CA LEU J 85 15.55 17.08 -22.79
C LEU J 85 14.24 16.31 -22.48
N PRO J 86 13.10 17.00 -22.56
CA PRO J 86 11.76 16.48 -22.26
C PRO J 86 11.29 15.30 -23.12
N THR J 87 11.46 15.35 -24.43
CA THR J 87 10.81 14.38 -25.32
C THR J 87 11.72 13.27 -25.82
N PRO J 88 11.19 12.06 -25.96
CA PRO J 88 11.96 11.01 -26.63
C PRO J 88 12.49 11.45 -28.00
N MET J 89 11.83 12.44 -28.61
CA MET J 89 12.27 12.96 -29.89
C MET J 89 13.53 13.82 -29.74
N GLN J 90 13.56 14.61 -28.67
CA GLN J 90 14.71 15.45 -28.36
C GLN J 90 15.89 14.60 -27.86
N LYS J 91 15.66 13.84 -26.80
CA LYS J 91 16.69 12.95 -26.27
C LYS J 91 17.40 12.18 -27.38
N THR J 92 16.68 11.89 -28.46
CA THR J 92 17.26 11.12 -29.57
C THR J 92 18.12 12.03 -30.46
N ALA J 93 17.71 13.28 -30.60
CA ALA J 93 18.52 14.27 -31.29
C ALA J 93 19.87 14.43 -30.56
N PHE J 94 19.77 14.76 -29.27
CA PHE J 94 20.95 14.83 -28.41
C PHE J 94 21.84 13.62 -28.64
N GLU J 95 21.22 12.44 -28.65
CA GLU J 95 21.98 11.21 -28.82
C GLU J 95 22.78 11.13 -30.14
N VAL J 96 22.21 11.66 -31.23
CA VAL J 96 22.96 11.70 -32.49
C VAL J 96 23.99 12.84 -32.57
N ALA J 97 23.65 14.01 -32.01
CA ALA J 97 24.60 15.13 -31.94
C ALA J 97 25.80 14.78 -31.05
N PHE J 98 25.53 14.12 -29.93
CA PHE J 98 26.57 13.67 -29.02
C PHE J 98 27.45 12.57 -29.62
N LEU J 99 26.82 11.51 -30.16
CA LEU J 99 27.53 10.34 -30.65
C LEU J 99 28.25 10.59 -31.98
N THR J 100 27.84 11.63 -32.68
CA THR J 100 28.42 11.92 -33.97
C THR J 100 29.58 12.91 -33.81
N ARG J 101 29.46 13.80 -32.82
CA ARG J 101 30.55 14.67 -32.43
C ARG J 101 31.74 13.85 -31.92
N LEU J 102 31.44 12.75 -31.23
CA LEU J 102 32.46 11.78 -30.80
C LEU J 102 33.06 11.06 -31.99
N GLN J 103 32.32 11.02 -33.09
CA GLN J 103 32.80 10.33 -34.27
C GLN J 103 33.71 11.26 -35.03
N GLN J 104 33.23 12.50 -35.21
CA GLN J 104 34.00 13.55 -35.85
C GLN J 104 35.43 13.56 -35.29
N ARG J 105 35.56 14.08 -34.07
CA ARG J 105 36.87 14.23 -33.45
C ARG J 105 37.41 12.91 -32.90
N LEU J 106 36.90 11.80 -33.45
CA LEU J 106 37.50 10.49 -33.19
C LEU J 106 38.30 10.09 -34.41
N VAL J 107 37.58 9.90 -35.53
CA VAL J 107 38.18 9.50 -36.80
C VAL J 107 39.41 10.34 -37.11
N ALA J 108 39.35 11.62 -36.75
CA ALA J 108 40.48 12.54 -36.90
C ALA J 108 41.80 12.06 -36.26
N ALA J 109 41.82 10.82 -35.80
CA ALA J 109 43.08 10.19 -35.42
C ALA J 109 43.63 9.47 -36.66
N ARG J 110 44.30 10.23 -37.52
CA ARG J 110 44.78 9.71 -38.81
C ARG J 110 46.24 9.27 -38.72
N ASP K 29 -13.99 -20.69 41.56
CA ASP K 29 -12.60 -20.65 41.13
C ASP K 29 -12.32 -19.70 39.94
N LEU K 30 -13.17 -18.70 39.75
CA LEU K 30 -12.81 -17.51 38.99
C LEU K 30 -12.25 -16.40 39.93
N MET K 31 -12.10 -16.76 41.20
CA MET K 31 -11.59 -15.85 42.22
C MET K 31 -10.08 -15.81 42.15
N VAL K 32 -9.51 -14.62 42.25
CA VAL K 32 -8.09 -14.49 42.30
C VAL K 32 -7.72 -13.74 43.56
N GLU K 33 -6.44 -13.85 43.92
CA GLU K 33 -5.94 -13.11 45.06
C GLU K 33 -4.64 -12.37 44.80
N ILE K 34 -4.64 -11.10 45.21
CA ILE K 34 -3.42 -10.34 45.37
C ILE K 34 -2.97 -10.57 46.81
N PRO K 35 -1.84 -11.23 46.99
CA PRO K 35 -1.40 -11.69 48.31
C PRO K 35 -1.12 -10.55 49.31
N PRO K 36 -1.27 -10.81 50.61
CA PRO K 36 -0.90 -9.81 51.61
C PRO K 36 0.56 -9.41 51.42
N ALA K 37 0.91 -8.16 51.73
CA ALA K 37 2.32 -7.77 51.64
C ALA K 37 2.58 -6.58 52.54
N ASP K 38 3.84 -6.36 52.89
CA ASP K 38 4.21 -5.24 53.76
C ASP K 38 3.30 -5.09 55.00
N ARG K 39 2.93 -6.22 55.61
CA ARG K 39 2.11 -6.21 56.82
C ARG K 39 0.70 -5.68 56.52
N GLN K 40 0.35 -5.61 55.25
CA GLN K 40 -0.97 -5.13 54.82
C GLN K 40 -1.79 -6.30 54.32
N PRO K 41 -3.12 -6.15 54.25
CA PRO K 41 -3.93 -7.22 53.62
C PRO K 41 -3.73 -7.13 52.09
N GLY K 42 -4.02 -8.15 51.31
CA GLY K 42 -5.15 -9.03 51.48
C GLY K 42 -5.77 -8.91 50.09
N LEU K 43 -7.08 -9.04 49.97
CA LEU K 43 -7.77 -8.83 48.68
C LEU K 43 -8.01 -10.03 47.76
N SER K 44 -9.06 -10.78 48.07
CA SER K 44 -9.59 -11.77 47.15
C SER K 44 -10.59 -11.06 46.24
N LEU K 45 -10.62 -11.44 44.96
CA LEU K 45 -11.36 -10.69 43.97
C LEU K 45 -11.96 -11.63 42.95
N LEU K 46 -13.19 -11.34 42.53
CA LEU K 46 -13.76 -12.05 41.40
C LEU K 46 -13.30 -11.38 40.13
N TRP K 47 -12.67 -12.12 39.26
CA TRP K 47 -12.38 -11.59 37.95
C TRP K 47 -13.16 -12.40 36.95
N PRO K 48 -13.88 -11.72 36.06
CA PRO K 48 -14.78 -12.35 35.08
C PRO K 48 -14.11 -13.39 34.16
N VAL K 49 -12.80 -13.27 33.90
CA VAL K 49 -12.11 -14.28 33.10
C VAL K 49 -10.88 -14.83 33.86
N PRO K 50 -10.37 -16.01 33.48
CA PRO K 50 -9.19 -16.59 34.18
C PRO K 50 -8.00 -15.63 34.24
N ALA K 51 -7.60 -15.20 35.42
CA ALA K 51 -6.64 -14.11 35.48
C ALA K 51 -5.53 -14.22 36.53
N GLN K 52 -5.51 -15.30 37.32
CA GLN K 52 -4.50 -15.37 38.37
C GLN K 52 -3.12 -15.10 37.83
N PRO K 53 -2.77 -15.72 36.69
CA PRO K 53 -1.42 -15.42 36.18
C PRO K 53 -1.19 -13.94 35.82
N ALA K 54 -2.23 -13.23 35.39
CA ALA K 54 -2.09 -11.82 35.04
C ALA K 54 -1.82 -11.04 36.30
N ILE K 55 -2.53 -11.45 37.36
CA ILE K 55 -2.35 -10.91 38.71
C ILE K 55 -0.92 -11.08 39.21
N ASP K 56 -0.40 -12.30 39.19
CA ASP K 56 1.01 -12.55 39.56
C ASP K 56 2.00 -11.67 38.82
N LYS K 57 1.74 -11.39 37.55
CA LYS K 57 2.69 -10.68 36.71
C LYS K 57 2.69 -9.21 37.15
N GLY K 58 1.52 -8.72 37.56
CA GLY K 58 1.38 -7.35 38.03
C GLY K 58 2.01 -7.16 39.39
N VAL K 59 1.77 -8.10 40.31
CA VAL K 59 2.41 -8.02 41.60
C VAL K 59 3.92 -8.07 41.45
N ARG K 60 4.38 -8.98 40.61
CA ARG K 60 5.79 -9.27 40.49
C ARG K 60 6.52 -8.12 39.84
N GLN K 61 5.84 -7.49 38.90
CA GLN K 61 6.45 -6.45 38.10
C GLN K 61 6.54 -5.23 39.04
N ALA K 62 5.53 -5.05 39.88
CA ALA K 62 5.53 -4.00 40.86
C ALA K 62 6.55 -4.26 41.96
N GLU K 63 6.66 -5.49 42.48
CA GLU K 63 7.73 -5.76 43.47
C GLU K 63 9.12 -5.77 42.87
N ASN K 64 9.26 -6.06 41.58
CA ASN K 64 10.59 -5.99 41.02
C ASN K 64 11.11 -4.56 41.02
N TRP K 65 10.23 -3.62 40.69
CA TRP K 65 10.57 -2.20 40.77
C TRP K 65 10.82 -1.77 42.22
N LEU K 66 9.94 -2.14 43.13
CA LEU K 66 10.13 -1.74 44.53
C LEU K 66 11.50 -2.21 45.06
N ALA K 67 12.02 -3.30 44.51
CA ALA K 67 13.26 -3.89 45.00
C ALA K 67 14.55 -3.29 44.45
N ASP K 68 14.72 -3.17 43.13
CA ASP K 68 15.92 -2.49 42.65
C ASP K 68 15.74 -0.98 42.70
N GLN K 69 16.44 -0.36 43.65
CA GLN K 69 16.17 1.03 44.00
C GLN K 69 16.12 1.96 42.78
N ILE K 70 14.91 2.21 42.28
CA ILE K 70 14.69 3.10 41.13
C ILE K 70 15.81 2.93 40.08
N GLU K 71 15.77 1.82 39.34
CA GLU K 71 16.67 1.60 38.21
C GLU K 71 16.08 2.21 36.95
N GLY K 72 14.82 1.86 36.67
CA GLY K 72 14.04 2.53 35.64
C GLY K 72 12.77 3.17 36.20
N GLN K 73 12.04 3.87 35.35
CA GLN K 73 10.84 4.58 35.76
C GLN K 73 9.75 3.59 36.19
N LEU K 74 8.95 3.93 37.19
CA LEU K 74 7.82 3.11 37.57
C LEU K 74 6.87 2.95 36.40
N TRP K 75 6.65 3.99 35.64
CA TRP K 75 5.68 3.91 34.57
C TRP K 75 6.11 2.87 33.53
N THR K 76 7.42 2.67 33.39
CA THR K 76 8.02 1.81 32.39
C THR K 76 7.77 0.34 32.74
N ALA K 77 7.97 -0.02 34.00
CA ALA K 77 7.58 -1.33 34.49
C ALA K 77 6.07 -1.60 34.29
N PHE K 78 5.25 -0.56 34.48
CA PHE K 78 3.82 -0.73 34.32
C PHE K 78 3.46 -0.96 32.85
N ALA K 79 3.88 -0.04 31.98
CA ALA K 79 3.51 -0.08 30.55
C ALA K 79 4.02 -1.31 29.78
N PHE K 80 5.29 -1.67 29.96
CA PHE K 80 5.88 -2.79 29.24
C PHE K 80 5.39 -4.13 29.83
N GLY K 81 5.12 -4.17 31.14
CA GLY K 81 4.55 -5.36 31.74
C GLY K 81 3.15 -5.64 31.25
N ARG K 82 2.27 -4.65 31.34
CA ARG K 82 0.90 -4.79 30.84
C ARG K 82 0.89 -5.26 29.37
N ASP K 83 1.71 -4.65 28.52
CA ASP K 83 1.88 -5.03 27.10
C ASP K 83 1.99 -6.54 26.87
N SER K 84 2.51 -7.26 27.86
CA SER K 84 2.81 -8.66 27.61
C SER K 84 1.61 -9.57 27.91
N LEU K 85 0.44 -9.00 28.19
CA LEU K 85 -0.75 -9.81 28.42
C LEU K 85 -1.65 -9.86 27.20
N PRO K 86 -2.21 -11.03 26.91
CA PRO K 86 -2.83 -11.26 25.60
C PRO K 86 -4.22 -10.64 25.40
N THR K 87 -4.87 -10.19 26.46
CA THR K 87 -6.26 -9.74 26.36
C THR K 87 -6.48 -8.46 27.20
N PRO K 88 -7.40 -7.59 26.76
CA PRO K 88 -7.80 -6.40 27.53
C PRO K 88 -8.18 -6.76 28.96
N MET K 89 -9.04 -7.75 29.13
CA MET K 89 -9.42 -8.22 30.46
C MET K 89 -8.23 -8.78 31.27
N GLN K 90 -7.26 -9.39 30.60
CA GLN K 90 -6.05 -9.80 31.30
C GLN K 90 -5.20 -8.57 31.64
N LYS K 91 -5.03 -7.65 30.68
CA LYS K 91 -4.24 -6.45 30.96
C LYS K 91 -4.78 -5.69 32.16
N THR K 92 -6.11 -5.57 32.25
CA THR K 92 -6.70 -4.81 33.31
C THR K 92 -6.47 -5.53 34.62
N ALA K 93 -6.47 -6.86 34.57
CA ALA K 93 -6.14 -7.64 35.77
C ALA K 93 -4.74 -7.29 36.20
N PHE K 94 -3.85 -7.26 35.23
CA PHE K 94 -2.47 -6.89 35.55
C PHE K 94 -2.45 -5.50 36.25
N GLU K 95 -3.24 -4.56 35.75
CA GLU K 95 -3.35 -3.23 36.34
C GLU K 95 -3.79 -3.24 37.78
N VAL K 96 -4.81 -4.03 38.12
CA VAL K 96 -5.34 -4.02 39.47
C VAL K 96 -4.31 -4.54 40.46
N ALA K 97 -3.57 -5.56 40.05
CA ALA K 97 -2.56 -6.18 40.90
C ALA K 97 -1.37 -5.24 41.07
N PHE K 98 -0.97 -4.61 39.97
CA PHE K 98 0.21 -3.74 39.98
C PHE K 98 -0.01 -2.55 40.91
N LEU K 99 -1.15 -1.87 40.76
CA LEU K 99 -1.48 -0.69 41.59
C LEU K 99 -1.81 -1.04 43.04
N THR K 100 -2.35 -2.23 43.30
CA THR K 100 -2.67 -2.64 44.66
C THR K 100 -1.40 -2.93 45.40
N ARG K 101 -0.48 -3.60 44.73
CA ARG K 101 0.83 -3.81 45.32
C ARG K 101 1.51 -2.48 45.69
N LEU K 102 1.35 -1.46 44.84
CA LEU K 102 1.88 -0.14 45.15
C LEU K 102 1.10 0.51 46.29
N GLN K 103 -0.20 0.27 46.32
CA GLN K 103 -1.03 0.83 47.38
C GLN K 103 -0.61 0.28 48.72
N GLN K 104 -0.29 -1.00 48.74
CA GLN K 104 0.21 -1.68 49.93
C GLN K 104 1.49 -1.09 50.50
N ARG K 105 2.48 -0.81 49.66
CA ARG K 105 3.70 -0.23 50.21
C ARG K 105 3.52 1.26 50.54
N LEU K 106 2.68 1.98 49.79
CA LEU K 106 2.39 3.38 50.10
C LEU K 106 1.76 3.52 51.49
N VAL K 107 0.83 2.62 51.82
CA VAL K 107 0.17 2.69 53.13
C VAL K 107 1.11 2.25 54.26
N ALA K 108 1.95 1.24 54.00
CA ALA K 108 2.84 0.67 55.00
C ALA K 108 3.86 1.69 55.50
N ALA K 109 4.15 2.70 54.68
CA ALA K 109 4.96 3.82 55.16
C ALA K 109 4.10 4.68 56.12
N ARG K 110 4.36 4.46 57.40
CA ARG K 110 3.60 5.08 58.48
C ARG K 110 4.04 6.52 58.65
N LYS L 17 24.81 23.95 19.54
CA LYS L 17 23.64 23.10 19.73
C LYS L 17 23.89 21.61 19.43
N THR L 18 23.54 20.74 20.37
CA THR L 18 23.80 19.29 20.28
C THR L 18 22.84 18.53 19.37
N HIS L 19 23.21 17.30 19.00
CA HIS L 19 22.26 16.42 18.30
C HIS L 19 20.97 16.28 19.10
N VAL L 20 21.05 15.88 20.37
CA VAL L 20 19.82 15.67 21.14
C VAL L 20 19.02 16.95 21.50
N ASP L 21 19.71 18.06 21.80
CA ASP L 21 19.02 19.34 21.99
C ASP L 21 18.22 19.65 20.74
N ALA L 22 18.85 19.46 19.57
CA ALA L 22 18.21 19.80 18.31
C ALA L 22 16.98 18.97 18.06
N ILE L 23 17.02 17.68 18.38
CA ILE L 23 15.83 16.86 18.22
C ILE L 23 14.75 17.25 19.23
N ILE L 24 15.15 17.63 20.45
CA ILE L 24 14.16 18.10 21.42
C ILE L 24 13.58 19.46 20.99
N GLU L 25 14.36 20.29 20.31
CA GLU L 25 13.85 21.60 19.88
C GLU L 25 12.75 21.46 18.86
N ARG L 26 13.01 20.73 17.77
CA ARG L 26 11.91 20.27 16.96
C ARG L 26 11.18 19.37 17.94
N TYR L 27 9.87 19.24 17.86
CA TYR L 27 9.14 18.53 18.92
C TYR L 27 8.96 19.33 20.23
N LYS L 28 9.50 20.54 20.30
CA LYS L 28 9.25 21.41 21.46
C LYS L 28 7.76 21.42 21.89
N ASP L 29 6.86 21.56 20.91
CA ASP L 29 5.42 21.50 21.14
C ASP L 29 4.84 20.17 21.63
N LEU L 30 5.61 19.08 21.55
CA LEU L 30 5.09 17.81 21.99
C LEU L 30 5.68 17.42 23.34
N MET L 31 6.56 18.27 23.87
CA MET L 31 7.11 18.02 25.19
C MET L 31 6.07 18.32 26.27
N VAL L 32 5.98 17.41 27.24
CA VAL L 32 5.09 17.59 28.37
C VAL L 32 5.92 17.37 29.59
N GLU L 33 5.47 17.94 30.70
CA GLU L 33 6.28 17.99 31.89
C GLU L 33 5.50 17.53 33.09
N ILE L 34 6.16 16.72 33.89
CA ILE L 34 5.67 16.30 35.19
C ILE L 34 6.51 16.96 36.28
N PRO L 35 5.86 17.81 37.09
CA PRO L 35 6.53 18.70 38.04
C PRO L 35 7.29 17.88 39.06
N PRO L 36 8.32 18.46 39.69
CA PRO L 36 8.91 17.80 40.86
C PRO L 36 7.86 17.76 41.94
N ALA L 37 7.95 16.86 42.88
CA ALA L 37 6.95 16.80 43.90
C ALA L 37 7.41 16.27 45.21
N ASP L 38 8.40 15.45 45.31
CA ASP L 38 8.69 15.17 46.71
C ASP L 38 10.11 15.36 47.15
N ARG L 39 10.68 16.46 46.73
CA ARG L 39 12.09 16.71 46.75
C ARG L 39 12.56 15.88 45.64
N GLN L 40 11.64 15.13 45.07
CA GLN L 40 11.98 14.27 43.97
C GLN L 40 11.81 14.93 42.63
N PRO L 41 12.56 14.44 41.68
CA PRO L 41 12.66 15.11 40.39
C PRO L 41 11.48 14.90 39.50
N GLY L 42 11.25 15.89 38.68
CA GLY L 42 10.25 15.79 37.67
C GLY L 42 10.79 15.08 36.48
N LEU L 43 10.09 15.25 35.40
CA LEU L 43 10.26 14.45 34.19
C LEU L 43 9.76 15.25 32.99
N SER L 44 10.58 15.40 31.96
CA SER L 44 10.13 15.98 30.69
C SER L 44 10.05 14.87 29.65
N LEU L 45 8.91 14.77 28.98
CA LEU L 45 8.65 13.62 28.14
C LEU L 45 8.16 14.10 26.79
N LEU L 46 8.54 13.38 25.74
CA LEU L 46 8.07 13.68 24.40
C LEU L 46 6.90 12.80 24.13
N TRP L 47 5.74 13.41 23.93
CA TRP L 47 4.50 12.67 23.72
C TRP L 47 4.09 12.82 22.25
N PRO L 48 3.48 11.78 21.64
CA PRO L 48 3.22 11.77 20.18
C PRO L 48 2.17 12.79 19.70
N VAL L 49 1.26 13.17 20.60
CA VAL L 49 0.40 14.34 20.40
C VAL L 49 0.42 15.22 21.66
N PRO L 50 -0.03 16.48 21.55
CA PRO L 50 0.09 17.37 22.71
C PRO L 50 -0.85 16.93 23.82
N ALA L 51 -0.34 16.82 25.04
CA ALA L 51 -1.08 16.06 26.05
C ALA L 51 -0.87 16.57 27.46
N GLN L 52 -0.38 17.82 27.59
CA GLN L 52 -0.17 18.40 28.92
C GLN L 52 -1.38 18.28 29.85
N PRO L 53 -2.57 18.61 29.36
CA PRO L 53 -3.71 18.47 30.28
C PRO L 53 -3.94 17.03 30.76
N ALA L 54 -3.82 16.05 29.88
CA ALA L 54 -3.92 14.66 30.33
C ALA L 54 -2.86 14.38 31.39
N ILE L 55 -1.68 14.98 31.20
CA ILE L 55 -0.59 14.81 32.16
C ILE L 55 -0.94 15.48 33.47
N ASP L 56 -1.53 16.68 33.40
CA ASP L 56 -1.98 17.36 34.62
C ASP L 56 -3.03 16.57 35.37
N LYS L 57 -3.99 16.02 34.63
CA LYS L 57 -5.02 15.23 35.28
C LYS L 57 -4.42 14.02 36.04
N GLY L 58 -3.38 13.40 35.47
CA GLY L 58 -2.75 12.24 36.09
C GLY L 58 -2.02 12.59 37.36
N VAL L 59 -1.19 13.63 37.31
CA VAL L 59 -0.58 14.17 38.51
C VAL L 59 -1.65 14.45 39.59
N ARG L 60 -2.71 15.18 39.23
CA ARG L 60 -3.75 15.56 40.20
C ARG L 60 -4.47 14.37 40.85
N GLN L 61 -4.91 13.40 40.06
CA GLN L 61 -5.63 12.29 40.61
C GLN L 61 -4.81 11.59 41.69
N ALA L 62 -3.52 11.39 41.43
CA ALA L 62 -2.69 10.61 42.33
C ALA L 62 -2.44 11.40 43.59
N GLU L 63 -2.21 12.70 43.47
CA GLU L 63 -2.11 13.61 44.58
C GLU L 63 -3.34 13.62 45.43
N ASN L 64 -4.49 13.67 44.84
CA ASN L 64 -5.72 13.56 45.58
C ASN L 64 -5.85 12.28 46.36
N TRP L 65 -5.32 11.18 45.85
CA TRP L 65 -5.35 9.94 46.57
C TRP L 65 -4.40 9.94 47.74
N LEU L 66 -3.23 10.49 47.54
CA LEU L 66 -2.26 10.61 48.57
C LEU L 66 -2.77 11.47 49.72
N ALA L 67 -3.26 12.65 49.39
CA ALA L 67 -3.75 13.59 50.36
C ALA L 67 -4.95 13.07 51.10
N ASP L 68 -5.58 12.06 50.55
CA ASP L 68 -6.70 11.40 51.19
C ASP L 68 -6.30 10.46 52.32
N GLN L 69 -5.02 10.33 52.64
CA GLN L 69 -4.62 9.56 53.77
C GLN L 69 -5.77 9.79 54.69
N ILE L 70 -6.13 8.79 55.49
CA ILE L 70 -5.67 7.44 55.36
C ILE L 70 -5.82 7.03 53.92
N GLU L 71 -5.75 5.74 53.65
CA GLU L 71 -5.59 5.32 52.32
C GLU L 71 -6.09 3.94 52.16
N GLY L 72 -6.67 3.68 50.99
CA GLY L 72 -7.16 2.36 50.65
C GLY L 72 -7.79 2.10 49.30
N GLN L 73 -8.03 3.05 48.41
CA GLN L 73 -8.56 2.57 47.11
C GLN L 73 -7.90 3.02 45.76
N LEU L 74 -6.59 2.80 45.64
CA LEU L 74 -5.76 3.40 44.59
C LEU L 74 -6.21 3.08 43.16
N TRP L 75 -6.36 1.80 42.84
CA TRP L 75 -6.72 1.41 41.49
C TRP L 75 -8.02 2.05 41.05
N THR L 76 -9.00 2.11 41.95
CA THR L 76 -10.28 2.76 41.63
C THR L 76 -10.11 4.21 41.21
N ALA L 77 -9.29 4.95 41.94
CA ALA L 77 -9.01 6.34 41.57
C ALA L 77 -8.32 6.39 40.20
N PHE L 78 -7.36 5.50 40.00
CA PHE L 78 -6.61 5.42 38.77
C PHE L 78 -7.55 5.19 37.60
N ALA L 79 -8.34 4.11 37.67
CA ALA L 79 -9.25 3.76 36.58
C ALA L 79 -10.37 4.79 36.35
N PHE L 80 -10.84 5.45 37.40
CA PHE L 80 -11.87 6.48 37.21
C PHE L 80 -11.33 7.71 36.48
N GLY L 81 -10.17 8.20 36.90
CA GLY L 81 -9.51 9.30 36.23
C GLY L 81 -9.10 9.00 34.78
N ARG L 82 -8.47 7.83 34.57
CA ARG L 82 -8.06 7.46 33.22
C ARG L 82 -9.26 7.27 32.28
N ASP L 83 -10.32 6.64 32.76
CA ASP L 83 -11.44 6.38 31.87
C ASP L 83 -12.16 7.66 31.40
N SER L 84 -11.79 8.80 31.98
CA SER L 84 -12.47 10.07 31.65
C SER L 84 -11.88 10.75 30.42
N LEU L 85 -10.75 10.25 29.93
CA LEU L 85 -10.14 10.79 28.71
C LEU L 85 -10.65 10.04 27.46
N PRO L 86 -10.84 10.76 26.34
CA PRO L 86 -11.50 10.13 25.17
C PRO L 86 -10.59 9.34 24.21
N THR L 87 -9.27 9.55 24.25
CA THR L 87 -8.38 8.82 23.35
C THR L 87 -7.37 7.94 24.12
N PRO L 88 -6.91 6.86 23.48
CA PRO L 88 -5.82 6.10 24.07
C PRO L 88 -4.59 6.95 24.35
N MET L 89 -4.21 7.79 23.40
CA MET L 89 -3.01 8.60 23.55
C MET L 89 -3.09 9.52 24.79
N GLN L 90 -4.29 9.98 25.10
CA GLN L 90 -4.50 10.78 26.29
C GLN L 90 -4.61 9.97 27.57
N LYS L 91 -5.23 8.80 27.49
CA LYS L 91 -5.28 7.88 28.62
C LYS L 91 -3.86 7.47 29.02
N THR L 92 -2.99 7.24 28.04
CA THR L 92 -1.66 6.78 28.44
C THR L 92 -0.84 7.89 29.05
N ALA L 93 -1.03 9.12 28.60
CA ALA L 93 -0.41 10.26 29.30
C ALA L 93 -0.89 10.37 30.75
N PHE L 94 -2.20 10.23 30.97
CA PHE L 94 -2.72 10.24 32.33
C PHE L 94 -2.04 9.16 33.18
N GLU L 95 -1.92 7.98 32.60
CA GLU L 95 -1.35 6.82 33.30
C GLU L 95 0.11 7.03 33.68
N VAL L 96 0.92 7.41 32.71
CA VAL L 96 2.30 7.72 33.02
C VAL L 96 2.40 8.82 34.07
N ALA L 97 1.65 9.90 33.93
CA ALA L 97 1.72 11.00 34.92
C ALA L 97 1.32 10.52 36.32
N PHE L 98 0.20 9.82 36.39
CA PHE L 98 -0.27 9.23 37.63
C PHE L 98 0.81 8.37 38.29
N LEU L 99 1.36 7.43 37.54
CA LEU L 99 2.38 6.54 38.08
C LEU L 99 3.67 7.26 38.48
N THR L 100 4.09 8.29 37.74
CA THR L 100 5.31 8.97 38.14
C THR L 100 5.08 9.68 39.48
N ARG L 101 3.87 10.19 39.68
CA ARG L 101 3.53 10.87 40.91
C ARG L 101 3.70 9.93 42.09
N LEU L 102 3.17 8.70 41.98
CA LEU L 102 3.38 7.70 43.04
C LEU L 102 4.86 7.39 43.22
N GLN L 103 5.60 7.35 42.13
CA GLN L 103 7.04 7.08 42.21
C GLN L 103 7.76 8.11 43.06
N GLN L 104 7.41 9.39 42.85
CA GLN L 104 8.00 10.47 43.69
C GLN L 104 7.79 10.18 45.17
N ARG L 105 6.57 9.79 45.56
CA ARG L 105 6.28 9.44 46.94
C ARG L 105 6.91 8.17 47.47
N LEU L 106 7.00 7.15 46.64
CA LEU L 106 7.59 5.90 47.09
C LEU L 106 9.06 6.11 47.43
N VAL L 107 9.77 6.77 46.54
CA VAL L 107 11.19 7.04 46.74
C VAL L 107 11.35 8.02 47.91
N ALA L 108 10.62 9.13 47.88
CA ALA L 108 10.73 10.15 48.93
C ALA L 108 10.73 9.52 50.31
N ALA L 109 9.90 8.50 50.48
CA ALA L 109 9.85 7.75 51.73
C ALA L 109 11.12 6.90 51.93
N ARG L 110 12.24 7.57 52.18
CA ARG L 110 13.52 6.90 52.42
C ARG L 110 13.99 6.11 51.20
#